data_7JL9
# 
_entry.id   7JL9 
# 
_audit_conform.dict_name       mmcif_pdbx.dic 
_audit_conform.dict_version    5.380 
_audit_conform.dict_location   http://mmcif.pdb.org/dictionaries/ascii/mmcif_pdbx.dic 
# 
loop_
_database_2.database_id 
_database_2.database_code 
_database_2.pdbx_database_accession 
_database_2.pdbx_DOI 
PDB   7JL9         pdb_00007jl9 10.2210/pdb7jl9/pdb 
WWPDB D_1000250904 ?            ?                   
# 
_pdbx_database_status.status_code                     REL 
_pdbx_database_status.status_code_sf                  REL 
_pdbx_database_status.status_code_mr                  ? 
_pdbx_database_status.entry_id                        7JL9 
_pdbx_database_status.recvd_initial_deposition_date   2020-07-29 
_pdbx_database_status.SG_entry                        N 
_pdbx_database_status.deposit_site                    RCSB 
_pdbx_database_status.process_site                    RCSB 
_pdbx_database_status.status_code_cs                  ? 
_pdbx_database_status.status_code_nmr_data            ? 
_pdbx_database_status.methods_development_category    ? 
_pdbx_database_status.pdb_format_compatible           Y 
# 
loop_
_audit_author.name 
_audit_author.pdbx_ordinal 
_audit_author.identifier_ORCID 
'Simmons, C.R.'      1 0000-0002-2290-6132 
'MacCulloch, T.'     2 0000-0001-5875-3361 
'Stephanopoulos, N.' 3 0000-0001-7859-410X 
'Yan, H.'            4 0000-0001-7397-9852 
# 
_citation.abstract                  ? 
_citation.abstract_id_CAS           ? 
_citation.book_id_ISBN              ? 
_citation.book_publisher            ? 
_citation.book_publisher_city       ? 
_citation.book_title                ? 
_citation.coordinate_linkage        ? 
_citation.country                   UK 
_citation.database_id_Medline       ? 
_citation.details                   ? 
_citation.id                        primary 
_citation.journal_abbrev            'Nat Commun' 
_citation.journal_id_ASTM           ? 
_citation.journal_id_CSD            ? 
_citation.journal_id_ISSN           2041-1723 
_citation.journal_full              ? 
_citation.journal_issue             ? 
_citation.journal_volume            13 
_citation.language                  ? 
_citation.page_first                3112 
_citation.page_last                 3112 
_citation.title                     'The influence of Holliday junction sequence and dynamics on DNA crystal self-assembly.' 
_citation.year                      2022 
_citation.database_id_CSD           ? 
_citation.pdbx_database_id_DOI      10.1038/s41467-022-30779-6 
_citation.pdbx_database_id_PubMed   35662248 
_citation.unpublished_flag          ? 
# 
loop_
_citation_author.citation_id 
_citation_author.name 
_citation_author.ordinal 
_citation_author.identifier_ORCID 
primary 'Simmons, C.R.'      1  ?                   
primary 'MacCulloch, T.'     2  ?                   
primary 'Krepl, M.'          3  0000-0002-9833-4281 
primary 'Matthies, M.'       4  ?                   
primary 'Buchberger, A.'     5  ?                   
primary 'Crawford, I.'       6  ?                   
primary 'Sponer, J.'         7  0000-0001-6558-6186 
primary 'Sulc, P.'           8  0000-0003-1565-6769 
primary 'Stephanopoulos, N.' 9  0000-0001-7859-410X 
primary 'Yan, H.'            10 0000-0001-7397-9852 
# 
_cell.angle_alpha                  90.000 
_cell.angle_alpha_esd              ? 
_cell.angle_beta                   90.000 
_cell.angle_beta_esd               ? 
_cell.angle_gamma                  120.000 
_cell.angle_gamma_esd              ? 
_cell.entry_id                     7JL9 
_cell.details                      ? 
_cell.formula_units_Z              ? 
_cell.length_a                     112.747 
_cell.length_a_esd                 ? 
_cell.length_b                     112.747 
_cell.length_b_esd                 ? 
_cell.length_c                     51.059 
_cell.length_c_esd                 ? 
_cell.volume                       ? 
_cell.volume_esd                   ? 
_cell.Z_PDB                        9 
_cell.reciprocal_angle_alpha       ? 
_cell.reciprocal_angle_beta        ? 
_cell.reciprocal_angle_gamma       ? 
_cell.reciprocal_angle_alpha_esd   ? 
_cell.reciprocal_angle_beta_esd    ? 
_cell.reciprocal_angle_gamma_esd   ? 
_cell.reciprocal_length_a          ? 
_cell.reciprocal_length_b          ? 
_cell.reciprocal_length_c          ? 
_cell.reciprocal_length_a_esd      ? 
_cell.reciprocal_length_b_esd      ? 
_cell.reciprocal_length_c_esd      ? 
_cell.pdbx_unique_axis             ? 
# 
_symmetry.entry_id                         7JL9 
_symmetry.cell_setting                     ? 
_symmetry.Int_Tables_number                146 
_symmetry.space_group_name_Hall            ? 
_symmetry.space_group_name_H-M             'H 3' 
_symmetry.pdbx_full_space_group_name_H-M   ? 
# 
loop_
_entity.id 
_entity.type 
_entity.src_method 
_entity.pdbx_description 
_entity.formula_weight 
_entity.pdbx_number_of_molecules 
_entity.pdbx_ec 
_entity.pdbx_mutation 
_entity.pdbx_fragment 
_entity.details 
1 polymer     syn 
;DNA (5'-D(*GP*AP*AP*CP*GP*AP*CP*AP*GP*AP*GP*AP*CP*GP*CP*CP*GP*AP*CP*TP*C)-3')
;
6451.189 1 ? ? ? ? 
2 polymer     syn 
;DNA (5'-D(*TP*CP*GP*AP*GP*TP*CP*G)-3')
;
2442.616 1 ? ? ? ? 
3 polymer     syn 
;DNA (5'-D(P*CP*TP*GP*TP*CP*GP*T)-3')
;
2104.396 1 ? ? ? ? 
4 polymer     syn 
;DNA (5'-D(P*GP*CP*GP*TP*CP*T)-3')
;
1800.203 1 ? ? ? ? 
5 non-polymer syn 'CACODYLATE ION'                                                                136.989  2 ? ? ? ? 
# 
loop_
_entity_poly.entity_id 
_entity_poly.type 
_entity_poly.nstd_linkage 
_entity_poly.nstd_monomer 
_entity_poly.pdbx_seq_one_letter_code 
_entity_poly.pdbx_seq_one_letter_code_can 
_entity_poly.pdbx_strand_id 
_entity_poly.pdbx_target_identifier 
1 polydeoxyribonucleotide no no 
;(DG)(DA)(DA)(DC)(DG)(DA)(DC)(DA)(DG)(DA)(DG)(DA)(DC)(DG)(DC)(DC)(DG)(DA)(DC)(DT)
(DC)
;
GAACGACAGAGACGCCGACTC B ? 
2 polydeoxyribonucleotide no no '(DT)(DC)(DG)(DA)(DG)(DT)(DC)(DG)'                                                      TCGAGTCG C 
? 
3 polydeoxyribonucleotide no no '(DC)(DT)(DG)(DT)(DC)(DG)(DT)'                                                          CTGTCGT D 
? 
4 polydeoxyribonucleotide no no '(DG)(DC)(DG)(DT)(DC)(DT)'                                                              GCGTCT A ? 
# 
loop_
_entity_poly_seq.entity_id 
_entity_poly_seq.num 
_entity_poly_seq.mon_id 
_entity_poly_seq.hetero 
1 1  DG n 
1 2  DA n 
1 3  DA n 
1 4  DC n 
1 5  DG n 
1 6  DA n 
1 7  DC n 
1 8  DA n 
1 9  DG n 
1 10 DA n 
1 11 DG n 
1 12 DA n 
1 13 DC n 
1 14 DG n 
1 15 DC n 
1 16 DC n 
1 17 DG n 
1 18 DA n 
1 19 DC n 
1 20 DT n 
1 21 DC n 
2 1  DT n 
2 2  DC n 
2 3  DG n 
2 4  DA n 
2 5  DG n 
2 6  DT n 
2 7  DC n 
2 8  DG n 
3 1  DC n 
3 2  DT n 
3 3  DG n 
3 4  DT n 
3 5  DC n 
3 6  DG n 
3 7  DT n 
4 1  DG n 
4 2  DC n 
4 3  DG n 
4 4  DT n 
4 5  DC n 
4 6  DT n 
# 
loop_
_pdbx_entity_src_syn.entity_id 
_pdbx_entity_src_syn.pdbx_src_id 
_pdbx_entity_src_syn.pdbx_alt_source_flag 
_pdbx_entity_src_syn.pdbx_beg_seq_num 
_pdbx_entity_src_syn.pdbx_end_seq_num 
_pdbx_entity_src_syn.organism_scientific 
_pdbx_entity_src_syn.organism_common_name 
_pdbx_entity_src_syn.ncbi_taxonomy_id 
_pdbx_entity_src_syn.details 
1 1 sample 1 21 'synthetic construct' ? 32630 ? 
2 1 sample 1 8  'synthetic construct' ? 32630 ? 
3 1 sample 1 7  'synthetic construct' ? 32630 ? 
4 1 sample 1 6  'synthetic construct' ? 32630 ? 
# 
loop_
_struct_ref.id 
_struct_ref.db_name 
_struct_ref.db_code 
_struct_ref.pdbx_db_accession 
_struct_ref.pdbx_db_isoform 
_struct_ref.entity_id 
_struct_ref.pdbx_seq_one_letter_code 
_struct_ref.pdbx_align_begin 
1 PDB 7JL9 7JL9 ? 1 ? 1 
2 PDB 7JL9 7JL9 ? 2 ? 1 
3 PDB 7JL9 7JL9 ? 3 ? 1 
4 PDB 7JL9 7JL9 ? 4 ? 1 
# 
loop_
_struct_ref_seq.align_id 
_struct_ref_seq.ref_id 
_struct_ref_seq.pdbx_PDB_id_code 
_struct_ref_seq.pdbx_strand_id 
_struct_ref_seq.seq_align_beg 
_struct_ref_seq.pdbx_seq_align_beg_ins_code 
_struct_ref_seq.seq_align_end 
_struct_ref_seq.pdbx_seq_align_end_ins_code 
_struct_ref_seq.pdbx_db_accession 
_struct_ref_seq.db_align_beg 
_struct_ref_seq.pdbx_db_align_beg_ins_code 
_struct_ref_seq.db_align_end 
_struct_ref_seq.pdbx_db_align_end_ins_code 
_struct_ref_seq.pdbx_auth_seq_align_beg 
_struct_ref_seq.pdbx_auth_seq_align_end 
1 1 7JL9 B 1 ? 21 ? 7JL9 7  ? 27 ? 7  27 
2 2 7JL9 C 1 ? 8  ? 7JL9 28 ? 35 ? 28 35 
3 3 7JL9 D 1 ? 7  ? 7JL9 36 ? 42 ? 36 42 
4 4 7JL9 A 1 ? 6  ? 7JL9 1  ? 6  ? 1  6  
# 
loop_
_chem_comp.id 
_chem_comp.type 
_chem_comp.mon_nstd_flag 
_chem_comp.name 
_chem_comp.pdbx_synonyms 
_chem_comp.formula 
_chem_comp.formula_weight 
CAC non-polymer   . 'CACODYLATE ION'                     dimethylarsinate 'C2 H6 As O2 -1'  136.989 
DA  'DNA linking' y "2'-DEOXYADENOSINE-5'-MONOPHOSPHATE" ?                'C10 H14 N5 O6 P' 331.222 
DC  'DNA linking' y "2'-DEOXYCYTIDINE-5'-MONOPHOSPHATE"  ?                'C9 H14 N3 O7 P'  307.197 
DG  'DNA linking' y "2'-DEOXYGUANOSINE-5'-MONOPHOSPHATE" ?                'C10 H14 N5 O7 P' 347.221 
DT  'DNA linking' y "THYMIDINE-5'-MONOPHOSPHATE"         ?                'C10 H15 N2 O8 P' 322.208 
# 
_exptl.absorpt_coefficient_mu     ? 
_exptl.absorpt_correction_T_max   ? 
_exptl.absorpt_correction_T_min   ? 
_exptl.absorpt_correction_type    ? 
_exptl.absorpt_process_details    ? 
_exptl.entry_id                   7JL9 
_exptl.crystals_number            1 
_exptl.details                    ? 
_exptl.method                     'X-RAY DIFFRACTION' 
_exptl.method_details             ? 
# 
_exptl_crystal.colour                      ? 
_exptl_crystal.density_diffrn              ? 
_exptl_crystal.density_Matthews            4.88 
_exptl_crystal.density_method              ? 
_exptl_crystal.density_percent_sol         74.79 
_exptl_crystal.description                 ? 
_exptl_crystal.F_000                       ? 
_exptl_crystal.id                          1 
_exptl_crystal.preparation                 ? 
_exptl_crystal.size_max                    ? 
_exptl_crystal.size_mid                    ? 
_exptl_crystal.size_min                    ? 
_exptl_crystal.size_rad                    ? 
_exptl_crystal.colour_lustre               ? 
_exptl_crystal.colour_modifier             ? 
_exptl_crystal.colour_primary              ? 
_exptl_crystal.density_meas                ? 
_exptl_crystal.density_meas_esd            ? 
_exptl_crystal.density_meas_gt             ? 
_exptl_crystal.density_meas_lt             ? 
_exptl_crystal.density_meas_temp           ? 
_exptl_crystal.density_meas_temp_esd       ? 
_exptl_crystal.density_meas_temp_gt        ? 
_exptl_crystal.density_meas_temp_lt        ? 
_exptl_crystal.pdbx_crystal_image_url      ? 
_exptl_crystal.pdbx_crystal_image_format   ? 
_exptl_crystal.pdbx_mosaicity              ? 
_exptl_crystal.pdbx_mosaicity_esd          ? 
# 
_exptl_crystal_grow.apparatus       ? 
_exptl_crystal_grow.atmosphere      ? 
_exptl_crystal_grow.crystal_id      1 
_exptl_crystal_grow.details         ? 
_exptl_crystal_grow.method          'VAPOR DIFFUSION, SITTING DROP' 
_exptl_crystal_grow.method_ref      ? 
_exptl_crystal_grow.pH              ? 
_exptl_crystal_grow.pressure        ? 
_exptl_crystal_grow.pressure_esd    ? 
_exptl_crystal_grow.seeding         ? 
_exptl_crystal_grow.seeding_ref     ? 
_exptl_crystal_grow.temp            298 
_exptl_crystal_grow.temp_details    'temperature gradient generated from 60 to 25 C at 0.3 degrees per hour' 
_exptl_crystal_grow.temp_esd        ? 
_exptl_crystal_grow.time            ? 
_exptl_crystal_grow.pdbx_details    
;0.5 mL of 0.05 M Cacodylate pH 7.0 with 20 mM MgCl2, 1.0 mM spermine, 1.0 mM CoH18N6, and 15% ethanol was added to the reservoir with 2 uL added to the drop containing 4 uL of DNA stock
;
_exptl_crystal_grow.pdbx_pH_range   ? 
# 
_diffrn.ambient_environment              ? 
_diffrn.ambient_temp                     100 
_diffrn.ambient_temp_details             ? 
_diffrn.ambient_temp_esd                 ? 
_diffrn.crystal_id                       1 
_diffrn.crystal_support                  ? 
_diffrn.crystal_treatment                ? 
_diffrn.details                          ? 
_diffrn.id                               1 
_diffrn.ambient_pressure                 ? 
_diffrn.ambient_pressure_esd             ? 
_diffrn.ambient_pressure_gt              ? 
_diffrn.ambient_pressure_lt              ? 
_diffrn.ambient_temp_gt                  ? 
_diffrn.ambient_temp_lt                  ? 
_diffrn.pdbx_serial_crystal_experiment   N 
# 
_diffrn_detector.details                      ? 
_diffrn_detector.detector                     PIXEL 
_diffrn_detector.diffrn_id                    1 
_diffrn_detector.type                         'DECTRIS PILATUS3 6M' 
_diffrn_detector.area_resol_mean              ? 
_diffrn_detector.dtime                        ? 
_diffrn_detector.pdbx_frames_total            ? 
_diffrn_detector.pdbx_collection_time_total   ? 
_diffrn_detector.pdbx_collection_date         2018-05-15 
_diffrn_detector.pdbx_frequency               ? 
# 
_diffrn_radiation.collimation                      ? 
_diffrn_radiation.diffrn_id                        1 
_diffrn_radiation.filter_edge                      ? 
_diffrn_radiation.inhomogeneity                    ? 
_diffrn_radiation.monochromator                    ? 
_diffrn_radiation.polarisn_norm                    ? 
_diffrn_radiation.polarisn_ratio                   ? 
_diffrn_radiation.probe                            ? 
_diffrn_radiation.type                             ? 
_diffrn_radiation.xray_symbol                      ? 
_diffrn_radiation.wavelength_id                    1 
_diffrn_radiation.pdbx_monochromatic_or_laue_m_l   M 
_diffrn_radiation.pdbx_wavelength_list             ? 
_diffrn_radiation.pdbx_wavelength                  ? 
_diffrn_radiation.pdbx_diffrn_protocol             'SINGLE WAVELENGTH' 
_diffrn_radiation.pdbx_analyzer                    ? 
_diffrn_radiation.pdbx_scattering_type             x-ray 
# 
_diffrn_radiation_wavelength.id           1 
_diffrn_radiation_wavelength.wavelength   1 
_diffrn_radiation_wavelength.wt           1.0 
# 
_diffrn_source.current                     ? 
_diffrn_source.details                     ? 
_diffrn_source.diffrn_id                   1 
_diffrn_source.power                       ? 
_diffrn_source.size                        ? 
_diffrn_source.source                      SYNCHROTRON 
_diffrn_source.target                      ? 
_diffrn_source.type                        'ALS BEAMLINE 5.0.2' 
_diffrn_source.voltage                     ? 
_diffrn_source.take-off_angle              ? 
_diffrn_source.pdbx_wavelength_list        1 
_diffrn_source.pdbx_wavelength             ? 
_diffrn_source.pdbx_synchrotron_beamline   5.0.2 
_diffrn_source.pdbx_synchrotron_site       ALS 
# 
_reflns.B_iso_Wilson_estimate            84.750 
_reflns.entry_id                         7JL9 
_reflns.data_reduction_details           ? 
_reflns.data_reduction_method            ? 
_reflns.d_resolution_high                3.000 
_reflns.d_resolution_low                 50.000 
_reflns.details                          ? 
_reflns.limit_h_max                      ? 
_reflns.limit_h_min                      ? 
_reflns.limit_k_max                      ? 
_reflns.limit_k_min                      ? 
_reflns.limit_l_max                      ? 
_reflns.limit_l_min                      ? 
_reflns.number_all                       ? 
_reflns.number_obs                       4615 
_reflns.observed_criterion               ? 
_reflns.observed_criterion_F_max         ? 
_reflns.observed_criterion_F_min         ? 
_reflns.observed_criterion_I_max         ? 
_reflns.observed_criterion_I_min         ? 
_reflns.observed_criterion_sigma_F       ? 
_reflns.observed_criterion_sigma_I       ? 
_reflns.percent_possible_obs             97.500 
_reflns.R_free_details                   ? 
_reflns.Rmerge_F_all                     ? 
_reflns.Rmerge_F_obs                     ? 
_reflns.Friedel_coverage                 ? 
_reflns.number_gt                        ? 
_reflns.threshold_expression             ? 
_reflns.pdbx_redundancy                  9.900 
_reflns.pdbx_Rmerge_I_obs                0.062 
_reflns.pdbx_Rmerge_I_all                ? 
_reflns.pdbx_Rsym_value                  ? 
_reflns.pdbx_netI_over_av_sigmaI         ? 
_reflns.pdbx_netI_over_sigmaI            8.700 
_reflns.pdbx_res_netI_over_av_sigmaI_2   ? 
_reflns.pdbx_res_netI_over_sigmaI_2      ? 
_reflns.pdbx_chi_squared                 0.970 
_reflns.pdbx_scaling_rejects             ? 
_reflns.pdbx_d_res_high_opt              ? 
_reflns.pdbx_d_res_low_opt               ? 
_reflns.pdbx_d_res_opt_method            ? 
_reflns.phase_calculation_details        ? 
_reflns.pdbx_Rrim_I_all                  0.066 
_reflns.pdbx_Rpim_I_all                  0.021 
_reflns.pdbx_d_opt                       ? 
_reflns.pdbx_number_measured_all         ? 
_reflns.pdbx_diffrn_id                   1 
_reflns.pdbx_ordinal                     1 
_reflns.pdbx_CC_half                     1 
_reflns.pdbx_CC_star                     ? 
_reflns.pdbx_R_split                     ? 
# 
loop_
_reflns_shell.d_res_high 
_reflns_shell.d_res_low 
_reflns_shell.meanI_over_sigI_all 
_reflns_shell.meanI_over_sigI_obs 
_reflns_shell.number_measured_all 
_reflns_shell.number_measured_obs 
_reflns_shell.number_possible 
_reflns_shell.number_unique_all 
_reflns_shell.number_unique_obs 
_reflns_shell.percent_possible_all 
_reflns_shell.percent_possible_obs 
_reflns_shell.Rmerge_F_all 
_reflns_shell.Rmerge_F_obs 
_reflns_shell.Rmerge_I_all 
_reflns_shell.Rmerge_I_obs 
_reflns_shell.meanI_over_sigI_gt 
_reflns_shell.meanI_over_uI_all 
_reflns_shell.meanI_over_uI_gt 
_reflns_shell.number_measured_gt 
_reflns_shell.number_unique_gt 
_reflns_shell.percent_possible_gt 
_reflns_shell.Rmerge_F_gt 
_reflns_shell.Rmerge_I_gt 
_reflns_shell.pdbx_redundancy 
_reflns_shell.pdbx_Rsym_value 
_reflns_shell.pdbx_chi_squared 
_reflns_shell.pdbx_netI_over_sigmaI_all 
_reflns_shell.pdbx_netI_over_sigmaI_obs 
_reflns_shell.pdbx_Rrim_I_all 
_reflns_shell.pdbx_Rpim_I_all 
_reflns_shell.pdbx_rejects 
_reflns_shell.pdbx_ordinal 
_reflns_shell.pdbx_diffrn_id 
_reflns_shell.pdbx_CC_half 
_reflns_shell.pdbx_CC_star 
_reflns_shell.pdbx_R_split 
3.000 3.050  ? ? ? ? ? ? 174 76.700  ? ? ? ? 0.830 ? ? ? ? ? ? ? ? 7.400  ? 0.402 ? ? 0.885 0.299 ? 1  1 0.833 ? ? 
3.050 3.110  ? ? ? ? ? ? 199 84.300  ? ? ? ? 0.285 ? ? ? ? ? ? ? ? 7.500  ? 0.502 ? ? 0.303 0.102 ? 2  1 0.991 ? ? 
3.110 3.170  ? ? ? ? ? ? 232 92.100  ? ? ? ? 0.123 ? ? ? ? ? ? ? ? 7.700  ? 0.650 ? ? 0.131 0.043 ? 3  1 0.998 ? ? 
3.170 3.230  ? ? ? ? ? ? 228 98.700  ? ? ? ? 0.115 ? ? ? ? ? ? ? ? 8.500  ? 0.621 ? ? 0.121 0.039 ? 4  1 0.999 ? ? 
3.230 3.300  ? ? ? ? ? ? 246 99.600  ? ? ? ? 0.125 ? ? ? ? ? ? ? ? 9.400  ? 0.689 ? ? 0.132 0.042 ? 5  1 0.998 ? ? 
3.300 3.380  ? ? ? ? ? ? 219 100.000 ? ? ? ? 0.117 ? ? ? ? ? ? ? ? 9.700  ? 0.757 ? ? 0.124 0.039 ? 6  1 0.996 ? ? 
3.380 3.460  ? ? ? ? ? ? 238 100.000 ? ? ? ? 0.120 ? ? ? ? ? ? ? ? 10.300 ? 0.972 ? ? 0.126 0.039 ? 7  1 0.999 ? ? 
3.460 3.560  ? ? ? ? ? ? 229 100.000 ? ? ? ? 0.129 ? ? ? ? ? ? ? ? 10.600 ? 0.709 ? ? 0.135 0.041 ? 8  1 0.998 ? ? 
3.560 3.660  ? ? ? ? ? ? 248 100.000 ? ? ? ? 0.204 ? ? ? ? ? ? ? ? 10.300 ? 0.731 ? ? 0.214 0.067 ? 9  1 0.997 ? ? 
3.660 3.780  ? ? ? ? ? ? 231 100.000 ? ? ? ? 0.181 ? ? ? ? ? ? ? ? 9.900  ? 0.552 ? ? 0.191 0.061 ? 10 1 0.990 ? ? 
3.780 3.910  ? ? ? ? ? ? 250 100.000 ? ? ? ? 0.171 ? ? ? ? ? ? ? ? 10.200 ? 0.767 ? ? 0.180 0.056 ? 11 1 0.993 ? ? 
3.910 4.070  ? ? ? ? ? ? 234 100.000 ? ? ? ? 0.110 ? ? ? ? ? ? ? ? 10.300 ? 0.760 ? ? 0.115 0.036 ? 12 1 0.997 ? ? 
4.070 4.260  ? ? ? ? ? ? 234 100.000 ? ? ? ? 0.101 ? ? ? ? ? ? ? ? 10.800 ? 0.848 ? ? 0.106 0.032 ? 13 1 0.997 ? ? 
4.260 4.480  ? ? ? ? ? ? 237 100.000 ? ? ? ? 0.096 ? ? ? ? ? ? ? ? 10.600 ? 0.855 ? ? 0.101 0.031 ? 14 1 0.997 ? ? 
4.480 4.760  ? ? ? ? ? ? 236 100.000 ? ? ? ? 0.085 ? ? ? ? ? ? ? ? 10.600 ? 0.978 ? ? 0.090 0.028 ? 15 1 0.997 ? ? 
4.760 5.130  ? ? ? ? ? ? 240 100.000 ? ? ? ? 0.069 ? ? ? ? ? ? ? ? 10.200 ? 1.184 ? ? 0.072 0.023 ? 16 1 0.997 ? ? 
5.130 5.640  ? ? ? ? ? ? 234 99.200  ? ? ? ? 0.056 ? ? ? ? ? ? ? ? 10.600 ? 1.377 ? ? 0.059 0.018 ? 17 1 0.998 ? ? 
5.640 6.460  ? ? ? ? ? ? 230 100.000 ? ? ? ? 0.055 ? ? ? ? ? ? ? ? 10.900 ? 1.480 ? ? 0.058 0.018 ? 18 1 0.997 ? ? 
6.460 8.130  ? ? ? ? ? ? 241 100.000 ? ? ? ? 0.049 ? ? ? ? ? ? ? ? 10.000 ? 1.655 ? ? 0.051 0.016 ? 19 1 0.999 ? ? 
8.130 50.000 ? ? ? ? ? ? 235 99.200  ? ? ? ? 0.048 ? ? ? ? ? ? ? ? 10.400 ? 2.197 ? ? 0.050 0.016 ? 20 1 0.999 ? ? 
# 
_refine.aniso_B[1][1]                            ? 
_refine.aniso_B[1][2]                            ? 
_refine.aniso_B[1][3]                            ? 
_refine.aniso_B[2][2]                            ? 
_refine.aniso_B[2][3]                            ? 
_refine.aniso_B[3][3]                            ? 
_refine.B_iso_max                                220.190 
_refine.B_iso_mean                               123.2495 
_refine.B_iso_min                                46.570 
_refine.correlation_coeff_Fo_to_Fc               ? 
_refine.correlation_coeff_Fo_to_Fc_free          ? 
_refine.details                                  ? 
_refine.diff_density_max                         ? 
_refine.diff_density_max_esd                     ? 
_refine.diff_density_min                         ? 
_refine.diff_density_min_esd                     ? 
_refine.diff_density_rms                         ? 
_refine.diff_density_rms_esd                     ? 
_refine.entry_id                                 7JL9 
_refine.pdbx_refine_id                           'X-RAY DIFFRACTION' 
_refine.ls_abs_structure_details                 ? 
_refine.ls_abs_structure_Flack                   ? 
_refine.ls_abs_structure_Flack_esd               ? 
_refine.ls_abs_structure_Rogers                  ? 
_refine.ls_abs_structure_Rogers_esd              ? 
_refine.ls_d_res_high                            3.0220 
_refine.ls_d_res_low                             45.2460 
_refine.ls_extinction_coef                       ? 
_refine.ls_extinction_coef_esd                   ? 
_refine.ls_extinction_expression                 ? 
_refine.ls_extinction_method                     ? 
_refine.ls_goodness_of_fit_all                   ? 
_refine.ls_goodness_of_fit_all_esd               ? 
_refine.ls_goodness_of_fit_obs                   ? 
_refine.ls_goodness_of_fit_obs_esd               ? 
_refine.ls_hydrogen_treatment                    ? 
_refine.ls_matrix_type                           ? 
_refine.ls_number_constraints                    ? 
_refine.ls_number_parameters                     ? 
_refine.ls_number_reflns_all                     ? 
_refine.ls_number_reflns_obs                     4491 
_refine.ls_number_reflns_R_free                  224 
_refine.ls_number_reflns_R_work                  4267 
_refine.ls_number_restraints                     ? 
_refine.ls_percent_reflns_obs                    94.6100 
_refine.ls_percent_reflns_R_free                 4.9900 
_refine.ls_R_factor_all                          ? 
_refine.ls_R_factor_obs                          0.2256 
_refine.ls_R_factor_R_free                       0.2548 
_refine.ls_R_factor_R_free_error                 ? 
_refine.ls_R_factor_R_free_error_details         ? 
_refine.ls_R_factor_R_work                       0.2241 
_refine.ls_R_Fsqd_factor_obs                     ? 
_refine.ls_R_I_factor_obs                        ? 
_refine.ls_redundancy_reflns_all                 ? 
_refine.ls_redundancy_reflns_obs                 ? 
_refine.ls_restrained_S_all                      ? 
_refine.ls_restrained_S_obs                      ? 
_refine.ls_shift_over_esd_max                    ? 
_refine.ls_shift_over_esd_mean                   ? 
_refine.ls_structure_factor_coef                 ? 
_refine.ls_weighting_details                     ? 
_refine.ls_weighting_scheme                      ? 
_refine.ls_wR_factor_all                         ? 
_refine.ls_wR_factor_obs                         ? 
_refine.ls_wR_factor_R_free                      ? 
_refine.ls_wR_factor_R_work                      ? 
_refine.occupancy_max                            ? 
_refine.occupancy_min                            ? 
_refine.solvent_model_details                    'FLAT BULK SOLVENT MODEL' 
_refine.solvent_model_param_bsol                 ? 
_refine.solvent_model_param_ksol                 ? 
_refine.pdbx_R_complete                          ? 
_refine.ls_R_factor_gt                           ? 
_refine.ls_goodness_of_fit_gt                    ? 
_refine.ls_goodness_of_fit_ref                   ? 
_refine.ls_shift_over_su_max                     ? 
_refine.ls_shift_over_su_max_lt                  ? 
_refine.ls_shift_over_su_mean                    ? 
_refine.ls_shift_over_su_mean_lt                 ? 
_refine.pdbx_ls_sigma_I                          ? 
_refine.pdbx_ls_sigma_F                          1.970 
_refine.pdbx_ls_sigma_Fsqd                       ? 
_refine.pdbx_data_cutoff_high_absF               ? 
_refine.pdbx_data_cutoff_high_rms_absF           ? 
_refine.pdbx_data_cutoff_low_absF                ? 
_refine.pdbx_isotropic_thermal_model             ? 
_refine.pdbx_ls_cross_valid_method               THROUGHOUT 
_refine.pdbx_method_to_determine_struct          'MOLECULAR REPLACEMENT' 
_refine.pdbx_starting_model                      5VY6 
_refine.pdbx_stereochemistry_target_values       ML 
_refine.pdbx_R_Free_selection_details            ? 
_refine.pdbx_stereochem_target_val_spec_case     ? 
_refine.pdbx_overall_ESU_R                       ? 
_refine.pdbx_overall_ESU_R_Free                  ? 
_refine.pdbx_solvent_vdw_probe_radii             1.1100 
_refine.pdbx_solvent_ion_probe_radii             ? 
_refine.pdbx_solvent_shrinkage_radii             0.9000 
_refine.pdbx_real_space_R                        ? 
_refine.pdbx_density_correlation                 ? 
_refine.pdbx_pd_number_of_powder_patterns        ? 
_refine.pdbx_pd_number_of_points                 ? 
_refine.pdbx_pd_meas_number_of_points            ? 
_refine.pdbx_pd_proc_ls_prof_R_factor            ? 
_refine.pdbx_pd_proc_ls_prof_wR_factor           ? 
_refine.pdbx_pd_Marquardt_correlation_coeff      ? 
_refine.pdbx_pd_Fsqrd_R_factor                   ? 
_refine.pdbx_pd_ls_matrix_band_width             ? 
_refine.pdbx_overall_phase_error                 33.1300 
_refine.pdbx_overall_SU_R_free_Cruickshank_DPI   ? 
_refine.pdbx_overall_SU_R_free_Blow_DPI          ? 
_refine.pdbx_overall_SU_R_Blow_DPI               ? 
_refine.pdbx_TLS_residual_ADP_flag               ? 
_refine.pdbx_diffrn_id                           1 
_refine.overall_SU_B                             ? 
_refine.overall_SU_ML                            0.3100 
_refine.overall_SU_R_Cruickshank_DPI             ? 
_refine.overall_SU_R_free                        ? 
_refine.overall_FOM_free_R_set                   ? 
_refine.overall_FOM_work_R_set                   ? 
_refine.pdbx_average_fsc_overall                 ? 
_refine.pdbx_average_fsc_work                    ? 
_refine.pdbx_average_fsc_free                    ? 
# 
_refine_hist.pdbx_refine_id                   'X-RAY DIFFRACTION' 
_refine_hist.cycle_id                         final 
_refine_hist.details                          ? 
_refine_hist.d_res_high                       3.0220 
_refine_hist.d_res_low                        45.2460 
_refine_hist.number_atoms_solvent             0 
_refine_hist.number_atoms_total               857 
_refine_hist.number_reflns_all                ? 
_refine_hist.number_reflns_obs                ? 
_refine_hist.number_reflns_R_free             ? 
_refine_hist.number_reflns_R_work             ? 
_refine_hist.R_factor_all                     ? 
_refine_hist.R_factor_obs                     ? 
_refine_hist.R_factor_R_free                  ? 
_refine_hist.R_factor_R_work                  ? 
_refine_hist.pdbx_number_residues_total       42 
_refine_hist.pdbx_B_iso_mean_ligand           166.92 
_refine_hist.pdbx_B_iso_mean_solvent          ? 
_refine_hist.pdbx_number_atoms_protein        0 
_refine_hist.pdbx_number_atoms_nucleic_acid   855 
_refine_hist.pdbx_number_atoms_ligand         2 
_refine_hist.pdbx_number_atoms_lipid          ? 
_refine_hist.pdbx_number_atoms_carb           ? 
_refine_hist.pdbx_pseudo_atom_details         ? 
# 
loop_
_refine_ls_restr.pdbx_refine_id 
_refine_ls_restr.criterion 
_refine_ls_restr.dev_ideal 
_refine_ls_restr.dev_ideal_target 
_refine_ls_restr.number 
_refine_ls_restr.rejects 
_refine_ls_restr.type 
_refine_ls_restr.weight 
_refine_ls_restr.pdbx_restraint_function 
'X-RAY DIFFRACTION' ? 0.005  ? 956  ? f_bond_d           ? ? 
'X-RAY DIFFRACTION' ? 0.801  ? 1467 ? f_angle_d          ? ? 
'X-RAY DIFFRACTION' ? 0.048  ? 166  ? f_chiral_restr     ? ? 
'X-RAY DIFFRACTION' ? 0.004  ? 42   ? f_plane_restr      ? ? 
'X-RAY DIFFRACTION' ? 33.775 ? 406  ? f_dihedral_angle_d ? ? 
# 
loop_
_refine_ls_shell.pdbx_refine_id 
_refine_ls_shell.d_res_high 
_refine_ls_shell.d_res_low 
_refine_ls_shell.number_reflns_all 
_refine_ls_shell.number_reflns_obs 
_refine_ls_shell.number_reflns_R_free 
_refine_ls_shell.number_reflns_R_work 
_refine_ls_shell.percent_reflns_obs 
_refine_ls_shell.percent_reflns_R_free 
_refine_ls_shell.R_factor_all 
_refine_ls_shell.R_factor_obs 
_refine_ls_shell.R_factor_R_free 
_refine_ls_shell.R_factor_R_free_error 
_refine_ls_shell.R_factor_R_work 
_refine_ls_shell.redundancy_reflns_all 
_refine_ls_shell.redundancy_reflns_obs 
_refine_ls_shell.wR_factor_all 
_refine_ls_shell.wR_factor_obs 
_refine_ls_shell.wR_factor_R_free 
_refine_ls_shell.wR_factor_R_work 
_refine_ls_shell.pdbx_R_complete 
_refine_ls_shell.pdbx_total_number_of_bins_used 
_refine_ls_shell.pdbx_phase_error 
_refine_ls_shell.pdbx_fsc_work 
_refine_ls_shell.pdbx_fsc_free 
'X-RAY DIFFRACTION' 3.0221 3.8072 . . 106 2010 90.0000  . . . 0.3782 0.0000 0.3256 . . . . . . . . . . . 
'X-RAY DIFFRACTION' 3.8072 45.246 . . 118 2257 100.0000 . . . 0.2293 0.0000 0.2004 . . . . . . . . . . . 
# 
_struct.entry_id                     7JL9 
_struct.title                        
;Self-assembly of a 3D DNA crystal lattice (4x6 scramble duplex version) containing the J14 immobile Holliday junction with R3 symmetry
;
_struct.pdbx_model_details           ? 
_struct.pdbx_formula_weight          ? 
_struct.pdbx_formula_weight_method   ? 
_struct.pdbx_model_type_details      ? 
_struct.pdbx_CASP_flag               N 
# 
_struct_keywords.entry_id        7JL9 
_struct_keywords.text            
'Structural DNA nanotechnology, immobile Holliday junctions, 3D DNA self-assembly, designer DNA crystals, DNA' 
_struct_keywords.pdbx_keywords   DNA 
# 
loop_
_struct_asym.id 
_struct_asym.pdbx_blank_PDB_chainid_flag 
_struct_asym.pdbx_modified 
_struct_asym.entity_id 
_struct_asym.details 
A N N 1 ? 
B N N 2 ? 
C N N 3 ? 
D N N 4 ? 
E N N 5 ? 
F N N 5 ? 
# 
loop_
_struct_conn.id 
_struct_conn.conn_type_id 
_struct_conn.pdbx_leaving_atom_flag 
_struct_conn.pdbx_PDB_id 
_struct_conn.ptnr1_label_asym_id 
_struct_conn.ptnr1_label_comp_id 
_struct_conn.ptnr1_label_seq_id 
_struct_conn.ptnr1_label_atom_id 
_struct_conn.pdbx_ptnr1_label_alt_id 
_struct_conn.pdbx_ptnr1_PDB_ins_code 
_struct_conn.pdbx_ptnr1_standard_comp_id 
_struct_conn.ptnr1_symmetry 
_struct_conn.ptnr2_label_asym_id 
_struct_conn.ptnr2_label_comp_id 
_struct_conn.ptnr2_label_seq_id 
_struct_conn.ptnr2_label_atom_id 
_struct_conn.pdbx_ptnr2_label_alt_id 
_struct_conn.pdbx_ptnr2_PDB_ins_code 
_struct_conn.ptnr1_auth_asym_id 
_struct_conn.ptnr1_auth_comp_id 
_struct_conn.ptnr1_auth_seq_id 
_struct_conn.ptnr2_auth_asym_id 
_struct_conn.ptnr2_auth_comp_id 
_struct_conn.ptnr2_auth_seq_id 
_struct_conn.ptnr2_symmetry 
_struct_conn.pdbx_ptnr3_label_atom_id 
_struct_conn.pdbx_ptnr3_label_seq_id 
_struct_conn.pdbx_ptnr3_label_comp_id 
_struct_conn.pdbx_ptnr3_label_asym_id 
_struct_conn.pdbx_ptnr3_label_alt_id 
_struct_conn.pdbx_ptnr3_PDB_ins_code 
_struct_conn.details 
_struct_conn.pdbx_dist_value 
_struct_conn.pdbx_value_order 
_struct_conn.pdbx_role 
hydrog1  hydrog ? ? A DA 2  N6 ? ? ? 1_555 C DT 7 O4 ? ? B DA 8  D DT 42 1_555 ? ? ? ? ? ? 'DA-DT PAIR' ? ? ? 
hydrog2  hydrog ? ? A DA 3  N1 ? ? ? 1_555 C DG 6 N1 ? ? B DA 9  D DG 41 1_555 ? ? ? ? ? ? TYPE_8_PAIR  ? ? ? 
hydrog3  hydrog ? ? A DA 3  N6 ? ? ? 1_555 C DG 6 O6 ? ? B DA 9  D DG 41 1_555 ? ? ? ? ? ? TYPE_8_PAIR  ? ? ? 
hydrog4  hydrog ? ? A DC 4  N3 ? ? ? 1_555 C DG 6 N2 ? ? B DC 10 D DG 41 1_555 ? ? ? ? ? ? 'DC-DG PAIR' ? ? ? 
hydrog5  hydrog ? ? A DG 5  O6 ? ? ? 1_555 C DC 5 N4 ? ? B DG 11 D DC 40 1_555 ? ? ? ? ? ? 'DG-DC PAIR' ? ? ? 
hydrog6  hydrog ? ? A DA 6  N1 ? ? ? 1_555 C DT 4 N3 ? ? B DA 12 D DT 39 1_555 ? ? ? ? ? ? WATSON-CRICK ? ? ? 
hydrog7  hydrog ? ? A DA 6  N6 ? ? ? 1_555 C DT 4 O4 ? ? B DA 12 D DT 39 1_555 ? ? ? ? ? ? WATSON-CRICK ? ? ? 
hydrog8  hydrog ? ? A DC 7  N3 ? ? ? 1_555 C DG 3 N1 ? ? B DC 13 D DG 38 1_555 ? ? ? ? ? ? WATSON-CRICK ? ? ? 
hydrog9  hydrog ? ? A DC 7  N4 ? ? ? 1_555 C DG 3 O6 ? ? B DC 13 D DG 38 1_555 ? ? ? ? ? ? WATSON-CRICK ? ? ? 
hydrog10 hydrog ? ? A DC 7  O2 ? ? ? 1_555 C DG 3 N2 ? ? B DC 13 D DG 38 1_555 ? ? ? ? ? ? WATSON-CRICK ? ? ? 
hydrog11 hydrog ? ? A DA 8  N1 ? ? ? 1_555 C DT 2 N3 ? ? B DA 14 D DT 37 1_555 ? ? ? ? ? ? WATSON-CRICK ? ? ? 
hydrog12 hydrog ? ? A DA 8  N6 ? ? ? 1_555 C DT 2 O4 ? ? B DA 14 D DT 37 1_555 ? ? ? ? ? ? WATSON-CRICK ? ? ? 
hydrog13 hydrog ? ? A DG 9  N1 ? ? ? 1_555 C DC 1 N3 ? ? B DG 15 D DC 36 1_555 ? ? ? ? ? ? WATSON-CRICK ? ? ? 
hydrog14 hydrog ? ? A DG 9  N2 ? ? ? 1_555 C DC 1 O2 ? ? B DG 15 D DC 36 1_555 ? ? ? ? ? ? WATSON-CRICK ? ? ? 
hydrog15 hydrog ? ? A DG 9  O6 ? ? ? 1_555 C DC 1 N4 ? ? B DG 15 D DC 36 1_555 ? ? ? ? ? ? WATSON-CRICK ? ? ? 
hydrog16 hydrog ? ? A DA 10 N1 ? ? ? 1_555 D DT 6 N3 ? ? B DA 16 A DT 6  1_555 ? ? ? ? ? ? WATSON-CRICK ? ? ? 
hydrog17 hydrog ? ? A DA 10 N6 ? ? ? 1_555 D DT 6 O4 ? ? B DA 16 A DT 6  1_555 ? ? ? ? ? ? WATSON-CRICK ? ? ? 
hydrog18 hydrog ? ? A DG 11 N1 ? ? ? 1_555 D DC 5 N3 ? ? B DG 17 A DC 5  1_555 ? ? ? ? ? ? WATSON-CRICK ? ? ? 
hydrog19 hydrog ? ? A DG 11 N2 ? ? ? 1_555 D DC 5 O2 ? ? B DG 17 A DC 5  1_555 ? ? ? ? ? ? WATSON-CRICK ? ? ? 
hydrog20 hydrog ? ? A DG 11 O6 ? ? ? 1_555 D DC 5 N4 ? ? B DG 17 A DC 5  1_555 ? ? ? ? ? ? WATSON-CRICK ? ? ? 
hydrog21 hydrog ? ? A DA 12 N1 ? ? ? 1_555 D DT 4 N3 ? ? B DA 18 A DT 4  1_555 ? ? ? ? ? ? WATSON-CRICK ? ? ? 
hydrog22 hydrog ? ? A DA 12 N6 ? ? ? 1_555 D DT 4 O4 ? ? B DA 18 A DT 4  1_555 ? ? ? ? ? ? WATSON-CRICK ? ? ? 
hydrog23 hydrog ? ? A DC 13 N3 ? ? ? 1_555 D DG 3 N1 ? ? B DC 19 A DG 3  1_555 ? ? ? ? ? ? WATSON-CRICK ? ? ? 
hydrog24 hydrog ? ? A DC 13 N4 ? ? ? 1_555 D DG 3 O6 ? ? B DC 19 A DG 3  1_555 ? ? ? ? ? ? WATSON-CRICK ? ? ? 
hydrog25 hydrog ? ? A DC 13 O2 ? ? ? 1_555 D DG 3 N2 ? ? B DC 19 A DG 3  1_555 ? ? ? ? ? ? WATSON-CRICK ? ? ? 
hydrog26 hydrog ? ? A DG 14 N1 ? ? ? 1_555 D DC 2 N3 ? ? B DG 20 A DC 2  1_555 ? ? ? ? ? ? WATSON-CRICK ? ? ? 
hydrog27 hydrog ? ? A DG 14 N2 ? ? ? 1_555 D DC 2 O2 ? ? B DG 20 A DC 2  1_555 ? ? ? ? ? ? WATSON-CRICK ? ? ? 
hydrog28 hydrog ? ? A DG 14 O6 ? ? ? 1_555 D DC 2 N4 ? ? B DG 20 A DC 2  1_555 ? ? ? ? ? ? WATSON-CRICK ? ? ? 
hydrog29 hydrog ? ? A DC 15 N3 ? ? ? 1_555 D DG 1 N1 ? ? B DC 21 A DG 1  1_555 ? ? ? ? ? ? WATSON-CRICK ? ? ? 
hydrog30 hydrog ? ? A DC 15 N4 ? ? ? 1_555 D DG 1 O6 ? ? B DC 21 A DG 1  1_555 ? ? ? ? ? ? WATSON-CRICK ? ? ? 
hydrog31 hydrog ? ? A DC 15 O2 ? ? ? 1_555 D DG 1 N2 ? ? B DC 21 A DG 1  1_555 ? ? ? ? ? ? WATSON-CRICK ? ? ? 
hydrog32 hydrog ? ? A DC 16 N3 ? ? ? 1_555 B DG 8 N1 ? ? B DC 22 C DG 35 1_555 ? ? ? ? ? ? WATSON-CRICK ? ? ? 
hydrog33 hydrog ? ? A DC 16 N4 ? ? ? 1_555 B DG 8 O6 ? ? B DC 22 C DG 35 1_555 ? ? ? ? ? ? WATSON-CRICK ? ? ? 
hydrog34 hydrog ? ? A DC 16 O2 ? ? ? 1_555 B DG 8 N2 ? ? B DC 22 C DG 35 1_555 ? ? ? ? ? ? WATSON-CRICK ? ? ? 
hydrog35 hydrog ? ? A DG 17 N1 ? ? ? 1_555 B DC 7 N3 ? ? B DG 23 C DC 34 1_555 ? ? ? ? ? ? WATSON-CRICK ? ? ? 
hydrog36 hydrog ? ? A DG 17 N2 ? ? ? 1_555 B DC 7 O2 ? ? B DG 23 C DC 34 1_555 ? ? ? ? ? ? WATSON-CRICK ? ? ? 
hydrog37 hydrog ? ? A DG 17 O6 ? ? ? 1_555 B DC 7 N4 ? ? B DG 23 C DC 34 1_555 ? ? ? ? ? ? WATSON-CRICK ? ? ? 
hydrog38 hydrog ? ? A DA 18 N1 ? ? ? 1_555 B DT 6 N3 ? ? B DA 24 C DT 33 1_555 ? ? ? ? ? ? WATSON-CRICK ? ? ? 
hydrog39 hydrog ? ? A DA 18 N6 ? ? ? 1_555 B DT 6 O4 ? ? B DA 24 C DT 33 1_555 ? ? ? ? ? ? WATSON-CRICK ? ? ? 
hydrog40 hydrog ? ? A DC 19 N3 ? ? ? 1_555 B DG 5 N1 ? ? B DC 25 C DG 32 1_555 ? ? ? ? ? ? WATSON-CRICK ? ? ? 
hydrog41 hydrog ? ? A DC 19 N4 ? ? ? 1_555 B DG 5 O6 ? ? B DC 25 C DG 32 1_555 ? ? ? ? ? ? WATSON-CRICK ? ? ? 
hydrog42 hydrog ? ? A DC 19 O2 ? ? ? 1_555 B DG 5 N2 ? ? B DC 25 C DG 32 1_555 ? ? ? ? ? ? WATSON-CRICK ? ? ? 
hydrog43 hydrog ? ? A DT 20 N3 ? ? ? 1_555 B DA 4 N1 ? ? B DT 26 C DA 31 1_555 ? ? ? ? ? ? WATSON-CRICK ? ? ? 
hydrog44 hydrog ? ? A DT 20 O4 ? ? ? 1_555 B DA 4 N6 ? ? B DT 26 C DA 31 1_555 ? ? ? ? ? ? WATSON-CRICK ? ? ? 
hydrog45 hydrog ? ? A DC 21 N3 ? ? ? 1_555 B DG 3 N1 ? ? B DC 27 C DG 30 1_555 ? ? ? ? ? ? WATSON-CRICK ? ? ? 
hydrog46 hydrog ? ? A DC 21 N4 ? ? ? 1_555 B DG 3 O6 ? ? B DC 27 C DG 30 1_555 ? ? ? ? ? ? WATSON-CRICK ? ? ? 
hydrog47 hydrog ? ? A DC 21 O2 ? ? ? 1_555 B DG 3 N2 ? ? B DC 27 C DG 30 1_555 ? ? ? ? ? ? WATSON-CRICK ? ? ? 
# 
_struct_conn_type.id          hydrog 
_struct_conn_type.criteria    ? 
_struct_conn_type.reference   ? 
# 
_atom_sites.entry_id                    7JL9 
_atom_sites.Cartn_transf_matrix[1][1]   ? 
_atom_sites.Cartn_transf_matrix[1][2]   ? 
_atom_sites.Cartn_transf_matrix[1][3]   ? 
_atom_sites.Cartn_transf_matrix[2][1]   ? 
_atom_sites.Cartn_transf_matrix[2][2]   ? 
_atom_sites.Cartn_transf_matrix[2][3]   ? 
_atom_sites.Cartn_transf_matrix[3][1]   ? 
_atom_sites.Cartn_transf_matrix[3][2]   ? 
_atom_sites.Cartn_transf_matrix[3][3]   ? 
_atom_sites.Cartn_transf_vector[1]      ? 
_atom_sites.Cartn_transf_vector[2]      ? 
_atom_sites.Cartn_transf_vector[3]      ? 
_atom_sites.fract_transf_matrix[1][1]   0.00227609 
_atom_sites.fract_transf_matrix[1][2]   -0.00688890 
_atom_sites.fract_transf_matrix[1][3]   0.00722816 
_atom_sites.fract_transf_matrix[2][1]   0.00213145 
_atom_sites.fract_transf_matrix[2][2]   -0.00966688 
_atom_sites.fract_transf_matrix[2][3]   -0.00262809 
_atom_sites.fract_transf_matrix[3][1]   0.01896882 
_atom_sites.fract_transf_matrix[3][2]   0.00461146 
_atom_sites.fract_transf_matrix[3][3]   -0.00157811 
_atom_sites.fract_transf_vector[1]      0.346731 
_atom_sites.fract_transf_vector[2]      -0.069492 
_atom_sites.fract_transf_vector[3]      0.217243 
_atom_sites.solution_primary            ? 
_atom_sites.solution_secondary          ? 
_atom_sites.solution_hydrogens          ? 
_atom_sites.special_details             ? 
# 
loop_
_atom_type.symbol 
AS 
C  
H  
N  
O  
P  
# 
loop_
_atom_site.group_PDB 
_atom_site.id 
_atom_site.type_symbol 
_atom_site.label_atom_id 
_atom_site.label_alt_id 
_atom_site.label_comp_id 
_atom_site.label_asym_id 
_atom_site.label_entity_id 
_atom_site.label_seq_id 
_atom_site.pdbx_PDB_ins_code 
_atom_site.Cartn_x 
_atom_site.Cartn_y 
_atom_site.Cartn_z 
_atom_site.occupancy 
_atom_site.B_iso_or_equiv 
_atom_site.pdbx_formal_charge 
_atom_site.auth_seq_id 
_atom_site.auth_comp_id 
_atom_site.auth_asym_id 
_atom_site.auth_atom_id 
_atom_site.pdbx_PDB_model_num 
ATOM   1    O  "O5'"  . DG  A 1 1  ? 21.259  -23.179 14.915  1.00 181.47 ? 7   DG  B "O5'"  1 
ATOM   2    C  "C5'"  . DG  A 1 1  ? 21.451  -24.458 15.506  1.00 177.87 ? 7   DG  B "C5'"  1 
ATOM   3    C  "C4'"  . DG  A 1 1  ? 20.400  -24.731 16.570  1.00 171.39 ? 7   DG  B "C4'"  1 
ATOM   4    O  "O4'"  . DG  A 1 1  ? 20.653  -23.912 17.724  1.00 162.04 ? 7   DG  B "O4'"  1 
ATOM   5    C  "C3'"  . DG  A 1 1  ? 18.965  -24.402 16.161  1.00 161.43 ? 7   DG  B "C3'"  1 
ATOM   6    O  "O3'"  . DG  A 1 1  ? 18.292  -25.567 15.708  1.00 165.68 ? 7   DG  B "O3'"  1 
ATOM   7    C  "C2'"  . DG  A 1 1  ? 18.323  -23.829 17.433  1.00 152.23 ? 7   DG  B "C2'"  1 
ATOM   8    C  "C1'"  . DG  A 1 1  ? 19.458  -23.804 18.452  1.00 146.18 ? 7   DG  B "C1'"  1 
ATOM   9    N  N9     . DG  A 1 1  ? 19.500  -22.589 19.255  1.00 136.44 ? 7   DG  B N9     1 
ATOM   10   C  C8     . DG  A 1 1  ? 20.406  -21.558 19.160  1.00 143.21 ? 7   DG  B C8     1 
ATOM   11   N  N7     . DG  A 1 1  ? 20.193  -20.603 20.022  1.00 143.64 ? 7   DG  B N7     1 
ATOM   12   C  C5     . DG  A 1 1  ? 19.077  -21.028 20.732  1.00 135.95 ? 7   DG  B C5     1 
ATOM   13   C  C6     . DG  A 1 1  ? 18.380  -20.406 21.795  1.00 134.75 ? 7   DG  B C6     1 
ATOM   14   O  O6     . DG  A 1 1  ? 18.623  -19.319 22.339  1.00 137.59 ? 7   DG  B O6     1 
ATOM   15   N  N1     . DG  A 1 1  ? 17.304  -21.182 22.228  1.00 131.90 ? 7   DG  B N1     1 
ATOM   16   C  C2     . DG  A 1 1  ? 16.948  -22.398 21.697  1.00 135.92 ? 7   DG  B C2     1 
ATOM   17   N  N2     . DG  A 1 1  ? 15.878  -22.995 22.243  1.00 135.72 ? 7   DG  B N2     1 
ATOM   18   N  N3     . DG  A 1 1  ? 17.592  -22.990 20.701  1.00 134.44 ? 7   DG  B N3     1 
ATOM   19   C  C4     . DG  A 1 1  ? 18.641  -22.249 20.271  1.00 134.26 ? 7   DG  B C4     1 
ATOM   20   H  "H5'"  . DG  A 1 1  ? 22.330  -24.492 15.913  1.00 213.60 ? 7   DG  B "H5'"  1 
ATOM   21   H  "H5''" . DG  A 1 1  ? 21.392  -25.139 14.818  1.00 213.60 ? 7   DG  B "H5''" 1 
ATOM   22   H  "H4'"  . DG  A 1 1  ? 20.448  -25.665 16.828  1.00 205.83 ? 7   DG  B "H4'"  1 
ATOM   23   H  "H3'"  . DG  A 1 1  ? 18.968  -23.730 15.462  1.00 193.88 ? 7   DG  B "H3'"  1 
ATOM   24   H  "H2'"  . DG  A 1 1  ? 17.993  -22.931 17.271  1.00 182.83 ? 7   DG  B "H2'"  1 
ATOM   25   H  "H2''" . DG  A 1 1  ? 17.604  -24.405 17.739  1.00 182.83 ? 7   DG  B "H2''" 1 
ATOM   26   H  "H1'"  . DG  A 1 1  ? 19.373  -24.571 19.041  1.00 175.57 ? 7   DG  B "H1'"  1 
ATOM   27   H  H8     . DG  A 1 1  ? 21.100  -21.544 18.541  1.00 172.01 ? 7   DG  B H8     1 
ATOM   28   H  H1     . DG  A 1 1  ? 16.826  -20.875 22.874  1.00 158.43 ? 7   DG  B H1     1 
ATOM   29   H  H21    . DG  A 1 1  ? 15.613  -23.757 21.946  1.00 163.01 ? 7   DG  B H21    1 
ATOM   30   H  H22    . DG  A 1 1  ? 15.458  -22.616 22.890  1.00 163.01 ? 7   DG  B H22    1 
ATOM   31   H  "HO5'" . DG  A 1 1  ? 21.746  -22.934 14.277  1.00 217.92 ? 7   DG  B "HO5'" 1 
ATOM   32   P  P      . DA  A 1 2  ? 16.912  -25.433 14.897  1.00 167.78 ? 8   DA  B P      1 
ATOM   33   O  OP1    . DA  A 1 2  ? 16.812  -26.588 13.979  1.00 184.99 ? 8   DA  B OP1    1 
ATOM   34   O  OP2    . DA  A 1 2  ? 16.844  -24.055 14.364  1.00 163.85 ? 8   DA  B OP2    1 
ATOM   35   O  "O5'"  . DA  A 1 2  ? 15.782  -25.570 16.021  1.00 149.31 ? 8   DA  B "O5'"  1 
ATOM   36   C  "C5'"  . DA  A 1 2  ? 14.418  -25.396 15.664  1.00 151.20 ? 8   DA  B "C5'"  1 
ATOM   37   C  "C4'"  . DA  A 1 2  ? 13.497  -25.730 16.820  1.00 149.63 ? 8   DA  B "C4'"  1 
ATOM   38   O  "O4'"  . DA  A 1 2  ? 14.063  -25.227 18.053  1.00 145.46 ? 8   DA  B "O4'"  1 
ATOM   39   C  "C3'"  . DA  A 1 2  ? 12.105  -25.126 16.715  1.00 156.62 ? 8   DA  B "C3'"  1 
ATOM   40   O  "O3'"  . DA  A 1 2  ? 11.126  -26.044 17.160  1.00 154.63 ? 8   DA  B "O3'"  1 
ATOM   41   C  "C2'"  . DA  A 1 2  ? 12.156  -23.875 17.589  1.00 143.57 ? 8   DA  B "C2'"  1 
ATOM   42   C  "C1'"  . DA  A 1 2  ? 13.351  -24.092 18.511  1.00 137.33 ? 8   DA  B "C1'"  1 
ATOM   43   N  N9     . DA  A 1 2  ? 14.268  -22.961 18.540  1.00 139.45 ? 8   DA  B N9     1 
ATOM   44   C  C8     . DA  A 1 2  ? 15.285  -22.704 17.668  1.00 145.21 ? 8   DA  B C8     1 
ATOM   45   N  N7     . DA  A 1 2  ? 15.955  -21.611 17.940  1.00 143.29 ? 8   DA  B N7     1 
ATOM   46   C  C5     . DA  A 1 2  ? 15.331  -21.114 19.071  1.00 136.98 ? 8   DA  B C5     1 
ATOM   47   C  C6     . DA  A 1 2  ? 15.567  -19.971 19.858  1.00 136.92 ? 8   DA  B C6     1 
ATOM   48   N  N6     . DA  A 1 2  ? 16.540  -19.090 19.604  1.00 140.66 ? 8   DA  B N6     1 
ATOM   49   N  N1     . DA  A 1 2  ? 14.760  -19.768 20.920  1.00 138.26 ? 8   DA  B N1     1 
ATOM   50   C  C2     . DA  A 1 2  ? 13.787  -20.651 21.169  1.00 140.65 ? 8   DA  B C2     1 
ATOM   51   N  N3     . DA  A 1 2  ? 13.469  -21.760 20.502  1.00 143.95 ? 8   DA  B N3     1 
ATOM   52   C  C4     . DA  A 1 2  ? 14.288  -21.934 19.454  1.00 140.21 ? 8   DA  B C4     1 
ATOM   53   H  "H5'"  . DA  A 1 2  ? 14.210  -25.976 14.915  1.00 181.60 ? 8   DA  B "H5'"  1 
ATOM   54   H  "H5''" . DA  A 1 2  ? 14.275  -24.473 15.401  1.00 181.60 ? 8   DA  B "H5''" 1 
ATOM   55   H  "H4'"  . DA  A 1 2  ? 13.415  -26.694 16.886  1.00 179.71 ? 8   DA  B "H4'"  1 
ATOM   56   H  "H3'"  . DA  A 1 2  ? 11.926  -24.875 15.795  1.00 188.11 ? 8   DA  B "H3'"  1 
ATOM   57   H  "H2'"  . DA  A 1 2  ? 12.291  -23.086 17.042  1.00 172.44 ? 8   DA  B "H2'"  1 
ATOM   58   H  "H2''" . DA  A 1 2  ? 11.341  -23.792 18.108  1.00 172.44 ? 8   DA  B "H2''" 1 
ATOM   59   H  "H1'"  . DA  A 1 2  ? 13.029  -24.262 19.410  1.00 164.95 ? 8   DA  B "H1'"  1 
ATOM   60   H  H8     . DA  A 1 2  ? 15.486  -23.257 16.947  1.00 174.40 ? 8   DA  B H8     1 
ATOM   61   H  H61    . DA  A 1 2  ? 16.645  -18.406 20.115  1.00 168.94 ? 8   DA  B H61    1 
ATOM   62   H  H62    . DA  A 1 2  ? 17.060  -19.208 18.930  1.00 168.94 ? 8   DA  B H62    1 
ATOM   63   H  H2     . DA  A 1 2  ? 13.260  -20.467 21.912  1.00 168.93 ? 8   DA  B H2     1 
ATOM   64   P  P      . DA  A 1 3  ? 9.574   -25.774 16.848  1.00 173.66 ? 9   DA  B P      1 
ATOM   65   O  OP1    . DA  A 1 3  ? 8.832   -27.011 17.175  1.00 176.39 ? 9   DA  B OP1    1 
ATOM   66   O  OP2    . DA  A 1 3  ? 9.474   -25.178 15.497  1.00 176.65 ? 9   DA  B OP2    1 
ATOM   67   O  "O5'"  . DA  A 1 3  ? 9.163   -24.643 17.895  1.00 150.12 ? 9   DA  B "O5'"  1 
ATOM   68   C  "C5'"  . DA  A 1 3  ? 8.159   -24.909 18.858  1.00 152.84 ? 9   DA  B "C5'"  1 
ATOM   69   C  "C4'"  . DA  A 1 3  ? 7.608   -23.618 19.419  1.00 144.82 ? 9   DA  B "C4'"  1 
ATOM   70   O  "O4'"  . DA  A 1 3  ? 8.699   -22.831 19.938  1.00 140.43 ? 9   DA  B "O4'"  1 
ATOM   71   C  "C3'"  . DA  A 1 3  ? 6.922   -22.730 18.394  1.00 138.15 ? 9   DA  B "C3'"  1 
ATOM   72   O  "O3'"  . DA  A 1 3  ? 5.510   -23.058 18.262  1.00 142.75 ? 9   DA  B "O3'"  1 
ATOM   73   C  "C2'"  . DA  A 1 3  ? 7.170   -21.318 18.922  1.00 128.65 ? 9   DA  B "C2'"  1 
ATOM   74   C  "C1'"  . DA  A 1 3  ? 8.441   -21.453 19.761  1.00 130.94 ? 9   DA  B "C1'"  1 
ATOM   75   N  N9     . DA  A 1 3  ? 9.620   -20.851 19.151  1.00 132.47 ? 9   DA  B N9     1 
ATOM   76   C  C8     . DA  A 1 3  ? 10.270  -21.273 18.026  1.00 141.03 ? 9   DA  B C8     1 
ATOM   77   N  N7     . DA  A 1 3  ? 11.315  -20.544 17.715  1.00 138.39 ? 9   DA  B N7     1 
ATOM   78   C  C5     . DA  A 1 3  ? 11.353  -19.578 18.707  1.00 130.85 ? 9   DA  B C5     1 
ATOM   79   C  C6     . DA  A 1 3  ? 12.227  -18.498 18.949  1.00 134.04 ? 9   DA  B C6     1 
ATOM   80   N  N6     . DA  A 1 3  ? 13.271  -18.203 18.168  1.00 133.97 ? 9   DA  B N6     1 
ATOM   81   N  N1     . DA  A 1 3  ? 11.981  -17.726 20.028  1.00 134.08 ? 9   DA  B N1     1 
ATOM   82   C  C2     . DA  A 1 3  ? 10.933  -18.020 20.807  1.00 132.15 ? 9   DA  B C2     1 
ATOM   83   N  N3     . DA  A 1 3  ? 10.044  -19.005 20.680  1.00 129.32 ? 9   DA  B N3     1 
ATOM   84   C  C4     . DA  A 1 3  ? 10.315  -19.754 19.601  1.00 127.99 ? 9   DA  B C4     1 
ATOM   85   H  "H5'"  . DA  A 1 3  ? 8.539   -25.434 19.580  1.00 183.56 ? 9   DA  B "H5'"  1 
ATOM   86   H  "H5''" . DA  A 1 3  ? 7.441   -25.410 18.442  1.00 183.56 ? 9   DA  B "H5''" 1 
ATOM   87   H  "H4'"  . DA  A 1 3  ? 6.987   -23.818 20.137  1.00 173.94 ? 9   DA  B "H4'"  1 
ATOM   88   H  "H3'"  . DA  A 1 3  ? 7.359   -22.834 17.535  1.00 165.93 ? 9   DA  B "H3'"  1 
ATOM   89   H  "H2'"  . DA  A 1 3  ? 7.312   -20.701 18.186  1.00 154.53 ? 9   DA  B "H2'"  1 
ATOM   90   H  "H2''" . DA  A 1 3  ? 6.428   -21.026 19.473  1.00 154.53 ? 9   DA  B "H2''" 1 
ATOM   91   H  "H1'"  . DA  A 1 3  ? 8.291   -21.045 20.628  1.00 157.29 ? 9   DA  B "H1'"  1 
ATOM   92   H  H8     . DA  A 1 3  ? 9.999   -22.009 17.528  1.00 169.39 ? 9   DA  B H8     1 
ATOM   93   H  H61    . DA  A 1 3  ? 13.773  -17.532 18.357  1.00 160.91 ? 9   DA  B H61    1 
ATOM   94   H  H62    . DA  A 1 3  ? 13.440  -18.686 17.477  1.00 160.91 ? 9   DA  B H62    1 
ATOM   95   H  H2     . DA  A 1 3  ? 10.807  -17.459 21.537  1.00 158.73 ? 9   DA  B H2     1 
ATOM   96   P  P      . DC  A 1 4  ? 4.458   -22.896 19.475  1.00 154.86 ? 10  DC  B P      1 
ATOM   97   O  OP1    . DC  A 1 4  ? 4.967   -23.508 20.722  1.00 160.58 ? 10  DC  B OP1    1 
ATOM   98   O  OP2    . DC  A 1 4  ? 3.166   -23.366 18.934  1.00 163.23 ? 10  DC  B OP2    1 
ATOM   99   O  "O5'"  . DC  A 1 4  ? 4.354   -21.321 19.709  1.00 141.23 ? 10  DC  B "O5'"  1 
ATOM   100  C  "C5'"  . DC  A 1 4  ? 4.079   -20.817 21.007  1.00 136.38 ? 10  DC  B "C5'"  1 
ATOM   101  C  "C4'"  . DC  A 1 4  ? 4.229   -19.307 21.051  1.00 146.21 ? 10  DC  B "C4'"  1 
ATOM   102  O  "O4'"  . DC  A 1 4  ? 5.606   -18.943 20.828  1.00 135.00 ? 10  DC  B "O4'"  1 
ATOM   103  C  "C3'"  . DC  A 1 4  ? 3.460   -18.556 19.972  1.00 155.52 ? 10  DC  B "C3'"  1 
ATOM   104  O  "O3'"  . DC  A 1 4  ? 2.111   -18.238 20.411  1.00 164.01 ? 10  DC  B "O3'"  1 
ATOM   105  C  "C2'"  . DC  A 1 4  ? 4.326   -17.312 19.698  1.00 138.60 ? 10  DC  B "C2'"  1 
ATOM   106  C  "C1'"  . DC  A 1 4  ? 5.640   -17.589 20.434  1.00 134.13 ? 10  DC  B "C1'"  1 
ATOM   107  N  N1     . DC  A 1 4  ? 6.851   -17.352 19.585  1.00 129.56 ? 10  DC  B N1     1 
ATOM   108  C  C2     . DC  A 1 4  ? 7.714   -16.289 19.877  1.00 120.37 ? 10  DC  B C2     1 
ATOM   109  O  O2     . DC  A 1 4  ? 7.478   -15.567 20.854  1.00 118.66 ? 10  DC  B O2     1 
ATOM   110  N  N3     . DC  A 1 4  ? 8.795   -16.084 19.081  1.00 112.56 ? 10  DC  B N3     1 
ATOM   111  C  C4     . DC  A 1 4  ? 9.016   -16.884 18.036  1.00 122.18 ? 10  DC  B C4     1 
ATOM   112  N  N4     . DC  A 1 4  ? 10.089  -16.644 17.280  1.00 117.74 ? 10  DC  B N4     1 
ATOM   113  C  C5     . DC  A 1 4  ? 8.142   -17.963 17.719  1.00 123.67 ? 10  DC  B C5     1 
ATOM   114  C  C6     . DC  A 1 4  ? 7.081   -18.153 18.507  1.00 126.74 ? 10  DC  B C6     1 
ATOM   115  H  "H5'"  . DC  A 1 4  ? 4.696   -21.217 21.640  1.00 163.81 ? 10  DC  B "H5'"  1 
ATOM   116  H  "H5''" . DC  A 1 4  ? 3.171   -21.054 21.255  1.00 163.81 ? 10  DC  B "H5''" 1 
ATOM   117  H  "H4'"  . DC  A 1 4  ? 3.953   -18.984 21.923  1.00 175.61 ? 10  DC  B "H4'"  1 
ATOM   118  H  "H3'"  . DC  A 1 4  ? 3.417   -19.100 19.170  1.00 186.78 ? 10  DC  B "H3'"  1 
ATOM   119  H  "H2'"  . DC  A 1 4  ? 4.487   -17.214 18.747  1.00 166.48 ? 10  DC  B "H2'"  1 
ATOM   120  H  "H2''" . DC  A 1 4  ? 3.900   -16.517 20.055  1.00 166.48 ? 10  DC  B "H2''" 1 
ATOM   121  H  "H1'"  . DC  A 1 4  ? 5.688   -17.028 21.224  1.00 161.12 ? 10  DC  B "H1'"  1 
ATOM   122  H  H41    . DC  A 1 4  ? 10.255  -17.140 16.597  1.00 141.45 ? 10  DC  B H41    1 
ATOM   123  H  H42    . DC  A 1 4  ? 10.617  -15.993 17.476  1.00 141.45 ? 10  DC  B H42    1 
ATOM   124  H  H5     . DC  A 1 4  ? 8.305   -18.514 16.988  1.00 148.56 ? 10  DC  B H5     1 
ATOM   125  H  H6     . DC  A 1 4  ? 6.495   -18.852 18.324  1.00 152.24 ? 10  DC  B H6     1 
ATOM   126  P  P      . DG  A 1 5  ? 1.803   -17.015 21.412  1.00 165.12 ? 11  DG  B P      1 
ATOM   127  O  OP1    . DG  A 1 5  ? 2.944   -16.879 22.343  1.00 165.77 ? 11  DG  B OP1    1 
ATOM   128  O  OP2    . DG  A 1 5  ? 0.434   -17.209 21.944  1.00 160.88 ? 11  DG  B OP2    1 
ATOM   129  O  "O5'"  . DG  A 1 5  ? 1.768   -15.731 20.459  1.00 156.50 ? 11  DG  B "O5'"  1 
ATOM   130  C  "C5'"  . DG  A 1 5  ? 1.367   -14.470 20.981  1.00 160.70 ? 11  DG  B "C5'"  1 
ATOM   131  C  "C4'"  . DG  A 1 5  ? 2.557   -13.531 21.122  1.00 153.67 ? 11  DG  B "C4'"  1 
ATOM   132  O  "O4'"  . DG  A 1 5  ? 3.699   -14.105 20.454  1.00 144.28 ? 11  DG  B "O4'"  1 
ATOM   133  C  "C3'"  . DG  A 1 5  ? 2.351   -12.142 20.515  1.00 147.85 ? 11  DG  B "C3'"  1 
ATOM   134  O  "O3'"  . DG  A 1 5  ? 2.267   -11.163 21.543  1.00 155.93 ? 11  DG  B "O3'"  1 
ATOM   135  C  "C2'"  . DG  A 1 5  ? 3.559   -11.916 19.593  1.00 135.54 ? 11  DG  B "C2'"  1 
ATOM   136  C  "C1'"  . DG  A 1 5  ? 4.487   -13.088 19.882  1.00 136.20 ? 11  DG  B "C1'"  1 
ATOM   137  N  N9     . DG  A 1 5  ? 5.132   -13.647 18.698  1.00 129.82 ? 11  DG  B N9     1 
ATOM   138  C  C8     . DG  A 1 5  ? 4.712   -14.739 17.982  1.00 131.98 ? 11  DG  B C8     1 
ATOM   139  N  N7     . DG  A 1 5  ? 5.490   -15.039 16.982  1.00 124.55 ? 11  DG  B N7     1 
ATOM   140  C  C5     . DG  A 1 5  ? 6.493   -14.083 17.033  1.00 117.83 ? 11  DG  B C5     1 
ATOM   141  C  C6     . DG  A 1 5  ? 7.617   -13.901 16.195  1.00 109.24 ? 11  DG  B C6     1 
ATOM   142  O  O6     . DG  A 1 5  ? 7.956   -14.574 15.211  1.00 101.62 ? 11  DG  B O6     1 
ATOM   143  N  N1     . DG  A 1 5  ? 8.385   -12.811 16.596  1.00 106.04 ? 11  DG  B N1     1 
ATOM   144  C  C2     . DG  A 1 5  ? 8.100   -12.002 17.671  1.00 113.00 ? 11  DG  B C2     1 
ATOM   145  N  N2     . DG  A 1 5  ? 8.957   -10.998 17.902  1.00 121.64 ? 11  DG  B N2     1 
ATOM   146  N  N3     . DG  A 1 5  ? 7.048   -12.161 18.466  1.00 106.20 ? 11  DG  B N3     1 
ATOM   147  C  C4     . DG  A 1 5  ? 6.291   -13.218 18.088  1.00 116.72 ? 11  DG  B C4     1 
ATOM   148  H  "H5'"  . DG  A 1 5  ? 0.960   -14.600 21.852  1.00 193.00 ? 11  DG  B "H5'"  1 
ATOM   149  H  "H5''" . DG  A 1 5  ? 0.717   -14.070 20.383  1.00 193.00 ? 11  DG  B "H5''" 1 
ATOM   150  H  "H4'"  . DG  A 1 5  ? 2.764   -13.432 22.065  1.00 184.56 ? 11  DG  B "H4'"  1 
ATOM   151  H  "H3'"  . DG  A 1 5  ? 1.535   -12.134 19.990  1.00 177.58 ? 11  DG  B "H3'"  1 
ATOM   152  H  "H2'"  . DG  A 1 5  ? 3.282   -11.925 18.664  1.00 162.80 ? 11  DG  B "H2'"  1 
ATOM   153  H  "H2''" . DG  A 1 5  ? 3.997   -11.077 19.809  1.00 162.80 ? 11  DG  B "H2''" 1 
ATOM   154  H  "H1'"  . DG  A 1 5  ? 5.165   -12.812 20.517  1.00 163.60 ? 11  DG  B "H1'"  1 
ATOM   155  H  H8     . DG  A 1 5  ? 3.949   -15.225 18.196  1.00 158.54 ? 11  DG  B H8     1 
ATOM   156  H  H1     . DG  A 1 5  ? 9.091   -12.630 16.137  1.00 127.40 ? 11  DG  B H1     1 
ATOM   157  H  H21    . DG  A 1 5  ? 8.823   -10.462 18.561  1.00 146.12 ? 11  DG  B H21    1 
ATOM   158  H  H22    . DG  A 1 5  ? 9.639   -10.890 17.391  1.00 146.12 ? 11  DG  B H22    1 
ATOM   159  P  P      . DA  A 1 6  ? 1.734   -9.686  21.209  1.00 162.65 ? 12  DA  B P      1 
ATOM   160  O  OP1    . DA  A 1 6  ? 1.418   -9.012  22.488  1.00 171.04 ? 12  DA  B OP1    1 
ATOM   161  O  OP2    . DA  A 1 6  ? 0.694   -9.805  20.163  1.00 157.49 ? 12  DA  B OP2    1 
ATOM   162  O  "O5'"  . DA  A 1 6  ? 2.997   -8.971  20.547  1.00 137.33 ? 12  DA  B "O5'"  1 
ATOM   163  C  "C5'"  . DA  A 1 6  ? 4.144   -8.688  21.332  1.00 141.91 ? 12  DA  B "C5'"  1 
ATOM   164  C  "C4'"  . DA  A 1 6  ? 4.973   -7.603  20.682  1.00 140.94 ? 12  DA  B "C4'"  1 
ATOM   165  O  "O4'"  . DA  A 1 6  ? 5.816   -8.193  19.652  1.00 131.58 ? 12  DA  B "O4'"  1 
ATOM   166  C  "C3'"  . DA  A 1 6  ? 4.157   -6.523  19.980  1.00 144.98 ? 12  DA  B "C3'"  1 
ATOM   167  O  "O3'"  . DA  A 1 6  ? 4.812   -5.251  20.064  1.00 156.75 ? 12  DA  B "O3'"  1 
ATOM   168  C  "C2'"  . DA  A 1 6  ? 4.073   -7.058  18.555  1.00 136.98 ? 12  DA  B "C2'"  1 
ATOM   169  C  "C1'"  . DA  A 1 6  ? 5.438   -7.710  18.375  1.00 128.41 ? 12  DA  B "C1'"  1 
ATOM   170  N  N9     . DA  A 1 6  ? 5.454   -8.826  17.428  1.00 120.10 ? 12  DA  B N9     1 
ATOM   171  C  C8     . DA  A 1 6  ? 4.533   -9.832  17.319  1.00 122.83 ? 12  DA  B C8     1 
ATOM   172  N  N7     . DA  A 1 6  ? 4.812   -10.706 16.379  1.00 107.76 ? 12  DA  B N7     1 
ATOM   173  C  C5     . DA  A 1 6  ? 6.001   -10.244 15.836  1.00 107.88 ? 12  DA  B C5     1 
ATOM   174  C  C6     . DA  A 1 6  ? 6.824   -10.729 14.799  1.00 102.48 ? 12  DA  B C6     1 
ATOM   175  N  N6     . DA  A 1 6  ? 6.551   -11.833 14.098  1.00 103.69 ? 12  DA  B N6     1 
ATOM   176  N  N1     . DA  A 1 6  ? 7.942   -10.031 14.508  1.00 107.41 ? 12  DA  B N1     1 
ATOM   177  C  C2     . DA  A 1 6  ? 8.212   -8.923  15.211  1.00 117.76 ? 12  DA  B C2     1 
ATOM   178  N  N3     . DA  A 1 6  ? 7.517   -8.372  16.206  1.00 120.40 ? 12  DA  B N3     1 
ATOM   179  C  C4     . DA  A 1 6  ? 6.413   -9.088  16.472  1.00 114.44 ? 12  DA  B C4     1 
ATOM   180  H  "H5'"  . DA  A 1 6  ? 4.679   -9.492  21.417  1.00 170.45 ? 12  DA  B "H5'"  1 
ATOM   181  H  "H5''" . DA  A 1 6  ? 3.864   -8.394  22.212  1.00 170.45 ? 12  DA  B "H5''" 1 
ATOM   182  H  "H4'"  . DA  A 1 6  ? 5.536   -7.188  21.354  1.00 169.29 ? 12  DA  B "H4'"  1 
ATOM   183  H  "H3'"  . DA  A 1 6  ? 3.270   -6.470  20.368  1.00 174.14 ? 12  DA  B "H3'"  1 
ATOM   184  H  "H2'"  . DA  A 1 6  ? 3.363   -7.714  18.475  1.00 164.53 ? 12  DA  B "H2'"  1 
ATOM   185  H  "H2''" . DA  A 1 6  ? 3.950   -6.333  17.921  1.00 164.53 ? 12  DA  B "H2''" 1 
ATOM   186  H  "H1'"  . DA  A 1 6  ? 6.076   -7.038  18.086  1.00 154.24 ? 12  DA  B "H1'"  1 
ATOM   187  H  H8     . DA  A 1 6  ? 3.777   -9.889  17.857  1.00 147.55 ? 12  DA  B H8     1 
ATOM   188  H  H61    . DA  A 1 6  ? 7.084   -12.089 13.474  1.00 124.59 ? 12  DA  B H61    1 
ATOM   189  H  H62    . DA  A 1 6  ? 5.841   -12.287 14.271  1.00 124.59 ? 12  DA  B H62    1 
ATOM   190  H  H2     . DA  A 1 6  ? 8.993   -8.477  14.972  1.00 141.47 ? 12  DA  B H2     1 
ATOM   191  P  P      . DC  A 1 7  ? 4.156   -3.936  19.409  1.00 167.18 ? 13  DC  B P      1 
ATOM   192  O  OP1    . DC  A 1 7  ? 4.044   -2.908  20.470  1.00 165.81 ? 13  DC  B OP1    1 
ATOM   193  O  OP2    . DC  A 1 7  ? 2.951   -4.339  18.650  1.00 151.24 ? 13  DC  B OP2    1 
ATOM   194  O  "O5'"  . DC  A 1 7  ? 5.262   -3.470  18.357  1.00 135.30 ? 13  DC  B "O5'"  1 
ATOM   195  C  "C5'"  . DC  A 1 7  ? 6.050   -4.451  17.696  1.00 130.30 ? 13  DC  B "C5'"  1 
ATOM   196  C  "C4'"  . DC  A 1 7  ? 6.915   -3.832  16.625  1.00 138.81 ? 13  DC  B "C4'"  1 
ATOM   197  O  "O4'"  . DC  A 1 7  ? 7.309   -4.868  15.681  1.00 131.64 ? 13  DC  B "O4'"  1 
ATOM   198  C  "C3'"  . DC  A 1 7  ? 6.234   -2.752  15.799  1.00 145.21 ? 13  DC  B "C3'"  1 
ATOM   199  O  "O3'"  . DC  A 1 7  ? 7.180   -1.749  15.414  1.00 154.20 ? 13  DC  B "O3'"  1 
ATOM   200  C  "C2'"  . DC  A 1 7  ? 5.665   -3.537  14.619  1.00 132.55 ? 13  DC  B "C2'"  1 
ATOM   201  C  "C1'"  . DC  A 1 7  ? 6.684   -4.660  14.426  1.00 123.46 ? 13  DC  B "C1'"  1 
ATOM   202  N  N1     . DC  A 1 7  ? 6.079   -5.966  13.959  1.00 121.53 ? 13  DC  B N1     1 
ATOM   203  C  C2     . DC  A 1 7  ? 6.730   -6.719  12.972  1.00 116.90 ? 13  DC  B C2     1 
ATOM   204  O  O2     . DC  A 1 7  ? 7.797   -6.305  12.502  1.00 123.48 ? 13  DC  B O2     1 
ATOM   205  N  N3     . DC  A 1 7  ? 6.171   -7.888  12.560  1.00 96.71  ? 13  DC  B N3     1 
ATOM   206  C  C4     . DC  A 1 7  ? 5.018   -8.301  13.091  1.00 98.33  ? 13  DC  B C4     1 
ATOM   207  N  N4     . DC  A 1 7  ? 4.506   -9.458  12.655  1.00 89.79  ? 13  DC  B N4     1 
ATOM   208  C  C5     . DC  A 1 7  ? 4.341   -7.548  14.093  1.00 106.58 ? 13  DC  B C5     1 
ATOM   209  C  C6     . DC  A 1 7  ? 4.899   -6.402  14.494  1.00 118.36 ? 13  DC  B C6     1 
ATOM   210  H  "H5'"  . DC  A 1 7  ? 5.463   -5.107  17.289  1.00 156.51 ? 13  DC  B "H5'"  1 
ATOM   211  H  "H5''" . DC  A 1 7  ? 6.617   -4.892  18.347  1.00 156.51 ? 13  DC  B "H5''" 1 
ATOM   212  H  "H4'"  . DC  A 1 7  ? 7.711   -3.460  17.037  1.00 166.73 ? 13  DC  B "H4'"  1 
ATOM   213  H  "H3'"  . DC  A 1 7  ? 5.513   -2.352  16.310  1.00 174.40 ? 13  DC  B "H3'"  1 
ATOM   214  H  "H2'"  . DC  A 1 7  ? 4.792   -3.899  14.837  1.00 159.22 ? 13  DC  B "H2'"  1 
ATOM   215  H  "H2''" . DC  A 1 7  ? 5.618   -2.977  13.827  1.00 159.22 ? 13  DC  B "H2''" 1 
ATOM   216  H  "H1'"  . DC  A 1 7  ? 7.351   -4.374  13.784  1.00 148.30 ? 13  DC  B "H1'"  1 
ATOM   217  H  H41    . DC  A 1 7  ? 3.766   -9.750  12.981  1.00 107.91 ? 13  DC  B H41    1 
ATOM   218  H  H42    . DC  A 1 7  ? 4.916   -9.909  12.049  1.00 107.91 ? 13  DC  B H42    1 
ATOM   219  H  H5     . DC  A 1 7  ? 3.539   -7.846  14.458  1.00 128.06 ? 13  DC  B H5     1 
ATOM   220  H  H6     . DC  A 1 7  ? 4.476   -5.891  15.146  1.00 142.19 ? 13  DC  B H6     1 
ATOM   221  P  P      . DA  A 1 8  ? 6.901   -0.785  14.161  1.00 156.31 ? 14  DA  B P      1 
ATOM   222  O  OP1    . DA  A 1 8  ? 7.875   0.328   14.236  1.00 153.66 ? 14  DA  B OP1    1 
ATOM   223  O  OP2    . DA  A 1 8  ? 5.446   -0.511  14.102  1.00 141.50 ? 14  DA  B OP2    1 
ATOM   224  O  "O5'"  . DA  A 1 8  ? 7.268   -1.701  12.908  1.00 133.32 ? 14  DA  B "O5'"  1 
ATOM   225  C  "C5'"  . DA  A 1 8  ? 7.608   -1.115  11.677  1.00 132.31 ? 14  DA  B "C5'"  1 
ATOM   226  C  "C4'"  . DA  A 1 8  ? 8.720   -1.892  11.009  1.00 124.52 ? 14  DA  B "C4'"  1 
ATOM   227  O  "O4'"  . DA  A 1 8  ? 8.412   -3.312  11.069  1.00 115.42 ? 14  DA  B "O4'"  1 
ATOM   228  C  "C3'"  . DA  A 1 8  ? 8.928   -1.562  9.540   1.00 136.99 ? 14  DA  B "C3'"  1 
ATOM   229  O  "O3'"  . DA  A 1 8  ? 10.308  -1.565  9.207   1.00 147.34 ? 14  DA  B "O3'"  1 
ATOM   230  C  "C2'"  . DA  A 1 8  ? 8.152   -2.650  8.814   1.00 129.11 ? 14  DA  B "C2'"  1 
ATOM   231  C  "C1'"  . DA  A 1 8  ? 8.213   -3.834  9.768   1.00 124.61 ? 14  DA  B "C1'"  1 
ATOM   232  N  N9     . DA  A 1 8  ? 6.991   -4.637  9.764   1.00 119.32 ? 14  DA  B N9     1 
ATOM   233  C  C8     . DA  A 1 8  ? 5.842   -4.391  10.465  1.00 112.61 ? 14  DA  B C8     1 
ATOM   234  N  N7     . DA  A 1 8  ? 4.895   -5.279  10.258  1.00 102.98 ? 14  DA  B N7     1 
ATOM   235  C  C5     . DA  A 1 8  ? 5.460   -6.164  9.354   1.00 100.34 ? 14  DA  B C5     1 
ATOM   236  C  C6     . DA  A 1 8  ? 4.968   -7.332  8.732   1.00 96.31  ? 14  DA  B C6     1 
ATOM   237  N  N6     . DA  A 1 8  ? 3.741   -7.817  8.947   1.00 87.89  ? 14  DA  B N6     1 
ATOM   238  N  N1     . DA  A 1 8  ? 5.789   -7.981  7.879   1.00 95.93  ? 14  DA  B N1     1 
ATOM   239  C  C2     . DA  A 1 8  ? 7.016   -7.487  7.661   1.00 102.98 ? 14  DA  B C2     1 
ATOM   240  N  N3     . DA  A 1 8  ? 7.590   -6.407  8.192   1.00 104.13 ? 14  DA  B N3     1 
ATOM   241  C  C4     . DA  A 1 8  ? 6.750   -5.782  9.034   1.00 105.07 ? 14  DA  B C4     1 
ATOM   242  H  "H5'"  . DA  A 1 8  ? 7.902   -0.202  11.828  1.00 158.93 ? 14  DA  B "H5'"  1 
ATOM   243  H  "H5''" . DA  A 1 8  ? 6.829   -1.108  11.100  1.00 158.93 ? 14  DA  B "H5''" 1 
ATOM   244  H  "H4'"  . DA  A 1 8  ? 9.547   -1.730  11.487  1.00 149.58 ? 14  DA  B "H4'"  1 
ATOM   245  H  "H3'"  . DA  A 1 8  ? 8.542   -0.694  9.340   1.00 164.54 ? 14  DA  B "H3'"  1 
ATOM   246  H  "H2'"  . DA  A 1 8  ? 7.233   -2.375  8.670   1.00 155.08 ? 14  DA  B "H2'"  1 
ATOM   247  H  "H2''" . DA  A 1 8  ? 8.580   -2.869  7.971   1.00 155.08 ? 14  DA  B "H2''" 1 
ATOM   248  H  "H1'"  . DA  A 1 8  ? 8.966   -4.398  9.531   1.00 149.69 ? 14  DA  B "H1'"  1 
ATOM   249  H  H8     . DA  A 1 8  ? 5.741   -3.667  11.039  1.00 135.29 ? 14  DA  B H8     1 
ATOM   250  H  H61    . DA  A 1 8  ? 3.485   -8.534  8.546   1.00 105.62 ? 14  DA  B H61    1 
ATOM   251  H  H62    . DA  A 1 8  ? 3.206   -7.413  9.487   1.00 105.62 ? 14  DA  B H62    1 
ATOM   252  H  H2     . DA  A 1 8  ? 7.545   -7.974  7.072   1.00 123.73 ? 14  DA  B H2     1 
ATOM   253  P  P      . DG  A 1 9  ? 10.786  -1.022  7.773   1.00 159.41 ? 15  DG  B P      1 
ATOM   254  O  OP1    . DG  A 1 9  ? 12.199  -0.598  7.898   1.00 166.18 ? 15  DG  B OP1    1 
ATOM   255  O  OP2    . DG  A 1 9  ? 9.768   -0.062  7.290   1.00 153.11 ? 15  DG  B OP2    1 
ATOM   256  O  "O5'"  . DG  A 1 9  ? 10.709  -2.316  6.842   1.00 125.72 ? 15  DG  B "O5'"  1 
ATOM   257  C  "C5'"  . DG  A 1 9  ? 10.192  -2.217  5.528   1.00 133.45 ? 15  DG  B "C5'"  1 
ATOM   258  C  "C4'"  . DG  A 1 9  ? 9.810   -3.585  5.004   1.00 137.62 ? 15  DG  B "C4'"  1 
ATOM   259  O  "O4'"  . DG  A 1 9  ? 8.798   -4.143  5.869   1.00 130.23 ? 15  DG  B "O4'"  1 
ATOM   260  C  "C3'"  . DG  A 1 9  ? 9.227   -3.587  3.592   1.00 135.53 ? 15  DG  B "C3'"  1 
ATOM   261  O  "O3'"  . DG  A 1 9  ? 10.162  -4.138  2.666   1.00 142.67 ? 15  DG  B "O3'"  1 
ATOM   262  C  "C2'"  . DG  A 1 9  ? 7.952   -4.427  3.678   1.00 123.73 ? 15  DG  B "C2'"  1 
ATOM   263  C  "C1'"  . DG  A 1 9  ? 7.871   -4.897  5.125   1.00 122.63 ? 15  DG  B "C1'"  1 
ATOM   264  N  N9     . DG  A 1 9  ? 6.553   -4.719  5.730   1.00 111.08 ? 15  DG  B N9     1 
ATOM   265  C  C8     . DG  A 1 9  ? 6.157   -3.691  6.547   1.00 113.83 ? 15  DG  B C8     1 
ATOM   266  N  N7     . DG  A 1 9  ? 4.923   -3.792  6.955   1.00 108.46 ? 15  DG  B N7     1 
ATOM   267  C  C5     . DG  A 1 9  ? 4.468   -4.965  6.369   1.00 98.82  ? 15  DG  B C5     1 
ATOM   268  C  C6     . DG  A 1 9  ? 3.200   -5.590  6.447   1.00 94.32  ? 15  DG  B C6     1 
ATOM   269  O  O6     . DG  A 1 9  ? 2.197   -5.217  7.073   1.00 88.26  ? 15  DG  B O6     1 
ATOM   270  N  N1     . DG  A 1 9  ? 3.161   -6.767  5.700   1.00 85.85  ? 15  DG  B N1     1 
ATOM   271  C  C2     . DG  A 1 9  ? 4.215   -7.271  4.973   1.00 93.26  ? 15  DG  B C2     1 
ATOM   272  N  N2     . DG  A 1 9  ? 3.994   -8.414  4.313   1.00 88.28  ? 15  DG  B N2     1 
ATOM   273  N  N3     . DG  A 1 9  ? 5.405   -6.692  4.891   1.00 97.98  ? 15  DG  B N3     1 
ATOM   274  C  C4     . DG  A 1 9  ? 5.459   -5.547  5.610   1.00 100.06 ? 15  DG  B C4     1 
ATOM   275  H  "H5'"  . DG  A 1 9  ? 10.866  -1.829  4.947   1.00 160.29 ? 15  DG  B "H5'"  1 
ATOM   276  H  "H5''" . DG  A 1 9  ? 9.408   -1.647  5.535   1.00 160.29 ? 15  DG  B "H5''" 1 
ATOM   277  H  "H4'"  . DG  A 1 9  ? 10.591  -4.159  5.021   1.00 165.30 ? 15  DG  B "H4'"  1 
ATOM   278  H  "H3'"  . DG  A 1 9  ? 9.004   -2.679  3.331   1.00 162.79 ? 15  DG  B "H3'"  1 
ATOM   279  H  "H2'"  . DG  A 1 9  ? 7.177   -3.884  3.459   1.00 148.63 ? 15  DG  B "H2'"  1 
ATOM   280  H  "H2''" . DG  A 1 9  ? 8.009   -5.188  3.081   1.00 148.63 ? 15  DG  B "H2''" 1 
ATOM   281  H  "H1'"  . DG  A 1 9  ? 8.116   -5.835  5.168   1.00 147.31 ? 15  DG  B "H1'"  1 
ATOM   282  H  H8     . DG  A 1 9  ? 6.718   -2.989  6.791   1.00 136.75 ? 15  DG  B H8     1 
ATOM   283  H  H1     . DG  A 1 9  ? 2.423   -7.210  5.693   1.00 103.17 ? 15  DG  B H1     1 
ATOM   284  H  H21    . DG  A 1 9  ? 4.620   -8.765  3.840   1.00 106.09 ? 15  DG  B H21    1 
ATOM   285  H  H22    . DG  A 1 9  ? 3.225   -8.797  4.362   1.00 106.09 ? 15  DG  B H22    1 
ATOM   286  P  P      . DA  A 1 10 ? 9.974   -3.895  1.087   1.00 157.14 ? 16  DA  B P      1 
ATOM   287  O  OP1    . DA  A 1 10 ? 11.309  -3.977  0.457   1.00 166.66 ? 16  DA  B OP1    1 
ATOM   288  O  OP2    . DA  A 1 10 ? 9.156   -2.679  0.915   1.00 152.19 ? 16  DA  B OP2    1 
ATOM   289  O  "O5'"  . DA  A 1 10 ? 9.103   -5.141  0.588   1.00 126.24 ? 16  DA  B "O5'"  1 
ATOM   290  C  "C5'"  . DA  A 1 10 ? 9.751   -6.341  0.199   1.00 137.90 ? 16  DA  B "C5'"  1 
ATOM   291  C  "C4'"  . DA  A 1 10 ? 8.771   -7.317  -0.428  1.00 141.71 ? 16  DA  B "C4'"  1 
ATOM   292  O  "O4'"  . DA  A 1 10 ? 7.613   -7.484  0.442   1.00 140.23 ? 16  DA  B "O4'"  1 
ATOM   293  C  "C3'"  . DA  A 1 10 ? 8.198   -6.887  -1.769  1.00 129.39 ? 16  DA  B "C3'"  1 
ATOM   294  O  "O3'"  . DA  A 1 10 ? 7.953   -8.028  -2.578  1.00 129.36 ? 16  DA  B "O3'"  1 
ATOM   295  C  "C2'"  . DA  A 1 10 ? 6.919   -6.171  -1.360  1.00 121.92 ? 16  DA  B "C2'"  1 
ATOM   296  C  "C1'"  . DA  A 1 10 ? 6.437   -7.063  -0.232  1.00 119.21 ? 16  DA  B "C1'"  1 
ATOM   297  N  N9     . DA  A 1 10 ? 5.562   -6.412  0.740   1.00 103.46 ? 16  DA  B N9     1 
ATOM   298  C  C8     . DA  A 1 10 ? 5.891   -5.386  1.571   1.00 115.42 ? 16  DA  B C8     1 
ATOM   299  N  N7     . DA  A 1 10 ? 4.918   -5.010  2.367   1.00 113.56 ? 16  DA  B N7     1 
ATOM   300  C  C5     . DA  A 1 10 ? 3.875   -5.853  2.034   1.00 101.14 ? 16  DA  B C5     1 
ATOM   301  C  C6     . DA  A 1 10 ? 2.557   -5.965  2.518   1.00 96.78  ? 16  DA  B C6     1 
ATOM   302  N  N6     . DA  A 1 10 ? 2.057   -5.181  3.480   1.00 96.11  ? 16  DA  B N6     1 
ATOM   303  N  N1     . DA  A 1 10 ? 1.770   -6.914  1.973   1.00 85.29  ? 16  DA  B N1     1 
ATOM   304  C  C2     . DA  A 1 10 ? 2.276   -7.694  1.010   1.00 99.66  ? 16  DA  B C2     1 
ATOM   305  N  N3     . DA  A 1 10 ? 3.499   -7.685  0.475   1.00 109.96 ? 16  DA  B N3     1 
ATOM   306  C  C4     . DA  A 1 10 ? 4.255   -6.731  1.036   1.00 100.38 ? 16  DA  B C4     1 
ATOM   307  H  "H5'"  . DA  A 1 10 ? 10.153  -6.753  0.980   1.00 165.64 ? 16  DA  B "H5'"  1 
ATOM   308  H  "H5''" . DA  A 1 10 ? 10.447  -6.133  -0.444  1.00 165.64 ? 16  DA  B "H5''" 1 
ATOM   309  H  "H4'"  . DA  A 1 10 ? 9.209   -8.176  -0.536  1.00 170.21 ? 16  DA  B "H4'"  1 
ATOM   310  H  "H3'"  . DA  A 1 10 ? 8.802   -6.275  -2.217  1.00 155.42 ? 16  DA  B "H3'"  1 
ATOM   311  H  "H2'"  . DA  A 1 10 ? 7.109   -5.275  -1.039  1.00 146.46 ? 16  DA  B "H2'"  1 
ATOM   312  H  "H2''" . DA  A 1 10 ? 6.279   -6.156  -2.090  1.00 146.46 ? 16  DA  B "H2''" 1 
ATOM   313  H  "H1'"  . DA  A 1 10 ? 5.985   -7.836  -0.605  1.00 143.20 ? 16  DA  B "H1'"  1 
ATOM   314  H  H8     . DA  A 1 10 ? 6.731   -4.988  1.578   1.00 138.66 ? 16  DA  B H8     1 
ATOM   315  H  H61    . DA  A 1 10 ? 1.244   -5.284  3.740   1.00 115.48 ? 16  DA  B H61    1 
ATOM   316  H  H62    . DA  A 1 10 ? 2.549   -4.572  3.837   1.00 115.48 ? 16  DA  B H62    1 
ATOM   317  H  H2     . DA  A 1 10 ? 1.694   -8.333  0.665   1.00 119.75 ? 16  DA  B H2     1 
ATOM   318  P  P      . DG  A 1 11 ? 7.796   -7.887  -4.168  1.00 154.72 ? 17  DG  B P      1 
ATOM   319  O  OP1    . DG  A 1 11 ? 8.807   -8.763  -4.804  1.00 155.53 ? 17  DG  B OP1    1 
ATOM   320  O  OP2    . DG  A 1 11 ? 7.748   -6.442  -4.482  1.00 149.84 ? 17  DG  B OP2    1 
ATOM   321  O  "O5'"  . DG  A 1 11 ? 6.349   -8.495  -4.453  1.00 133.15 ? 17  DG  B "O5'"  1 
ATOM   322  C  "C5'"  . DG  A 1 11 ? 5.247   -8.065  -3.679  1.00 127.05 ? 17  DG  B "C5'"  1 
ATOM   323  C  "C4'"  . DG  A 1 11 ? 3.946   -8.462  -4.329  1.00 127.36 ? 17  DG  B "C4'"  1 
ATOM   324  O  "O4'"  . DG  A 1 11 ? 2.857   -8.239  -3.400  1.00 124.02 ? 17  DG  B "O4'"  1 
ATOM   325  C  "C3'"  . DG  A 1 11 ? 3.600   -7.679  -5.582  1.00 125.38 ? 17  DG  B "C3'"  1 
ATOM   326  O  "O3'"  . DG  A 1 11 ? 3.019   -8.538  -6.562  1.00 136.99 ? 17  DG  B "O3'"  1 
ATOM   327  C  "C2'"  . DG  A 1 11 ? 2.644   -6.580  -5.096  1.00 105.22 ? 17  DG  B "C2'"  1 
ATOM   328  C  "C1'"  . DG  A 1 11 ? 2.141   -7.067  -3.736  1.00 108.48 ? 17  DG  B "C1'"  1 
ATOM   329  N  N9     . DG  A 1 11 ? 2.320   -6.083  -2.664  1.00 104.21 ? 17  DG  B N9     1 
ATOM   330  C  C8     . DG  A 1 11 ? 3.446   -5.339  -2.398  1.00 105.88 ? 17  DG  B C8     1 
ATOM   331  N  N7     . DG  A 1 11 ? 3.312   -4.539  -1.374  1.00 103.28 ? 17  DG  B N7     1 
ATOM   332  C  C5     . DG  A 1 11 ? 2.015   -4.770  -0.930  1.00 94.82  ? 17  DG  B C5     1 
ATOM   333  C  C6     . DG  A 1 11 ? 1.301   -4.193  0.152   1.00 99.96  ? 17  DG  B C6     1 
ATOM   334  O  O6     . DG  A 1 11 ? 1.687   -3.338  0.961   1.00 93.44  ? 17  DG  B O6     1 
ATOM   335  N  N1     . DG  A 1 11 ? 0.012   -4.710  0.252   1.00 84.45  ? 17  DG  B N1     1 
ATOM   336  C  C2     . DG  A 1 11 ? -0.517  -5.662  -0.591  1.00 89.32  ? 17  DG  B C2     1 
ATOM   337  N  N2     . DG  A 1 11 ? -1.775  -6.041  -0.349  1.00 84.07  ? 17  DG  B N2     1 
ATOM   338  N  N3     . DG  A 1 11 ? 0.139   -6.206  -1.605  1.00 88.57  ? 17  DG  B N3     1 
ATOM   339  C  C4     . DG  A 1 11 ? 1.393   -5.716  -1.715  1.00 89.76  ? 17  DG  B C4     1 
ATOM   340  H  "H5'"  . DG  A 1 11 ? 5.278   -7.100  -3.590  1.00 152.62 ? 17  DG  B "H5'"  1 
ATOM   341  H  "H5''" . DG  A 1 11 ? 5.301   -8.467  -2.798  1.00 152.62 ? 17  DG  B "H5''" 1 
ATOM   342  H  "H4'"  . DG  A 1 11 ? 3.980   -9.407  -4.548  1.00 152.99 ? 17  DG  B "H4'"  1 
ATOM   343  H  "H3'"  . DG  A 1 11 ? 4.405   -7.273  -5.942  1.00 150.61 ? 17  DG  B "H3'"  1 
ATOM   344  H  "H2'"  . DG  A 1 11 ? 3.117   -5.739  -4.998  1.00 126.42 ? 17  DG  B "H2'"  1 
ATOM   345  H  "H2''" . DG  A 1 11 ? 1.902   -6.481  -5.713  1.00 126.42 ? 17  DG  B "H2''" 1 
ATOM   346  H  "H1'"  . DG  A 1 11 ? 1.198   -7.283  -3.809  1.00 130.34 ? 17  DG  B "H1'"  1 
ATOM   347  H  H8     . DG  A 1 11 ? 4.226   -5.397  -2.902  1.00 127.21 ? 17  DG  B H8     1 
ATOM   348  H  H1     . DG  A 1 11 ? -0.488  -4.413  0.883   1.00 101.50 ? 17  DG  B H1     1 
ATOM   349  H  H21    . DG  A 1 11 ? -2.150  -6.631  -0.850  1.00 101.04 ? 17  DG  B H21    1 
ATOM   350  H  H22    . DG  A 1 11 ? -2.210  -5.696  0.309   1.00 101.04 ? 17  DG  B H22    1 
ATOM   351  P  P      . DA  A 1 12 ? 2.195   -7.927  -7.796  1.00 131.92 ? 18  DA  B P      1 
ATOM   352  O  OP1    . DA  A 1 12 ? 2.221   -8.911  -8.902  1.00 125.40 ? 18  DA  B OP1    1 
ATOM   353  O  OP2    . DA  A 1 12 ? 2.670   -6.541  -8.014  1.00 100.61 ? 18  DA  B OP2    1 
ATOM   354  O  "O5'"  . DA  A 1 12 ? 0.714   -7.838  -7.218  1.00 116.10 ? 18  DA  B "O5'"  1 
ATOM   355  C  "C5'"  . DA  A 1 12 ? -0.261  -7.072  -7.879  1.00 122.24 ? 18  DA  B "C5'"  1 
ATOM   356  C  "C4'"  . DA  A 1 12 ? -1.638  -7.442  -7.377  1.00 114.63 ? 18  DA  B "C4'"  1 
ATOM   357  O  "O4'"  . DA  A 1 12 ? -1.698  -7.227  -5.945  1.00 99.67  ? 18  DA  B "O4'"  1 
ATOM   358  C  "C3'"  . DA  A 1 12 ? -2.774  -6.632  -7.973  1.00 103.62 ? 18  DA  B "C3'"  1 
ATOM   359  O  "O3'"  . DA  A 1 12 ? -3.926  -7.443  -8.147  1.00 101.44 ? 18  DA  B "O3'"  1 
ATOM   360  C  "C2'"  . DA  A 1 12 ? -2.990  -5.508  -6.961  1.00 108.21 ? 18  DA  B "C2'"  1 
ATOM   361  C  "C1'"  . DA  A 1 12 ? -2.475  -6.083  -5.642  1.00 98.67  ? 18  DA  B "C1'"  1 
ATOM   362  N  N9     . DA  A 1 12 ? -1.643  -5.143  -4.893  1.00 97.02  ? 18  DA  B N9     1 
ATOM   363  C  C8     . DA  A 1 12 ? -0.358  -4.774  -5.177  1.00 99.95  ? 18  DA  B C8     1 
ATOM   364  N  N7     . DA  A 1 12 ? 0.141   -3.901  -4.333  1.00 100.95 ? 18  DA  B N7     1 
ATOM   365  C  C5     . DA  A 1 12 ? -0.890  -3.677  -3.437  1.00 89.25  ? 18  DA  B C5     1 
ATOM   366  C  C6     . DA  A 1 12 ? -0.999  -2.849  -2.299  1.00 88.47  ? 18  DA  B C6     1 
ATOM   367  N  N6     . DA  A 1 12 ? -0.010  -2.064  -1.858  1.00 88.53  ? 18  DA  B N6     1 
ATOM   368  N  N1     . DA  A 1 12 ? -2.168  -2.862  -1.629  1.00 85.25  ? 18  DA  B N1     1 
ATOM   369  C  C2     . DA  A 1 12 ? -3.156  -3.649  -2.071  1.00 92.18  ? 18  DA  B C2     1 
ATOM   370  N  N3     . DA  A 1 12 ? -3.173  -4.465  -3.124  1.00 81.18  ? 18  DA  B N3     1 
ATOM   371  C  C4     . DA  A 1 12 ? -1.999  -4.434  -3.770  1.00 84.82  ? 18  DA  B C4     1 
ATOM   372  H  "H5'"  . DA  A 1 12 ? -0.210  -7.240  -8.833  1.00 146.85 ? 18  DA  B "H5'"  1 
ATOM   373  H  "H5''" . DA  A 1 12 ? -0.099  -6.131  -7.709  1.00 146.85 ? 18  DA  B "H5''" 1 
ATOM   374  H  "H4'"  . DA  A 1 12 ? -1.794  -8.381  -7.559  1.00 137.71 ? 18  DA  B "H4'"  1 
ATOM   375  H  "H3'"  . DA  A 1 12 ? -2.500  -6.259  -8.826  1.00 124.50 ? 18  DA  B "H3'"  1 
ATOM   376  H  "H2'"  . DA  A 1 12 ? -2.478  -4.723  -7.213  1.00 130.01 ? 18  DA  B "H2'"  1 
ATOM   377  H  "H2''" . DA  A 1 12 ? -3.933  -5.292  -6.892  1.00 130.01 ? 18  DA  B "H2''" 1 
ATOM   378  H  "H1'"  . DA  A 1 12 ? -3.229  -6.347  -5.093  1.00 118.56 ? 18  DA  B "H1'"  1 
ATOM   379  H  H8     . DA  A 1 12 ? 0.121   -5.113  -5.898  1.00 120.09 ? 18  DA  B H8     1 
ATOM   380  H  H61    . DA  A 1 12 ? -0.125  -1.580  -1.157  1.00 106.40 ? 18  DA  B H61    1 
ATOM   381  H  H62    . DA  A 1 12 ? 0.742   -2.043  -2.276  1.00 106.40 ? 18  DA  B H62    1 
ATOM   382  H  H2     . DA  A 1 12 ? -3.943  -3.621  -1.574  1.00 110.77 ? 18  DA  B H2     1 
ATOM   383  P  P      . DC  A 1 13 ? -5.081  -6.986  -9.161  1.00 124.00 ? 19  DC  B P      1 
ATOM   384  O  OP1    . DC  A 1 13 ? -5.968  -8.148  -9.403  1.00 142.83 ? 19  DC  B OP1    1 
ATOM   385  O  OP2    . DC  A 1 13 ? -4.438  -6.296  -10.301 1.00 129.05 ? 19  DC  B OP2    1 
ATOM   386  O  "O5'"  . DC  A 1 13 ? -5.885  -5.890  -8.328  1.00 124.48 ? 19  DC  B "O5'"  1 
ATOM   387  C  "C5'"  . DC  A 1 13 ? -6.367  -6.211  -7.036  1.00 112.04 ? 19  DC  B "C5'"  1 
ATOM   388  C  "C4'"  . DC  A 1 13 ? -6.833  -4.970  -6.298  1.00 107.58 ? 19  DC  B "C4'"  1 
ATOM   389  O  "O4'"  . DC  A 1 13 ? -5.753  -4.415  -5.524  1.00 99.42  ? 19  DC  B "O4'"  1 
ATOM   390  C  "C3'"  . DC  A 1 13 ? -7.294  -3.814  -7.178  1.00 105.49 ? 19  DC  B "C3'"  1 
ATOM   391  O  "O3'"  . DC  A 1 13 ? -8.683  -3.891  -7.423  1.00 102.76 ? 19  DC  B "O3'"  1 
ATOM   392  C  "C2'"  . DC  A 1 13 ? -6.922  -2.563  -6.370  1.00 103.78 ? 19  DC  B "C2'"  1 
ATOM   393  C  "C1'"  . DC  A 1 13 ? -6.118  -3.100  -5.185  1.00 91.88  ? 19  DC  B "C1'"  1 
ATOM   394  N  N1     . DC  A 1 13 ? -4.895  -2.306  -4.886  1.00 81.86  ? 19  DC  B N1     1 
ATOM   395  C  C2     . DC  A 1 13 ? -4.887  -1.436  -3.786  1.00 88.49  ? 19  DC  B C2     1 
ATOM   396  O  O2     . DC  A 1 13 ? -5.895  -1.355  -3.070  1.00 82.35  ? 19  DC  B O2     1 
ATOM   397  N  N3     . DC  A 1 13 ? -3.769  -0.714  -3.530  1.00 83.33  ? 19  DC  B N3     1 
ATOM   398  C  C4     . DC  A 1 13 ? -2.704  -0.832  -4.323  1.00 82.86  ? 19  DC  B C4     1 
ATOM   399  N  N4     . DC  A 1 13 ? -1.624  -0.100  -4.033  1.00 82.59  ? 19  DC  B N4     1 
ATOM   400  C  C5     . DC  A 1 13 ? -2.698  -1.705  -5.452  1.00 75.03  ? 19  DC  B C5     1 
ATOM   401  C  C6     . DC  A 1 13 ? -3.804  -2.413  -5.693  1.00 77.54  ? 19  DC  B C6     1 
ATOM   402  H  "H5'"  . DC  A 1 13 ? -5.658  -6.635  -6.527  1.00 134.60 ? 19  DC  B "H5'"  1 
ATOM   403  H  "H5''" . DC  A 1 13 ? -7.111  -6.829  -7.119  1.00 134.60 ? 19  DC  B "H5''" 1 
ATOM   404  H  "H4'"  . DC  A 1 13 ? -7.556  -5.214  -5.699  1.00 129.26 ? 19  DC  B "H4'"  1 
ATOM   405  H  "H3'"  . DC  A 1 13 ? -6.807  -3.823  -8.018  1.00 126.75 ? 19  DC  B "H3'"  1 
ATOM   406  H  "H2'"  . DC  A 1 13 ? -6.378  -1.964  -6.905  1.00 124.69 ? 19  DC  B "H2'"  1 
ATOM   407  H  "H2''" . DC  A 1 13 ? -7.722  -2.109  -6.061  1.00 124.69 ? 19  DC  B "H2''" 1 
ATOM   408  H  "H1'"  . DC  A 1 13 ? -6.686  -3.119  -4.398  1.00 110.41 ? 19  DC  B "H1'"  1 
ATOM   409  H  H41    . DC  A 1 13 ? -0.922  -0.155  -4.527  1.00 99.26  ? 19  DC  B H41    1 
ATOM   410  H  H42    . DC  A 1 13 ? -1.630  0.426   -3.354  1.00 99.26  ? 19  DC  B H42    1 
ATOM   411  H  H5     . DC  A 1 13 ? -1.949  -1.780  -5.999  1.00 90.20  ? 19  DC  B H5     1 
ATOM   412  H  H6     . DC  A 1 13 ? -3.828  -2.991  -6.423  1.00 93.20  ? 19  DC  B H6     1 
ATOM   413  P  P      . DG  A 1 14 ? -9.384  -2.815  -8.385  1.00 110.72 ? 20  DG  B P      1 
ATOM   414  O  OP1    . DG  A 1 14 ? -10.660 -3.405  -8.841  1.00 127.17 ? 20  DG  B OP1    1 
ATOM   415  O  OP2    . DG  A 1 14 ? -8.376  -2.395  -9.382  1.00 122.49 ? 20  DG  B OP2    1 
ATOM   416  O  "O5'"  . DG  A 1 14 ? -9.692  -1.574  -7.422  1.00 92.09  ? 20  DG  B "O5'"  1 
ATOM   417  C  "C5'"  . DG  A 1 14 ? -10.473 -1.769  -6.254  1.00 102.40 ? 20  DG  B "C5'"  1 
ATOM   418  C  "C4'"  . DG  A 1 14 ? -10.250 -0.652  -5.251  1.00 104.20 ? 20  DG  B "C4'"  1 
ATOM   419  O  "O4'"  . DG  A 1 14 ? -8.834  -0.444  -5.072  1.00 101.62 ? 20  DG  B "O4'"  1 
ATOM   420  C  "C3'"  . DG  A 1 14 ? -10.819 0.709   -5.661  1.00 108.69 ? 20  DG  B "C3'"  1 
ATOM   421  O  "O3'"  . DG  A 1 14 ? -11.992 1.010   -4.910  1.00 127.63 ? 20  DG  B "O3'"  1 
ATOM   422  C  "C2'"  . DG  A 1 14 ? -9.681  1.707   -5.388  1.00 98.58  ? 20  DG  B "C2'"  1 
ATOM   423  C  "C1'"  . DG  A 1 14 ? -8.625  0.883   -4.674  1.00 86.99  ? 20  DG  B "C1'"  1 
ATOM   424  N  N9     . DG  A 1 14 ? -7.256  1.267   -4.999  1.00 80.65  ? 20  DG  B N9     1 
ATOM   425  C  C8     . DG  A 1 14 ? -6.493  0.816   -6.049  1.00 81.98  ? 20  DG  B C8     1 
ATOM   426  N  N7     . DG  A 1 14 ? -5.298  1.337   -6.082  1.00 76.90  ? 20  DG  B N7     1 
ATOM   427  C  C5     . DG  A 1 14 ? -5.267  2.186   -4.982  1.00 75.81  ? 20  DG  B C5     1 
ATOM   428  C  C6     . DG  A 1 14 ? -4.232  3.022   -4.504  1.00 80.38  ? 20  DG  B C6     1 
ATOM   429  O  O6     . DG  A 1 14 ? -3.095  3.181   -4.973  1.00 69.12  ? 20  DG  B O6     1 
ATOM   430  N  N1     . DG  A 1 14 ? -4.615  3.715   -3.359  1.00 79.68  ? 20  DG  B N1     1 
ATOM   431  C  C2     . DG  A 1 14 ? -5.845  3.612   -2.755  1.00 85.41  ? 20  DG  B C2     1 
ATOM   432  N  N2     . DG  A 1 14 ? -6.035  4.358   -1.658  1.00 92.32  ? 20  DG  B N2     1 
ATOM   433  N  N3     . DG  A 1 14 ? -6.825  2.834   -3.195  1.00 75.30  ? 20  DG  B N3     1 
ATOM   434  C  C4     . DG  A 1 14 ? -6.466  2.153   -4.308  1.00 70.24  ? 20  DG  B C4     1 
ATOM   435  H  "H5'"  . DG  A 1 14 ? -10.228 -2.615  -5.846  1.00 123.03 ? 20  DG  B "H5'"  1 
ATOM   436  H  "H5''" . DG  A 1 14 ? -11.411 -1.794  -6.499  1.00 123.03 ? 20  DG  B "H5''" 1 
ATOM   437  H  "H4'"  . DG  A 1 14 ? -10.640 -0.912  -4.401  1.00 125.19 ? 20  DG  B "H4'"  1 
ATOM   438  H  "H3'"  . DG  A 1 14 ? -11.029 0.703   -6.609  1.00 130.59 ? 20  DG  B "H3'"  1 
ATOM   439  H  "H2'"  . DG  A 1 14 ? -9.331  2.057   -6.222  1.00 118.45 ? 20  DG  B "H2'"  1 
ATOM   440  H  "H2''" . DG  A 1 14 ? -9.992  2.427   -4.819  1.00 118.45 ? 20  DG  B "H2''" 1 
ATOM   441  H  "H1'"  . DG  A 1 14 ? -8.759  0.953   -3.715  1.00 104.54 ? 20  DG  B "H1'"  1 
ATOM   442  H  H8     . DG  A 1 14 ? -6.798  0.200   -6.675  1.00 98.53  ? 20  DG  B H8     1 
ATOM   443  H  H1     . DG  A 1 14 ? -4.041  4.248   -3.004  1.00 95.77  ? 20  DG  B H1     1 
ATOM   444  H  H21    . DG  A 1 14 ? -6.788  4.331   -1.244  1.00 110.94 ? 20  DG  B H21    1 
ATOM   445  H  H22    . DG  A 1 14 ? -5.403  4.865   -1.368  1.00 110.94 ? 20  DG  B H22    1 
ATOM   446  P  P      . DC  A 1 15 ? -12.926 2.251   -5.324  1.00 128.41 ? 21  DC  B P      1 
ATOM   447  O  OP1    . DC  A 1 15 ? -13.785 2.567   -4.160  1.00 108.08 ? 21  DC  B OP1    1 
ATOM   448  O  OP2    . DC  A 1 15 ? -13.538 1.941   -6.634  1.00 123.36 ? 21  DC  B OP2    1 
ATOM   449  O  "O5'"  . DC  A 1 15 ? -11.893 3.446   -5.555  1.00 96.87  ? 21  DC  B "O5'"  1 
ATOM   450  C  "C5'"  . DC  A 1 15 ? -12.217 4.761   -5.139  1.00 108.48 ? 21  DC  B "C5'"  1 
ATOM   451  C  "C4'"  . DC  A 1 15 ? -11.148 5.313   -4.212  1.00 101.41 ? 21  DC  B "C4'"  1 
ATOM   452  O  "O4'"  . DC  A 1 15 ? -9.874  4.733   -4.540  1.00 100.34 ? 21  DC  B "O4'"  1 
ATOM   453  C  "C3'"  . DC  A 1 15 ? -10.933 6.815   -4.304  1.00 98.41  ? 21  DC  B "C3'"  1 
ATOM   454  O  "O3'"  . DC  A 1 15 ? -11.728 7.483   -3.347  1.00 93.99  ? 21  DC  B "O3'"  1 
ATOM   455  C  "C2'"  . DC  A 1 15 ? -9.433  7.003   -4.036  1.00 97.03  ? 21  DC  B "C2'"  1 
ATOM   456  C  "C1'"  . DC  A 1 15 ? -8.848  5.590   -4.095  1.00 93.84  ? 21  DC  B "C1'"  1 
ATOM   457  N  N1     . DC  A 1 15 ? -7.690  5.453   -5.025  1.00 87.48  ? 21  DC  B N1     1 
ATOM   458  C  C2     . DC  A 1 15 ? -6.516  6.184   -4.795  1.00 90.17  ? 21  DC  B C2     1 
ATOM   459  O  O2     . DC  A 1 15 ? -6.457  6.947   -3.820  1.00 83.78  ? 21  DC  B O2     1 
ATOM   460  N  N3     . DC  A 1 15 ? -5.473  6.035   -5.652  1.00 73.24  ? 21  DC  B N3     1 
ATOM   461  C  C4     . DC  A 1 15 ? -5.575  5.200   -6.689  1.00 81.24  ? 21  DC  B C4     1 
ATOM   462  N  N4     . DC  A 1 15 ? -4.524  5.085   -7.508  1.00 70.42  ? 21  DC  B N4     1 
ATOM   463  C  C5     . DC  A 1 15 ? -6.762  4.447   -6.934  1.00 84.95  ? 21  DC  B C5     1 
ATOM   464  C  C6     . DC  A 1 15 ? -7.782  4.604   -6.088  1.00 82.01  ? 21  DC  B C6     1 
ATOM   465  H  "H5'"  . DC  A 1 15 ? -13.068 4.747   -4.674  1.00 130.34 ? 21  DC  B "H5'"  1 
ATOM   466  H  "H5''" . DC  A 1 15 ? -12.290 5.334   -5.919  1.00 130.34 ? 21  DC  B "H5''" 1 
ATOM   467  H  "H4'"  . DC  A 1 15 ? -11.375 5.082   -3.298  1.00 121.84 ? 21  DC  B "H4'"  1 
ATOM   468  H  "H3'"  . DC  A 1 15 ? -11.152 7.127   -5.195  1.00 118.25 ? 21  DC  B "H3'"  1 
ATOM   469  H  "H2'"  . DC  A 1 15 ? -9.036  7.563   -4.721  1.00 116.59 ? 21  DC  B "H2'"  1 
ATOM   470  H  "H2''" . DC  A 1 15 ? -9.293  7.390   -3.158  1.00 116.59 ? 21  DC  B "H2''" 1 
ATOM   471  H  "H1'"  . DC  A 1 15 ? -8.573  5.322   -3.205  1.00 112.76 ? 21  DC  B "H1'"  1 
ATOM   472  H  H41    . DC  A 1 15 ? -4.562  4.556   -8.185  1.00 84.66  ? 21  DC  B H41    1 
ATOM   473  H  H42    . DC  A 1 15 ? -3.810  5.540   -7.357  1.00 84.66  ? 21  DC  B H42    1 
ATOM   474  H  H5     . DC  A 1 15 ? -6.825  3.870   -7.661  1.00 102.09 ? 21  DC  B H5     1 
ATOM   475  H  H6     . DC  A 1 15 ? -8.567  4.123   -6.222  1.00 98.57  ? 21  DC  B H6     1 
ATOM   476  P  P      . DC  A 1 16 ? -12.220 8.982   -3.624  1.00 118.39 ? 22  DC  B P      1 
ATOM   477  O  OP1    . DC  A 1 16 ? -13.018 9.418   -2.456  1.00 104.90 ? 22  DC  B OP1    1 
ATOM   478  O  OP2    . DC  A 1 16 ? -12.804 9.010   -4.982  1.00 99.89  ? 22  DC  B OP2    1 
ATOM   479  O  "O5'"  . DC  A 1 16 ? -10.865 9.825   -3.655  1.00 97.63  ? 22  DC  B "O5'"  1 
ATOM   480  C  "C5'"  . DC  A 1 16 ? -10.135 10.032  -2.458  1.00 98.87  ? 22  DC  B "C5'"  1 
ATOM   481  C  "C4'"  . DC  A 1 16 ? -8.933  10.916  -2.712  1.00 102.72 ? 22  DC  B "C4'"  1 
ATOM   482  O  "O4'"  . DC  A 1 16 ? -7.921  10.166  -3.405  1.00 91.36  ? 22  DC  B "O4'"  1 
ATOM   483  C  "C3'"  . DC  A 1 16 ? -9.212  12.121  -3.603  1.00 112.21 ? 22  DC  B "C3'"  1 
ATOM   484  O  "O3'"  . DC  A 1 16 ? -9.447  13.283  -2.824  1.00 118.29 ? 22  DC  B "O3'"  1 
ATOM   485  C  "C2'"  . DC  A 1 16 ? -7.957  12.256  -4.475  1.00 106.63 ? 22  DC  B "C2'"  1 
ATOM   486  C  "C1'"  . DC  A 1 16 ? -7.084  11.072  -4.081  1.00 88.85  ? 22  DC  B "C1'"  1 
ATOM   487  N  N1     . DC  A 1 16 ? -6.451  10.369  -5.247  1.00 73.33  ? 22  DC  B N1     1 
ATOM   488  C  C2     . DC  A 1 16 ? -5.169  10.740  -5.670  1.00 84.77  ? 22  DC  B C2     1 
ATOM   489  O  O2     . DC  A 1 16 ? -4.576  11.649  -5.074  1.00 94.52  ? 22  DC  B O2     1 
ATOM   490  N  N3     . DC  A 1 16 ? -4.610  10.090  -6.726  1.00 76.79  ? 22  DC  B N3     1 
ATOM   491  C  C4     . DC  A 1 16 ? -5.283  9.114   -7.341  1.00 78.31  ? 22  DC  B C4     1 
ATOM   492  N  N4     . DC  A 1 16 ? -4.696  8.502   -8.375  1.00 76.78  ? 22  DC  B N4     1 
ATOM   493  C  C5     . DC  A 1 16 ? -6.589  8.723   -6.924  1.00 78.24  ? 22  DC  B C5     1 
ATOM   494  C  C6     . DC  A 1 16 ? -7.129  9.370   -5.883  1.00 77.87  ? 22  DC  B C6     1 
ATOM   495  H  "H5'"  . DC  A 1 16 ? -9.835  9.175   -2.116  1.00 118.80 ? 22  DC  B "H5'"  1 
ATOM   496  H  "H5''" . DC  A 1 16 ? -10.710 10.455  -1.802  1.00 118.80 ? 22  DC  B "H5''" 1 
ATOM   497  H  "H4'"  . DC  A 1 16 ? -8.578  11.223  -1.863  1.00 123.42 ? 22  DC  B "H4'"  1 
ATOM   498  H  "H3'"  . DC  A 1 16 ? -9.982  11.941  -4.164  1.00 134.81 ? 22  DC  B "H3'"  1 
ATOM   499  H  "H2'"  . DC  A 1 16 ? -8.191  12.205  -5.414  1.00 128.12 ? 22  DC  B "H2'"  1 
ATOM   500  H  "H2''" . DC  A 1 16 ? -7.501  13.090  -4.284  1.00 128.12 ? 22  DC  B "H2''" 1 
ATOM   501  H  "H1'"  . DC  A 1 16 ? -6.389  11.375  -3.477  1.00 106.78 ? 22  DC  B "H1'"  1 
ATOM   502  H  H41    . DC  A 1 16 ? -5.106  7.868   -8.787  1.00 92.29  ? 22  DC  B H41    1 
ATOM   503  H  H42    . DC  A 1 16 ? -3.910  8.742   -8.626  1.00 92.29  ? 22  DC  B H42    1 
ATOM   504  H  H5     . DC  A 1 16 ? -7.049  8.042   -7.358  1.00 94.05  ? 22  DC  B H5     1 
ATOM   505  H  H6     . DC  A 1 16 ? -7.980  9.137   -5.590  1.00 93.60  ? 22  DC  B H6     1 
ATOM   506  P  P      . DG  A 1 17 ? -9.967  14.625  -3.536  1.00 136.16 ? 23  DG  B P      1 
ATOM   507  O  OP1    . DG  A 1 17 ? -10.668 15.429  -2.509  1.00 131.94 ? 23  DG  B OP1    1 
ATOM   508  O  OP2    . DG  A 1 17 ? -10.673 14.221  -4.774  1.00 119.09 ? 23  DG  B OP2    1 
ATOM   509  O  "O5'"  . DG  A 1 17 ? -8.621  15.378  -3.955  1.00 111.59 ? 23  DG  B "O5'"  1 
ATOM   510  C  "C5'"  . DG  A 1 17 ? -7.628  15.637  -2.973  1.00 120.25 ? 23  DG  B "C5'"  1 
ATOM   511  C  "C4'"  . DG  A 1 17 ? -6.501  16.483  -3.539  1.00 123.12 ? 23  DG  B "C4'"  1 
ATOM   512  O  "O4'"  . DG  A 1 17 ? -5.749  15.711  -4.516  1.00 123.80 ? 23  DG  B "O4'"  1 
ATOM   513  C  "C3'"  . DG  A 1 17 ? -6.944  17.736  -4.272  1.00 117.81 ? 23  DG  B "C3'"  1 
ATOM   514  O  "O3'"  . DG  A 1 17 ? -5.970  18.767  -4.118  1.00 132.37 ? 23  DG  B "O3'"  1 
ATOM   515  C  "C2'"  . DG  A 1 17 ? -7.085  17.252  -5.714  1.00 104.97 ? 23  DG  B "C2'"  1 
ATOM   516  C  "C1'"  . DG  A 1 17 ? -5.990  16.198  -5.830  1.00 98.96  ? 23  DG  B "C1'"  1 
ATOM   517  N  N9     . DG  A 1 17 ? -6.345  15.059  -6.668  1.00 92.24  ? 23  DG  B N9     1 
ATOM   518  C  C8     . DG  A 1 17 ? -7.533  14.374  -6.662  1.00 92.60  ? 23  DG  B C8     1 
ATOM   519  N  N7     . DG  A 1 17 ? -7.565  13.378  -7.502  1.00 88.18  ? 23  DG  B N7     1 
ATOM   520  C  C5     . DG  A 1 17 ? -6.317  13.401  -8.107  1.00 82.79  ? 23  DG  B C5     1 
ATOM   521  C  C6     . DG  A 1 17 ? -5.775  12.556  -9.105  1.00 91.56  ? 23  DG  B C6     1 
ATOM   522  O  O6     . DG  A 1 17 ? -6.312  11.595  -9.671  1.00 93.90  ? 23  DG  B O6     1 
ATOM   523  N  N1     . DG  A 1 17 ? -4.477  12.925  -9.444  1.00 87.52  ? 23  DG  B N1     1 
ATOM   524  C  C2     . DG  A 1 17 ? -3.787  13.975  -8.882  1.00 103.04 ? 23  DG  B C2     1 
ATOM   525  N  N2     . DG  A 1 17 ? -2.540  14.175  -9.333  1.00 102.66 ? 23  DG  B N2     1 
ATOM   526  N  N3     . DG  A 1 17 ? -4.283  14.774  -7.941  1.00 104.46 ? 23  DG  B N3     1 
ATOM   527  C  C4     . DG  A 1 17 ? -5.550  14.429  -7.603  1.00 88.86  ? 23  DG  B C4     1 
ATOM   528  H  "H5'"  . DG  A 1 17 ? -7.265  14.794  -2.658  1.00 144.46 ? 23  DG  B "H5'"  1 
ATOM   529  H  "H5''" . DG  A 1 17 ? -8.034  16.106  -2.227  1.00 144.46 ? 23  DG  B "H5''" 1 
ATOM   530  H  "H4'"  . DG  A 1 17 ? -5.907  16.736  -2.815  1.00 147.90 ? 23  DG  B "H4'"  1 
ATOM   531  H  "H3'"  . DG  A 1 17 ? -7.803  18.033  -3.933  1.00 141.53 ? 23  DG  B "H3'"  1 
ATOM   532  H  "H2'"  . DG  A 1 17 ? -7.958  16.858  -5.859  1.00 126.13 ? 23  DG  B "H2'"  1 
ATOM   533  H  "H2''" . DG  A 1 17 ? -6.927  17.980  -6.336  1.00 126.13 ? 23  DG  B "H2''" 1 
ATOM   534  H  "H1'"  . DG  A 1 17 ? -5.182  16.610  -6.172  1.00 118.91 ? 23  DG  B "H1'"  1 
ATOM   535  H  H8     . DG  A 1 17 ? -8.245  14.593  -6.105  1.00 111.27 ? 23  DG  B H8     1 
ATOM   536  H  H1     . DG  A 1 17 ? -4.074  12.462  -10.046 1.00 105.18 ? 23  DG  B H1     1 
ATOM   537  H  H21    . DG  A 1 17 ? -2.065  14.818  -9.015  1.00 123.35 ? 23  DG  B H21    1 
ATOM   538  H  H22    . DG  A 1 17 ? -2.215  13.661  -9.942  1.00 123.35 ? 23  DG  B H22    1 
ATOM   539  P  P      . DA  A 1 18 ? -5.995  20.060  -5.069  1.00 138.63 ? 24  DA  B P      1 
ATOM   540  O  OP1    . DA  A 1 18 ? -5.241  21.145  -4.403  1.00 140.49 ? 24  DA  B OP1    1 
ATOM   541  O  OP2    . DA  A 1 18 ? -7.396  20.272  -5.493  1.00 128.98 ? 24  DA  B OP2    1 
ATOM   542  O  "O5'"  . DA  A 1 18 ? -5.172  19.588  -6.351  1.00 120.62 ? 24  DA  B "O5'"  1 
ATOM   543  C  "C5'"  . DA  A 1 18 ? -5.191  20.373  -7.517  1.00 113.77 ? 24  DA  B "C5'"  1 
ATOM   544  C  "C4'"  . DA  A 1 18 ? -3.885  20.253  -8.273  1.00 105.94 ? 24  DA  B "C4'"  1 
ATOM   545  O  "O4'"  . DA  A 1 18 ? -3.654  18.868  -8.625  1.00 99.36  ? 24  DA  B "O4'"  1 
ATOM   546  C  "C3'"  . DA  A 1 18 ? -3.839  21.019  -9.581  1.00 120.03 ? 24  DA  B "C3'"  1 
ATOM   547  O  "O3'"  . DA  A 1 18 ? -2.531  21.485  -9.843  1.00 123.32 ? 24  DA  B "O3'"  1 
ATOM   548  C  "C2'"  . DA  A 1 18 ? -4.311  19.997  -10.609 1.00 111.95 ? 24  DA  B "C2'"  1 
ATOM   549  C  "C1'"  . DA  A 1 18 ? -3.895  18.660  -10.007 1.00 104.48 ? 24  DA  B "C1'"  1 
ATOM   550  N  N9     . DA  A 1 18 ? -4.910  17.622  -10.145 1.00 105.50 ? 24  DA  B N9     1 
ATOM   551  C  C8     . DA  A 1 18 ? -6.108  17.551  -9.491  1.00 107.96 ? 24  DA  B C8     1 
ATOM   552  N  N7     . DA  A 1 18 ? -6.826  16.500  -9.811  1.00 107.60 ? 24  DA  B N7     1 
ATOM   553  C  C5     . DA  A 1 18 ? -6.044  15.836  -10.741 1.00 94.23  ? 24  DA  B C5     1 
ATOM   554  C  C6     . DA  A 1 18 ? -6.238  14.646  -11.469 1.00 92.71  ? 24  DA  B C6     1 
ATOM   555  N  N6     . DA  A 1 18 ? -7.334  13.887  -11.361 1.00 95.81  ? 24  DA  B N6     1 
ATOM   556  N  N1     . DA  A 1 18 ? -5.258  14.263  -12.313 1.00 94.14  ? 24  DA  B N1     1 
ATOM   557  C  C2     . DA  A 1 18 ? -4.164  15.026  -12.419 1.00 98.36  ? 24  DA  B C2     1 
ATOM   558  N  N3     . DA  A 1 18 ? -3.869  16.162  -11.790 1.00 94.02  ? 24  DA  B N3     1 
ATOM   559  C  C4     . DA  A 1 18 ? -4.860  16.515  -10.958 1.00 98.76  ? 24  DA  B C4     1 
ATOM   560  H  "H5'"  . DA  A 1 18 ? -5.335  21.301  -7.275  1.00 136.68 ? 24  DA  B "H5'"  1 
ATOM   561  H  "H5''" . DA  A 1 18 ? -5.917  20.077  -8.089  1.00 136.68 ? 24  DA  B "H5''" 1 
ATOM   562  H  "H4'"  . DA  A 1 18 ? -3.161  20.559  -7.703  1.00 127.29 ? 24  DA  B "H4'"  1 
ATOM   563  H  "H3'"  . DA  A 1 18 ? -4.457  21.766  -9.550  1.00 144.20 ? 24  DA  B "H3'"  1 
ATOM   564  H  "H2'"  . DA  A 1 18 ? -5.274  20.040  -10.714 1.00 134.50 ? 24  DA  B "H2'"  1 
ATOM   565  H  "H2''" . DA  A 1 18 ? -3.868  20.141  -11.460 1.00 134.50 ? 24  DA  B "H2''" 1 
ATOM   566  H  "H1'"  . DA  A 1 18 ? -3.076  18.360  -10.431 1.00 125.53 ? 24  DA  B "H1'"  1 
ATOM   567  H  H8     . DA  A 1 18 ? -6.389  18.189  -8.876  1.00 129.70 ? 24  DA  B H8     1 
ATOM   568  H  H61    . DA  A 1 18 ? -7.405  13.165  -11.824 1.00 115.12 ? 24  DA  B H61    1 
ATOM   569  H  H62    . DA  A 1 18 ? -7.967  14.119  -10.827 1.00 115.12 ? 24  DA  B H62    1 
ATOM   570  H  H2     . DA  A 1 18 ? -3.518  14.719  -13.016 1.00 118.19 ? 24  DA  B H2     1 
ATOM   571  P  P      . DC  A 1 19 ? -2.306  22.651  -10.919 1.00 124.35 ? 25  DC  B P      1 
ATOM   572  O  OP1    . DC  A 1 19 ? -0.902  23.106  -10.804 1.00 125.15 ? 25  DC  B OP1    1 
ATOM   573  O  OP2    . DC  A 1 19 ? -3.416  23.617  -10.760 1.00 128.51 ? 25  DC  B OP2    1 
ATOM   574  O  "O5'"  . DC  A 1 19 ? -2.489  21.904  -12.320 1.00 99.46  ? 25  DC  B "O5'"  1 
ATOM   575  C  "C5'"  . DC  A 1 19 ? -1.611  20.849  -12.659 1.00 109.00 ? 25  DC  B "C5'"  1 
ATOM   576  C  "C4'"  . DC  A 1 19 ? -2.070  20.118  -13.909 1.00 117.30 ? 25  DC  B "C4'"  1 
ATOM   577  O  "O4'"  . DC  A 1 19 ? -3.049  19.116  -13.569 1.00 114.65 ? 25  DC  B "O4'"  1 
ATOM   578  C  "C3'"  . DC  A 1 19 ? -2.753  20.985  -14.971 1.00 132.40 ? 25  DC  B "C3'"  1 
ATOM   579  O  "O3'"  . DC  A 1 19 ? -1.837  21.311  -16.007 1.00 134.94 ? 25  DC  B "O3'"  1 
ATOM   580  C  "C2'"  . DC  A 1 19 ? -3.929  20.117  -15.471 1.00 122.57 ? 25  DC  B "C2'"  1 
ATOM   581  C  "C1'"  . DC  A 1 19 ? -3.722  18.789  -14.752 1.00 110.98 ? 25  DC  B "C1'"  1 
ATOM   582  N  N1     . DC  A 1 19 ? -4.990  18.057  -14.426 1.00 105.71 ? 25  DC  B N1     1 
ATOM   583  C  C2     . DC  A 1 19 ? -5.249  16.820  -15.033 1.00 102.84 ? 25  DC  B C2     1 
ATOM   584  O  O2     . DC  A 1 19 ? -4.422  16.348  -15.823 1.00 103.83 ? 25  DC  B O2     1 
ATOM   585  N  N3     . DC  A 1 19 ? -6.400  16.168  -14.733 1.00 92.35  ? 25  DC  B N3     1 
ATOM   586  C  C4     . DC  A 1 19 ? -7.267  16.704  -13.877 1.00 102.04 ? 25  DC  B C4     1 
ATOM   587  N  N4     . DC  A 1 19 ? -8.389  16.023  -13.614 1.00 96.45  ? 25  DC  B N4     1 
ATOM   588  C  C5     . DC  A 1 19 ? -7.025  17.965  -13.250 1.00 106.69 ? 25  DC  B C5     1 
ATOM   589  C  C6     . DC  A 1 19 ? -5.886  18.600  -13.553 1.00 100.19 ? 25  DC  B C6     1 
ATOM   590  H  "H5'"  . DC  A 1 19 ? -1.571  20.221  -11.922 1.00 130.96 ? 25  DC  B "H5'"  1 
ATOM   591  H  "H5''" . DC  A 1 19 ? -0.724  21.212  -12.813 1.00 130.96 ? 25  DC  B "H5''" 1 
ATOM   592  H  "H4'"  . DC  A 1 19 ? -1.303  19.680  -14.312 1.00 140.92 ? 25  DC  B "H4'"  1 
ATOM   593  H  "H3'"  . DC  A 1 19 ? -3.094  21.797  -14.564 1.00 159.04 ? 25  DC  B "H3'"  1 
ATOM   594  H  "H2'"  . DC  A 1 19 ? -4.778  20.513  -15.218 1.00 147.24 ? 25  DC  B "H2'"  1 
ATOM   595  H  "H2''" . DC  A 1 19 ? -3.880  19.996  -16.432 1.00 147.24 ? 25  DC  B "H2''" 1 
ATOM   596  H  "H1'"  . DC  A 1 19 ? -3.156  18.218  -15.295 1.00 133.33 ? 25  DC  B "H1'"  1 
ATOM   597  H  H41    . DC  A 1 19 ? -8.969  16.344  -13.066 1.00 115.89 ? 25  DC  B H41    1 
ATOM   598  H  H42    . DC  A 1 19 ? -8.529  15.264  -13.993 1.00 115.89 ? 25  DC  B H42    1 
ATOM   599  H  H5     . DC  A 1 19 ? -7.637  18.332  -12.654 1.00 128.18 ? 25  DC  B H5     1 
ATOM   600  H  H6     . DC  A 1 19 ? -5.701  19.423  -13.160 1.00 120.39 ? 25  DC  B H6     1 
ATOM   601  P  P      . DT  A 1 20 ? -2.358  21.983  -17.367 1.00 145.56 ? 26  DT  B P      1 
ATOM   602  O  OP1    . DT  A 1 20 ? -1.223  22.709  -17.979 1.00 156.92 ? 26  DT  B OP1    1 
ATOM   603  O  OP2    . DT  A 1 20 ? -3.622  22.689  -17.059 1.00 130.63 ? 26  DT  B OP2    1 
ATOM   604  O  "O5'"  . DT  A 1 20 ? -2.718  20.728  -18.281 1.00 115.85 ? 26  DT  B "O5'"  1 
ATOM   605  C  "C5'"  . DT  A 1 20 ? -1.901  19.575  -18.231 1.00 121.40 ? 26  DT  B "C5'"  1 
ATOM   606  C  "C4'"  . DT  A 1 20 ? -2.233  18.633  -19.367 1.00 140.83 ? 26  DT  B "C4'"  1 
ATOM   607  O  "O4'"  . DT  A 1 20 ? -3.344  17.775  -18.976 1.00 134.37 ? 26  DT  B "O4'"  1 
ATOM   608  C  "C3'"  . DT  A 1 20 ? -2.672  19.320  -20.660 1.00 146.42 ? 26  DT  B "C3'"  1 
ATOM   609  O  "O3'"  . DT  A 1 20 ? -2.127  18.653  -21.790 1.00 151.69 ? 26  DT  B "O3'"  1 
ATOM   610  C  "C2'"  . DT  A 1 20 ? -4.190  19.219  -20.603 1.00 146.28 ? 26  DT  B "C2'"  1 
ATOM   611  C  "C1'"  . DT  A 1 20 ? -4.377  17.868  -19.935 1.00 133.10 ? 26  DT  B "C1'"  1 
ATOM   612  N  N1     . DT  A 1 20 ? -5.690  17.684  -19.243 1.00 124.73 ? 26  DT  B N1     1 
ATOM   613  C  C2     . DT  A 1 20 ? -6.413  16.536  -19.472 1.00 126.39 ? 26  DT  B C2     1 
ATOM   614  O  O2     . DT  A 1 20 ? -6.044  15.652  -20.227 1.00 131.64 ? 26  DT  B O2     1 
ATOM   615  N  N3     . DT  A 1 20 ? -7.592  16.454  -18.786 1.00 120.28 ? 26  DT  B N3     1 
ATOM   616  C  C4     . DT  A 1 20 ? -8.111  17.385  -17.907 1.00 112.33 ? 26  DT  B C4     1 
ATOM   617  O  O4     . DT  A 1 20 ? -9.186  17.220  -17.338 1.00 109.73 ? 26  DT  B O4     1 
ATOM   618  C  C5     . DT  A 1 20 ? -7.302  18.565  -17.707 1.00 113.91 ? 26  DT  B C5     1 
ATOM   619  C  C7     . DT  A 1 20 ? -7.761  19.647  -16.776 1.00 107.75 ? 26  DT  B C7     1 
ATOM   620  C  C6     . DT  A 1 20 ? -6.142  18.656  -18.374 1.00 114.54 ? 26  DT  B C6     1 
ATOM   621  H  "H5'"  . DT  A 1 20 ? -2.042  19.120  -17.386 1.00 145.84 ? 26  DT  B "H5'"  1 
ATOM   622  H  "H5''" . DT  A 1 20 ? -0.970  19.841  -18.298 1.00 145.84 ? 26  DT  B "H5''" 1 
ATOM   623  H  "H4'"  . DT  A 1 20 ? -1.460  18.079  -19.553 1.00 169.15 ? 26  DT  B "H4'"  1 
ATOM   624  H  "H3'"  . DT  A 1 20 ? -2.398  20.251  -20.654 1.00 175.86 ? 26  DT  B "H3'"  1 
ATOM   625  H  "H2'"  . DT  A 1 20 ? -4.565  19.929  -20.059 1.00 175.70 ? 26  DT  B "H2'"  1 
ATOM   626  H  "H2''" . DT  A 1 20 ? -4.573  19.221  -21.494 1.00 175.70 ? 26  DT  B "H2''" 1 
ATOM   627  H  "H1'"  . DT  A 1 20 ? -4.264  17.166  -20.595 1.00 159.88 ? 26  DT  B "H1'"  1 
ATOM   628  H  H3     . DT  A 1 20 ? -8.063  15.746  -18.915 1.00 144.49 ? 26  DT  B H3     1 
ATOM   629  H  H71    . DT  A 1 20 ? -7.112  19.759  -16.065 1.00 129.45 ? 26  DT  B H71    1 
ATOM   630  H  H72    . DT  A 1 20 ? -7.849  20.479  -17.266 1.00 129.45 ? 26  DT  B H72    1 
ATOM   631  H  H73    . DT  A 1 20 ? -8.619  19.403  -16.395 1.00 129.45 ? 26  DT  B H73    1 
ATOM   632  H  H6     . DT  A 1 20 ? -5.619  19.414  -18.249 1.00 137.60 ? 26  DT  B H6     1 
ATOM   633  P  P      . DC  A 1 21 ? -2.476  19.153  -23.275 1.00 141.48 ? 27  DC  B P      1 
ATOM   634  O  OP1    . DC  A 1 21 ? -1.386  18.673  -24.155 1.00 139.80 ? 27  DC  B OP1    1 
ATOM   635  O  OP2    . DC  A 1 21 ? -2.800  20.597  -23.208 1.00 147.35 ? 27  DC  B OP2    1 
ATOM   636  O  "O5'"  . DC  A 1 21 ? -3.817  18.358  -23.640 1.00 133.49 ? 27  DC  B "O5'"  1 
ATOM   637  C  "C5'"  . DC  A 1 21 ? -3.820  16.932  -23.637 1.00 140.55 ? 27  DC  B "C5'"  1 
ATOM   638  C  "C4'"  . DC  A 1 21 ? -5.121  16.389  -24.197 1.00 140.20 ? 27  DC  B "C4'"  1 
ATOM   639  O  "O4'"  . DC  A 1 21 ? -6.165  16.520  -23.202 1.00 139.77 ? 27  DC  B "O4'"  1 
ATOM   640  C  "C3'"  . DC  A 1 21 ? -5.623  17.113  -25.451 1.00 146.65 ? 27  DC  B "C3'"  1 
ATOM   641  O  "O3'"  . DC  A 1 21 ? -5.668  16.222  -26.560 1.00 152.21 ? 27  DC  B "O3'"  1 
ATOM   642  C  "C2'"  . DC  A 1 21 ? -7.014  17.635  -25.070 1.00 145.54 ? 27  DC  B "C2'"  1 
ATOM   643  C  "C1'"  . DC  A 1 21 ? -7.379  16.815  -23.843 1.00 139.09 ? 27  DC  B "C1'"  1 
ATOM   644  N  N1     . DC  A 1 21 ? -8.264  17.525  -22.873 1.00 139.34 ? 27  DC  B N1     1 
ATOM   645  C  C2     . DC  A 1 21 ? -9.444  16.913  -22.437 1.00 135.80 ? 27  DC  B C2     1 
ATOM   646  O  O2     . DC  A 1 21 ? -9.741  15.792  -22.868 1.00 132.74 ? 27  DC  B O2     1 
ATOM   647  N  N3     . DC  A 1 21 ? -10.232 17.568  -21.551 1.00 134.61 ? 27  DC  B N3     1 
ATOM   648  C  C4     . DC  A 1 21 ? -9.878  18.774  -21.107 1.00 128.98 ? 27  DC  B C4     1 
ATOM   649  N  N4     . DC  A 1 21 ? -10.691 19.381  -20.235 1.00 129.79 ? 27  DC  B N4     1 
ATOM   650  C  C5     . DC  A 1 21 ? -8.680  19.413  -21.538 1.00 125.42 ? 27  DC  B C5     1 
ATOM   651  C  C6     . DC  A 1 21 ? -7.908  18.758  -22.410 1.00 133.58 ? 27  DC  B C6     1 
ATOM   652  H  "H5'"  . DC  A 1 21 ? -3.708  16.615  -22.727 1.00 168.82 ? 27  DC  B "H5'"  1 
ATOM   653  H  "H5''" . DC  A 1 21 ? -3.082  16.611  -24.178 1.00 168.82 ? 27  DC  B "H5''" 1 
ATOM   654  H  "H4'"  . DC  A 1 21 ? -5.004  15.450  -24.405 1.00 168.40 ? 27  DC  B "H4'"  1 
ATOM   655  H  "H3'"  . DC  A 1 21 ? -5.038  17.860  -25.654 1.00 176.13 ? 27  DC  B "H3'"  1 
ATOM   656  H  "HO3'" . DC  A 1 21 ? -6.396  16.073  -26.949 1.00 182.81 ? 27  DC  B "HO3'" 1 
ATOM   657  H  "H2'"  . DC  A 1 21 ? -6.977  18.579  -24.851 1.00 174.80 ? 27  DC  B "H2'"  1 
ATOM   658  H  "H2''" . DC  A 1 21 ? -7.647  17.475  -25.788 1.00 174.80 ? 27  DC  B "H2''" 1 
ATOM   659  H  "H1'"  . DC  A 1 21 ? -7.804  15.989  -24.121 1.00 167.07 ? 27  DC  B "H1'"  1 
ATOM   660  H  H41    . DC  A 1 21 ? -10.489 20.160  -19.932 1.00 155.90 ? 27  DC  B H41    1 
ATOM   661  H  H42    . DC  A 1 21 ? -11.413 18.993  -19.979 1.00 155.90 ? 27  DC  B H42    1 
ATOM   662  H  H5     . DC  A 1 21 ? -8.441  20.255  -21.222 1.00 150.66 ? 27  DC  B H5     1 
ATOM   663  H  H6     . DC  A 1 21 ? -7.120  19.150  -22.708 1.00 160.46 ? 27  DC  B H6     1 
ATOM   664  O  "O5'"  . DT  B 2 1  ? -18.726 26.644  -16.010 1.00 169.85 ? 28  DT  C "O5'"  1 
ATOM   665  C  "C5'"  . DT  B 2 1  ? -18.615 25.463  -15.225 1.00 163.72 ? 28  DT  C "C5'"  1 
ATOM   666  C  "C4'"  . DT  B 2 1  ? -19.464 24.344  -15.799 1.00 151.28 ? 28  DT  C "C4'"  1 
ATOM   667  O  "O4'"  . DT  B 2 1  ? -19.218 24.237  -17.218 1.00 146.54 ? 28  DT  C "O4'"  1 
ATOM   668  C  "C3'"  . DT  B 2 1  ? -19.178 22.962  -15.209 1.00 151.41 ? 28  DT  C "C3'"  1 
ATOM   669  O  "O3'"  . DT  B 2 1  ? -20.283 22.507  -14.452 1.00 158.77 ? 28  DT  C "O3'"  1 
ATOM   670  C  "C2'"  . DT  B 2 1  ? -18.898 22.060  -16.415 1.00 152.70 ? 28  DT  C "C2'"  1 
ATOM   671  C  "C1'"  . DT  B 2 1  ? -19.327 22.892  -17.610 1.00 144.13 ? 28  DT  C "C1'"  1 
ATOM   672  N  N1     . DT  B 2 1  ? -18.480 22.686  -18.809 1.00 138.37 ? 28  DT  C N1     1 
ATOM   673  C  C2     . DT  B 2 1  ? -18.791 21.679  -19.688 1.00 150.53 ? 28  DT  C C2     1 
ATOM   674  O  O2     . DT  B 2 1  ? -19.744 20.933  -19.539 1.00 156.15 ? 28  DT  C O2     1 
ATOM   675  N  N3     . DT  B 2 1  ? -17.945 21.575  -20.759 1.00 149.21 ? 28  DT  C N3     1 
ATOM   676  C  C4     . DT  B 2 1  ? -16.839 22.361  -21.028 1.00 141.94 ? 28  DT  C C4     1 
ATOM   677  O  O4     . DT  B 2 1  ? -16.135 22.191  -22.019 1.00 139.62 ? 28  DT  C O4     1 
ATOM   678  C  C5     . DT  B 2 1  ? -16.569 23.399  -20.063 1.00 138.09 ? 28  DT  C C5     1 
ATOM   679  C  C7     . DT  B 2 1  ? -15.394 24.313  -20.246 1.00 133.34 ? 28  DT  C C7     1 
ATOM   680  C  C6     . DT  B 2 1  ? -17.392 23.509  -19.010 1.00 135.99 ? 28  DT  C C6     1 
ATOM   681  H  "H5'"  . DT  B 2 1  ? -18.909 25.654  -14.320 1.00 196.62 ? 28  DT  C "H5'"  1 
ATOM   682  H  "H5''" . DT  B 2 1  ? -17.687 25.181  -15.205 1.00 196.62 ? 28  DT  C "H5''" 1 
ATOM   683  H  "H4'"  . DT  B 2 1  ? -20.400 24.557  -15.659 1.00 181.69 ? 28  DT  C "H4'"  1 
ATOM   684  H  "H3'"  . DT  B 2 1  ? -18.390 23.006  -14.645 1.00 181.84 ? 28  DT  C "H3'"  1 
ATOM   685  H  "H2'"  . DT  B 2 1  ? -17.952 21.851  -16.468 1.00 183.40 ? 28  DT  C "H2'"  1 
ATOM   686  H  "H2''" . DT  B 2 1  ? -19.424 21.247  -16.359 1.00 183.40 ? 28  DT  C "H2''" 1 
ATOM   687  H  "H1'"  . DT  B 2 1  ? -20.251 22.693  -17.828 1.00 173.11 ? 28  DT  C "H1'"  1 
ATOM   688  H  H3     . DT  B 2 1  ? -18.118 20.951  -21.326 1.00 179.21 ? 28  DT  C H3     1 
ATOM   689  H  H71    . DT  B 2 1  ? -14.933 24.085  -21.068 1.00 160.16 ? 28  DT  C H71    1 
ATOM   690  H  H72    . DT  B 2 1  ? -15.702 25.231  -20.293 1.00 160.16 ? 28  DT  C H72    1 
ATOM   691  H  H73    . DT  B 2 1  ? -14.787 24.213  -19.496 1.00 160.16 ? 28  DT  C H73    1 
ATOM   692  H  H6     . DT  B 2 1  ? -17.222 24.177  -18.385 1.00 163.34 ? 28  DT  C H6     1 
ATOM   693  H  "HO5'" . DT  B 2 1  ? -19.272 26.674  -16.648 1.00 203.98 ? 28  DT  C "HO5'" 1 
ATOM   694  P  P      . DC  B 2 2  ? -20.172 21.140  -13.619 1.00 172.96 ? 29  DC  C P      1 
ATOM   695  O  OP1    . DC  B 2 2  ? -21.212 21.169  -12.567 1.00 176.18 ? 29  DC  C OP1    1 
ATOM   696  O  OP2    . DC  B 2 2  ? -18.747 20.973  -13.250 1.00 166.39 ? 29  DC  C OP2    1 
ATOM   697  O  "O5'"  . DC  B 2 2  ? -20.540 20.008  -14.688 1.00 174.86 ? 29  DC  C "O5'"  1 
ATOM   698  C  "C5'"  . DC  B 2 2  ? -20.418 18.636  -14.340 1.00 183.36 ? 29  DC  C "C5'"  1 
ATOM   699  C  "C4'"  . DC  B 2 2  ? -20.566 17.748  -15.563 1.00 169.42 ? 29  DC  C "C4'"  1 
ATOM   700  O  "O4'"  . DC  B 2 2  ? -19.966 18.409  -16.715 1.00 156.82 ? 29  DC  C "O4'"  1 
ATOM   701  C  "C3'"  . DC  B 2 2  ? -19.882 16.384  -15.440 1.00 165.99 ? 29  DC  C "C3'"  1 
ATOM   702  O  "O3'"  . DC  B 2 2  ? -20.735 15.327  -15.854 1.00 166.47 ? 29  DC  C "O3'"  1 
ATOM   703  C  "C2'"  . DC  B 2 2  ? -18.661 16.509  -16.336 1.00 164.25 ? 29  DC  C "C2'"  1 
ATOM   704  C  "C1'"  . DC  B 2 2  ? -19.110 17.510  -17.386 1.00 157.28 ? 29  DC  C "C1'"  1 
ATOM   705  N  N1     . DC  B 2 2  ? -17.974 18.270  -17.998 1.00 151.31 ? 29  DC  C N1     1 
ATOM   706  C  C2     . DC  B 2 2  ? -17.416 17.836  -19.209 1.00 147.95 ? 29  DC  C C2     1 
ATOM   707  O  O2     . DC  B 2 2  ? -17.890 16.840  -19.773 1.00 146.83 ? 29  DC  C O2     1 
ATOM   708  N  N3     . DC  B 2 2  ? -16.373 18.530  -19.737 1.00 140.83 ? 29  DC  C N3     1 
ATOM   709  C  C4     . DC  B 2 2  ? -15.890 19.598  -19.097 1.00 143.16 ? 29  DC  C C4     1 
ATOM   710  N  N4     . DC  B 2 2  ? -14.866 20.253  -19.651 1.00 137.36 ? 29  DC  C N4     1 
ATOM   711  C  C5     . DC  B 2 2  ? -16.440 20.044  -17.861 1.00 142.56 ? 29  DC  C C5     1 
ATOM   712  C  C6     . DC  B 2 2  ? -17.465 19.356  -17.351 1.00 148.99 ? 29  DC  C C6     1 
ATOM   713  H  "H5'"  . DC  B 2 2  ? -21.108 18.410  -13.697 1.00 220.19 ? 29  DC  C "H5'"  1 
ATOM   714  H  "H5''" . DC  B 2 2  ? -19.548 18.485  -13.940 1.00 220.19 ? 29  DC  C "H5''" 1 
ATOM   715  H  "H4'"  . DC  B 2 2  ? -21.510 17.610  -15.738 1.00 203.46 ? 29  DC  C "H4'"  1 
ATOM   716  H  "H3'"  . DC  B 2 2  ? -19.600 16.241  -14.523 1.00 199.35 ? 29  DC  C "H3'"  1 
ATOM   717  H  "H2'"  . DC  B 2 2  ? -17.903 16.853  -15.838 1.00 197.25 ? 29  DC  C "H2'"  1 
ATOM   718  H  "H2''" . DC  B 2 2  ? -18.447 15.656  -16.746 1.00 197.25 ? 29  DC  C "H2''" 1 
ATOM   719  H  "H1'"  . DC  B 2 2  ? -19.605 17.050  -18.082 1.00 188.89 ? 29  DC  C "H1'"  1 
ATOM   720  H  H41    . DC  B 2 2  ? -14.539 20.947  -19.263 1.00 164.98 ? 29  DC  C H41    1 
ATOM   721  H  H42    . DC  B 2 2  ? -14.534 19.981  -20.396 1.00 164.98 ? 29  DC  C H42    1 
ATOM   722  H  H5     . DC  B 2 2  ? -16.098 20.791  -17.425 1.00 171.23 ? 29  DC  C H5     1 
ATOM   723  H  H6     . DC  B 2 2  ? -17.844 19.627  -16.547 1.00 178.94 ? 29  DC  C H6     1 
ATOM   724  P  P      . DG  B 2 3  ? -20.341 13.813  -15.486 1.00 181.41 ? 30  DG  C P      1 
ATOM   725  O  OP1    . DG  B 2 3  ? -21.408 13.281  -14.609 1.00 196.47 ? 30  DG  C OP1    1 
ATOM   726  O  OP2    . DG  B 2 3  ? -18.939 13.830  -15.010 1.00 169.61 ? 30  DG  C OP2    1 
ATOM   727  O  "O5'"  . DG  B 2 3  ? -20.395 13.030  -16.884 1.00 171.76 ? 30  DG  C "O5'"  1 
ATOM   728  C  "C5'"  . DG  B 2 3  ? -19.938 13.652  -18.084 1.00 161.82 ? 30  DG  C "C5'"  1 
ATOM   729  C  "C4'"  . DG  B 2 3  ? -18.606 13.074  -18.541 1.00 162.27 ? 30  DG  C "C4'"  1 
ATOM   730  O  "O4'"  . DG  B 2 3  ? -17.689 14.153  -18.800 1.00 156.25 ? 30  DG  C "O4'"  1 
ATOM   731  C  "C3'"  . DG  B 2 3  ? -17.898 12.170  -17.534 1.00 157.77 ? 30  DG  C "C3'"  1 
ATOM   732  O  "O3'"  . DG  B 2 3  ? -18.153 10.797  -17.829 1.00 165.91 ? 30  DG  C "O3'"  1 
ATOM   733  C  "C2'"  . DG  B 2 3  ? -16.408 12.527  -17.674 1.00 141.38 ? 30  DG  C "C2'"  1 
ATOM   734  C  "C1'"  . DG  B 2 3  ? -16.371 13.680  -18.677 1.00 137.05 ? 30  DG  C "C1'"  1 
ATOM   735  N  N9     . DG  B 2 3  ? -15.524 14.803  -18.278 1.00 122.30 ? 30  DG  C N9     1 
ATOM   736  C  C8     . DG  B 2 3  ? -15.706 15.635  -17.201 1.00 118.19 ? 30  DG  C C8     1 
ATOM   737  N  N7     . DG  B 2 3  ? -14.802 16.571  -17.107 1.00 114.06 ? 30  DG  C N7     1 
ATOM   738  C  C5     . DG  B 2 3  ? -13.971 16.349  -18.196 1.00 114.41 ? 30  DG  C C5     1 
ATOM   739  C  C6     . DG  B 2 3  ? -12.813 17.046  -18.615 1.00 113.33 ? 30  DG  C C6     1 
ATOM   740  O  O6     . DG  B 2 3  ? -12.279 18.031  -18.088 1.00 124.09 ? 30  DG  C O6     1 
ATOM   741  N  N1     . DG  B 2 3  ? -12.268 16.492  -19.771 1.00 108.85 ? 30  DG  C N1     1 
ATOM   742  C  C2     . DG  B 2 3  ? -12.778 15.403  -20.438 1.00 117.92 ? 30  DG  C C2     1 
ATOM   743  N  N2     . DG  B 2 3  ? -12.118 15.014  -21.539 1.00 123.69 ? 30  DG  C N2     1 
ATOM   744  N  N3     . DG  B 2 3  ? -13.862 14.741  -20.056 1.00 112.71 ? 30  DG  C N3     1 
ATOM   745  C  C4     . DG  B 2 3  ? -14.404 15.268  -18.931 1.00 118.04 ? 30  DG  C C4     1 
ATOM   746  H  "H5'"  . DG  B 2 3  ? -19.833 14.604  -17.927 1.00 194.34 ? 30  DG  C "H5'"  1 
ATOM   747  H  "H5''" . DG  B 2 3  ? -20.599 13.518  -18.781 1.00 194.34 ? 30  DG  C "H5''" 1 
ATOM   748  H  "H4'"  . DG  B 2 3  ? -18.746 12.578  -19.364 1.00 194.88 ? 30  DG  C "H4'"  1 
ATOM   749  H  "H3'"  . DG  B 2 3  ? -18.202 12.376  -16.637 1.00 189.48 ? 30  DG  C "H3'"  1 
ATOM   750  H  "H2'"  . DG  B 2 3  ? -16.048 12.812  -16.820 1.00 169.81 ? 30  DG  C "H2'"  1 
ATOM   751  H  "H2''" . DG  B 2 3  ? -15.910 11.767  -18.015 1.00 169.81 ? 30  DG  C "H2''" 1 
ATOM   752  H  "H1'"  . DG  B 2 3  ? -16.072 13.344  -19.536 1.00 164.62 ? 30  DG  C "H1'"  1 
ATOM   753  H  H8     . DG  B 2 3  ? -16.407 15.542  -16.597 1.00 141.98 ? 30  DG  C H8     1 
ATOM   754  H  H1     . DG  B 2 3  ? -11.560 16.860  -20.093 1.00 130.78 ? 30  DG  C H1     1 
ATOM   755  H  H21    . DG  B 2 3  ? -12.398 14.339  -21.993 1.00 148.58 ? 30  DG  C H21    1 
ATOM   756  H  H22    . DG  B 2 3  ? -11.415 15.440  -21.790 1.00 148.58 ? 30  DG  C H22    1 
ATOM   757  P  P      . DA  B 2 4  ? -17.453 9.632   -16.970 1.00 174.64 ? 31  DA  C P      1 
ATOM   758  O  OP1    . DA  B 2 4  ? -18.327 8.441   -17.050 1.00 175.42 ? 31  DA  C OP1    1 
ATOM   759  O  OP2    . DA  B 2 4  ? -17.098 10.190  -15.646 1.00 165.21 ? 31  DA  C OP2    1 
ATOM   760  O  "O5'"  . DA  B 2 4  ? -16.095 9.331   -17.764 1.00 150.71 ? 31  DA  C "O5'"  1 
ATOM   761  C  "C5'"  . DA  B 2 4  ? -16.134 9.057   -19.160 1.00 147.22 ? 31  DA  C "C5'"  1 
ATOM   762  C  "C4'"  . DA  B 2 4  ? -14.735 9.022   -19.754 1.00 146.98 ? 31  DA  C "C4'"  1 
ATOM   763  O  "O4'"  . DA  B 2 4  ? -14.099 10.322  -19.586 1.00 141.48 ? 31  DA  C "O4'"  1 
ATOM   764  C  "C3'"  . DA  B 2 4  ? -13.786 8.009   -19.114 1.00 139.90 ? 31  DA  C "C3'"  1 
ATOM   765  O  "O3'"  . DA  B 2 4  ? -12.969 7.394   -20.108 1.00 140.66 ? 31  DA  C "O3'"  1 
ATOM   766  C  "C2'"  . DA  B 2 4  ? -12.980 8.862   -18.140 1.00 122.15 ? 31  DA  C "C2'"  1 
ATOM   767  C  "C1'"  . DA  B 2 4  ? -12.872 10.175  -18.893 1.00 125.53 ? 31  DA  C "C1'"  1 
ATOM   768  N  N9     . DA  B 2 4  ? -12.675 11.350  -18.044 1.00 110.56 ? 31  DA  C N9     1 
ATOM   769  C  C8     . DA  B 2 4  ? -13.474 11.770  -17.020 1.00 113.70 ? 31  DA  C C8     1 
ATOM   770  N  N7     . DA  B 2 4  ? -13.062 12.873  -16.442 1.00 106.32 ? 31  DA  C N7     1 
ATOM   771  C  C5     . DA  B 2 4  ? -11.911 13.200  -17.137 1.00 99.88  ? 31  DA  C C5     1 
ATOM   772  C  C6     . DA  B 2 4  ? -10.998 14.262  -17.009 1.00 95.53  ? 31  DA  C C6     1 
ATOM   773  N  N6     . DA  B 2 4  ? -11.121 15.227  -16.094 1.00 102.81 ? 31  DA  C N6     1 
ATOM   774  N  N1     . DA  B 2 4  ? -9.953  14.296  -17.861 1.00 89.23  ? 31  DA  C N1     1 
ATOM   775  C  C2     . DA  B 2 4  ? -9.838  13.327  -18.777 1.00 101.71 ? 31  DA  C C2     1 
ATOM   776  N  N3     . DA  B 2 4  ? -10.631 12.279  -18.992 1.00 102.99 ? 31  DA  C N3     1 
ATOM   777  C  C4     . DA  B 2 4  ? -11.659 12.274  -18.131 1.00 101.20 ? 31  DA  C C4     1 
ATOM   778  H  "H5'"  . DA  B 2 4  ? -16.650 9.749   -19.605 1.00 176.82 ? 31  DA  C "H5'"  1 
ATOM   779  H  "H5''" . DA  B 2 4  ? -16.562 8.199   -19.304 1.00 176.82 ? 31  DA  C "H5''" 1 
ATOM   780  H  "H4'"  . DA  B 2 4  ? -14.803 8.829   -20.703 1.00 176.53 ? 31  DA  C "H4'"  1 
ATOM   781  H  "H3'"  . DA  B 2 4  ? -14.292 7.337   -18.631 1.00 168.04 ? 31  DA  C "H3'"  1 
ATOM   782  H  "H2'"  . DA  B 2 4  ? -13.460 8.981   -17.306 1.00 146.73 ? 31  DA  C "H2'"  1 
ATOM   783  H  "H2''" . DA  B 2 4  ? -12.103 8.478   -17.989 1.00 146.73 ? 31  DA  C "H2''" 1 
ATOM   784  H  "H1'"  . DA  B 2 4  ? -12.148 10.118  -19.534 1.00 150.79 ? 31  DA  C "H1'"  1 
ATOM   785  H  H8     . DA  B 2 4  ? -14.244 11.319  -16.759 1.00 136.59 ? 31  DA  C H8     1 
ATOM   786  H  H61    . DA  B 2 4  ? -10.538 15.859  -16.053 1.00 123.53 ? 31  DA  C H61    1 
ATOM   787  H  H62    . DA  B 2 4  ? -11.784 15.217  -15.545 1.00 123.53 ? 31  DA  C H62    1 
ATOM   788  H  H2     . DA  B 2 4  ? -9.101  13.394  -19.341 1.00 122.21 ? 31  DA  C H2     1 
ATOM   789  P  P      . DG  B 2 5  ? -12.089 6.096   -19.754 1.00 144.57 ? 32  DG  C P      1 
ATOM   790  O  OP1    . DG  B 2 5  ? -12.491 5.023   -20.690 1.00 160.02 ? 32  DG  C OP1    1 
ATOM   791  O  OP2    . DG  B 2 5  ? -12.187 5.877   -18.293 1.00 127.99 ? 32  DG  C OP2    1 
ATOM   792  O  "O5'"  . DG  B 2 5  ? -10.589 6.550   -20.087 1.00 131.23 ? 32  DG  C "O5'"  1 
ATOM   793  C  "C5'"  . DG  B 2 5  ? -10.100 7.773   -19.558 1.00 126.31 ? 32  DG  C "C5'"  1 
ATOM   794  C  "C4'"  . DG  B 2 5  ? -8.708  8.098   -20.070 1.00 124.66 ? 32  DG  C "C4'"  1 
ATOM   795  O  "O4'"  . DG  B 2 5  ? -8.405  9.476   -19.730 1.00 116.82 ? 32  DG  C "O4'"  1 
ATOM   796  C  "C3'"  . DG  B 2 5  ? -7.581  7.286   -19.447 1.00 120.25 ? 32  DG  C "C3'"  1 
ATOM   797  O  "O3'"  . DG  B 2 5  ? -6.435  7.226   -20.303 1.00 122.73 ? 32  DG  C "O3'"  1 
ATOM   798  C  "C2'"  . DG  B 2 5  ? -7.303  8.063   -18.175 1.00 112.24 ? 32  DG  C "C2'"  1 
ATOM   799  C  "C1'"  . DG  B 2 5  ? -7.547  9.512   -18.600 1.00 99.06  ? 32  DG  C "C1'"  1 
ATOM   800  N  N9     . DG  B 2 5  ? -8.161  10.314  -17.547 1.00 86.37  ? 32  DG  C N9     1 
ATOM   801  C  C8     . DG  B 2 5  ? -9.323  10.041  -16.863 1.00 99.28  ? 32  DG  C C8     1 
ATOM   802  N  N7     . DG  B 2 5  ? -9.608  10.927  -15.950 1.00 95.01  ? 32  DG  C N7     1 
ATOM   803  C  C5     . DG  B 2 5  ? -8.565  11.841  -16.026 1.00 88.43  ? 32  DG  C C5     1 
ATOM   804  C  C6     . DG  B 2 5  ? -8.330  13.020  -15.281 1.00 87.25  ? 32  DG  C C6     1 
ATOM   805  O  O6     . DG  B 2 5  ? -9.020  13.506  -14.375 1.00 87.32  ? 32  DG  C O6     1 
ATOM   806  N  N1     . DG  B 2 5  ? -7.155  13.653  -15.677 1.00 94.01  ? 32  DG  C N1     1 
ATOM   807  C  C2     . DG  B 2 5  ? -6.315  13.203  -16.668 1.00 95.15  ? 32  DG  C C2     1 
ATOM   808  N  N2     . DG  B 2 5  ? -5.227  13.948  -16.907 1.00 93.02  ? 32  DG  C N2     1 
ATOM   809  N  N3     . DG  B 2 5  ? -6.523  12.101  -17.373 1.00 89.05  ? 32  DG  C N3     1 
ATOM   810  C  C4     . DG  B 2 5  ? -7.662  11.473  -16.999 1.00 90.37  ? 32  DG  C C4     1 
ATOM   811  H  "H5'"  . DG  B 2 5  ? -10.075 7.710   -18.591 1.00 151.73 ? 32  DG  C "H5'"  1 
ATOM   812  H  "H5''" . DG  B 2 5  ? -10.704 8.489   -19.811 1.00 151.73 ? 32  DG  C "H5''" 1 
ATOM   813  H  "H4'"  . DG  B 2 5  ? -8.686  7.992   -21.034 1.00 149.75 ? 32  DG  C "H4'"  1 
ATOM   814  H  "H3'"  . DG  B 2 5  ? -7.892  6.393   -19.232 1.00 144.45 ? 32  DG  C "H3'"  1 
ATOM   815  H  "H2'"  . DG  B 2 5  ? -7.918  7.803   -17.472 1.00 134.85 ? 32  DG  C "H2'"  1 
ATOM   816  H  "H2''" . DG  B 2 5  ? -6.383  7.938   -17.892 1.00 134.85 ? 32  DG  C "H2''" 1 
ATOM   817  H  "H1'"  . DG  B 2 5  ? -6.702  9.915   -18.856 1.00 119.02 ? 32  DG  C "H1'"  1 
ATOM   818  H  H8     . DG  B 2 5  ? -9.855  9.298   -17.038 1.00 119.29 ? 32  DG  C H8     1 
ATOM   819  H  H1     . DG  B 2 5  ? -6.940  14.381  -15.271 1.00 112.97 ? 32  DG  C H1     1 
ATOM   820  H  H21    . DG  B 2 5  ? -4.669  13.710  -17.517 1.00 111.78 ? 32  DG  C H21    1 
ATOM   821  H  H22    . DG  B 2 5  ? -5.087  14.664  -16.453 1.00 111.78 ? 32  DG  C H22    1 
ATOM   822  P  P      . DT  B 2 6  ? -5.159  6.335   -19.891 1.00 125.63 ? 33  DT  C P      1 
ATOM   823  O  OP1    . DT  B 2 6  ? -4.880  5.404   -21.006 1.00 137.42 ? 33  DT  C OP1    1 
ATOM   824  O  OP2    . DT  B 2 6  ? -5.407  5.804   -18.531 1.00 132.55 ? 33  DT  C OP2    1 
ATOM   825  O  "O5'"  . DT  B 2 6  ? -3.956  7.388   -19.792 1.00 96.87  ? 33  DT  C "O5'"  1 
ATOM   826  C  "C5'"  . DT  B 2 6  ? -4.006  8.420   -18.824 1.00 98.20  ? 33  DT  C "C5'"  1 
ATOM   827  C  "C4'"  . DT  B 2 6  ? -2.773  9.297   -18.882 1.00 91.45  ? 33  DT  C "C4'"  1 
ATOM   828  O  "O4'"  . DT  B 2 6  ? -3.045  10.528  -18.166 1.00 100.27 ? 33  DT  C "O4'"  1 
ATOM   829  C  "C3'"  . DT  B 2 6  ? -1.539  8.716   -18.215 1.00 84.27  ? 33  DT  C "C3'"  1 
ATOM   830  O  "O3'"  . DT  B 2 6  ? -0.350  9.229   -18.797 1.00 85.57  ? 33  DT  C "O3'"  1 
ATOM   831  C  "C2'"  . DT  B 2 6  ? -1.707  9.159   -16.775 1.00 72.73  ? 33  DT  C "C2'"  1 
ATOM   832  C  "C1'"  . DT  B 2 6  ? -2.377  10.521  -16.915 1.00 74.31  ? 33  DT  C "C1'"  1 
ATOM   833  N  N1     . DT  B 2 6  ? -3.368  10.807  -15.828 1.00 72.44  ? 33  DT  C N1     1 
ATOM   834  C  C2     . DT  B 2 6  ? -3.188  11.912  -15.024 1.00 81.83  ? 33  DT  C C2     1 
ATOM   835  O  O2     . DT  B 2 6  ? -2.264  12.692  -15.158 1.00 92.45  ? 33  DT  C O2     1 
ATOM   836  N  N3     . DT  B 2 6  ? -4.140  12.078  -14.056 1.00 82.23  ? 33  DT  C N3     1 
ATOM   837  C  C4     . DT  B 2 6  ? -5.228  11.266  -13.811 1.00 85.94  ? 33  DT  C C4     1 
ATOM   838  O  O4     . DT  B 2 6  ? -6.033  11.500  -12.913 1.00 87.23  ? 33  DT  C O4     1 
ATOM   839  C  C5     . DT  B 2 6  ? -5.356  10.125  -14.682 1.00 71.90  ? 33  DT  C C5     1 
ATOM   840  C  C7     . DT  B 2 6  ? -6.496  9.177   -14.507 1.00 71.90  ? 33  DT  C C7     1 
ATOM   841  C  C6     . DT  B 2 6  ? -4.430  9.949   -15.636 1.00 61.37  ? 33  DT  C C6     1 
ATOM   842  H  "H5'"  . DT  B 2 6  ? -4.071  8.024   -17.941 1.00 118.00 ? 33  DT  C "H5'"  1 
ATOM   843  H  "H5''" . DT  B 2 6  ? -4.791  8.968   -18.984 1.00 118.00 ? 33  DT  C "H5''" 1 
ATOM   844  H  "H4'"  . DT  B 2 6  ? -2.570  9.503   -19.807 1.00 109.89 ? 33  DT  C "H4'"  1 
ATOM   845  H  "H3'"  . DT  B 2 6  ? -1.552  7.748   -18.271 1.00 101.28 ? 33  DT  C "H3'"  1 
ATOM   846  H  "H2'"  . DT  B 2 6  ? -2.279  8.544   -16.291 1.00 87.43  ? 33  DT  C "H2'"  1 
ATOM   847  H  "H2''" . DT  B 2 6  ? -0.844  9.246   -16.338 1.00 87.43  ? 33  DT  C "H2''" 1 
ATOM   848  H  "H1'"  . DT  B 2 6  ? -1.697  11.212  -16.915 1.00 89.32  ? 33  DT  C "H1'"  1 
ATOM   849  H  H3     . DT  B 2 6  ? -4.052  12.764  -13.545 1.00 98.83  ? 33  DT  C H3     1 
ATOM   850  H  H71    . DT  B 2 6  ? -7.023  9.151   -15.322 1.00 86.44  ? 33  DT  C H71    1 
ATOM   851  H  H72    . DT  B 2 6  ? -6.153  8.290   -14.317 1.00 86.44  ? 33  DT  C H72    1 
ATOM   852  H  H73    . DT  B 2 6  ? -7.054  9.473   -13.770 1.00 86.44  ? 33  DT  C H73    1 
ATOM   853  H  H6     . DT  B 2 6  ? -4.511  9.212   -16.199 1.00 73.79  ? 33  DT  C H6     1 
ATOM   854  P  P      . DC  B 2 7  ? 1.081   8.748   -18.247 1.00 103.83 ? 34  DC  C P      1 
ATOM   855  O  OP1    . DC  B 2 7  ? 2.106   9.091   -19.256 1.00 97.94  ? 34  DC  C OP1    1 
ATOM   856  O  OP2    . DC  B 2 7  ? 0.930   7.349   -17.790 1.00 108.00 ? 34  DC  C OP2    1 
ATOM   857  O  "O5'"  . DC  B 2 7  ? 1.319   9.667   -16.963 1.00 70.42  ? 34  DC  C "O5'"  1 
ATOM   858  C  "C5'"  . DC  B 2 7  ? 1.373   11.064  -17.119 1.00 76.66  ? 34  DC  C "C5'"  1 
ATOM   859  C  "C4'"  . DC  B 2 7  ? 1.629   11.768  -15.794 1.00 82.00  ? 34  DC  C "C4'"  1 
ATOM   860  O  "O4'"  . DC  B 2 7  ? 0.433   11.744  -14.979 1.00 86.18  ? 34  DC  C "O4'"  1 
ATOM   861  C  "C3'"  . DC  B 2 7  ? 2.735   11.151  -14.923 1.00 94.21  ? 34  DC  C "C3'"  1 
ATOM   862  O  "O3'"  . DC  B 2 7  ? 3.788   12.095  -14.737 1.00 95.29  ? 34  DC  C "O3'"  1 
ATOM   863  C  "C2'"  . DC  B 2 7  ? 2.030   10.791  -13.602 1.00 86.84  ? 34  DC  C "C2'"  1 
ATOM   864  C  "C1'"  . DC  B 2 7  ? 0.819   11.695  -13.625 1.00 68.60  ? 34  DC  C "C1'"  1 
ATOM   865  N  N1     . DC  B 2 7  ? -0.352  11.229  -12.814 1.00 63.39  ? 34  DC  C N1     1 
ATOM   866  C  C2     . DC  B 2 7  ? -0.789  12.001  -11.729 1.00 74.45  ? 34  DC  C C2     1 
ATOM   867  O  O2     . DC  B 2 7  ? -0.174  13.035  -11.436 1.00 85.82  ? 34  DC  C O2     1 
ATOM   868  N  N3     . DC  B 2 7  ? -1.871  11.590  -11.022 1.00 70.15  ? 34  DC  C N3     1 
ATOM   869  C  C4     . DC  B 2 7  ? -2.509  10.471  -11.370 1.00 80.59  ? 34  DC  C C4     1 
ATOM   870  N  N4     . DC  B 2 7  ? -3.570  10.111  -10.639 1.00 85.45  ? 34  DC  C N4     1 
ATOM   871  C  C5     . DC  B 2 7  ? -2.088  9.675   -12.481 1.00 58.74  ? 34  DC  C C5     1 
ATOM   872  C  C6     . DC  B 2 7  ? -1.019  10.092  -13.171 1.00 51.19  ? 34  DC  C C6     1 
ATOM   873  H  "H5'"  . DC  B 2 7  ? 0.530   11.375  -17.485 1.00 92.15  ? 34  DC  C "H5'"  1 
ATOM   874  H  "H5''" . DC  B 2 7  ? 2.087   11.286  -17.738 1.00 92.15  ? 34  DC  C "H5''" 1 
ATOM   875  H  "H4'"  . DC  B 2 7  ? 1.861   12.691  -15.977 1.00 98.55  ? 34  DC  C "H4'"  1 
ATOM   876  H  "H3'"  . DC  B 2 7  ? 3.080   10.348  -15.345 1.00 113.21 ? 34  DC  C "H3'"  1 
ATOM   877  H  "H2'"  . DC  B 2 7  ? 1.762   9.858   -13.597 1.00 104.37 ? 34  DC  C "H2'"  1 
ATOM   878  H  "H2''" . DC  B 2 7  ? 2.597   10.994  -12.842 1.00 104.37 ? 34  DC  C "H2''" 1 
ATOM   879  H  "H1'"  . DC  B 2 7  ? 1.078   12.583  -13.334 1.00 82.47  ? 34  DC  C "H1'"  1 
ATOM   880  H  H41    . DC  B 2 7  ? -4.000  9.392   -10.832 1.00 102.69 ? 34  DC  C H41    1 
ATOM   881  H  H42    . DC  B 2 7  ? -3.821  10.598  -9.975  1.00 102.69 ? 34  DC  C H42    1 
ATOM   882  H  H5     . DC  B 2 7  ? -2.540  8.897   -12.715 1.00 70.65  ? 34  DC  C H5     1 
ATOM   883  H  H6     . DC  B 2 7  ? -0.722  9.596   -13.899 1.00 61.59  ? 34  DC  C H6     1 
ATOM   884  P  P      . DG  B 2 8  ? 4.998   11.793  -13.725 1.00 107.50 ? 35  DG  C P      1 
ATOM   885  O  OP1    . DG  B 2 8  ? 6.102   12.718  -14.063 1.00 80.03  ? 35  DG  C OP1    1 
ATOM   886  O  OP2    . DG  B 2 8  ? 5.217   10.330  -13.731 1.00 70.71  ? 35  DG  C OP2    1 
ATOM   887  O  "O5'"  . DG  B 2 8  ? 4.416   12.208  -12.296 1.00 58.54  ? 35  DG  C "O5'"  1 
ATOM   888  C  "C5'"  . DG  B 2 8  ? 5.289   12.598  -11.242 1.00 64.26  ? 35  DG  C "C5'"  1 
ATOM   889  C  "C4'"  . DG  B 2 8  ? 4.521   12.701  -9.943  1.00 81.30  ? 35  DG  C "C4'"  1 
ATOM   890  O  "O4'"  . DG  B 2 8  ? 3.199   12.171  -10.141 1.00 70.87  ? 35  DG  C "O4'"  1 
ATOM   891  C  "C3'"  . DG  B 2 8  ? 5.112   11.914  -8.782  1.00 78.70  ? 35  DG  C "C3'"  1 
ATOM   892  O  "O3'"  . DG  B 2 8  ? 5.890   12.780  -7.955  1.00 55.44  ? 35  DG  C "O3'"  1 
ATOM   893  C  "C2'"  . DG  B 2 8  ? 3.885   11.313  -8.057  1.00 81.19  ? 35  DG  C "C2'"  1 
ATOM   894  C  "C1'"  . DG  B 2 8  ? 2.687   11.731  -8.913  1.00 60.49  ? 35  DG  C "C1'"  1 
ATOM   895  N  N9     . DG  B 2 8  ? 1.748   10.642  -9.177  1.00 63.27  ? 35  DG  C N9     1 
ATOM   896  C  C8     . DG  B 2 8  ? 1.895   9.629   -10.097 1.00 76.90  ? 35  DG  C C8     1 
ATOM   897  N  N7     . DG  B 2 8  ? 0.896   8.790   -10.110 1.00 67.11  ? 35  DG  C N7     1 
ATOM   898  C  C5     . DG  B 2 8  ? 0.032   9.277   -9.140  1.00 53.83  ? 35  DG  C C5     1 
ATOM   899  C  C6     . DG  B 2 8  ? -1.222  8.787   -8.712  1.00 63.98  ? 35  DG  C C6     1 
ATOM   900  O  O6     . DG  B 2 8  ? -1.831  7.784   -9.114  1.00 73.20  ? 35  DG  C O6     1 
ATOM   901  N  N1     . DG  B 2 8  ? -1.767  9.579   -7.702  1.00 65.18  ? 35  DG  C N1     1 
ATOM   902  C  C2     . DG  B 2 8  ? -1.174  10.709  -7.184  1.00 84.29  ? 35  DG  C C2     1 
ATOM   903  N  N2     . DG  B 2 8  ? -1.848  11.348  -6.217  1.00 91.22  ? 35  DG  C N2     1 
ATOM   904  N  N3     . DG  B 2 8  ? 0.001   11.179  -7.580  1.00 75.54  ? 35  DG  C N3     1 
ATOM   905  C  C4     . DG  B 2 8  ? 0.544   10.416  -8.556  1.00 61.57  ? 35  DG  C C4     1 
ATOM   906  H  "H5'"  . DG  B 2 8  ? 5.682   13.459  -11.453 1.00 77.26  ? 35  DG  C "H5'"  1 
ATOM   907  H  "H5''" . DG  B 2 8  ? 5.993   11.937  -11.148 1.00 77.26  ? 35  DG  C "H5''" 1 
ATOM   908  H  "H4'"  . DG  B 2 8  ? 4.453   13.634  -9.689  1.00 97.72  ? 35  DG  C "H4'"  1 
ATOM   909  H  "H3'"  . DG  B 2 8  ? 5.670   11.199  -9.125  1.00 94.59  ? 35  DG  C "H3'"  1 
ATOM   910  H  "HO3'" . DG  B 2 8  ? 5.687   12.883  -7.146  1.00 66.69  ? 35  DG  C "HO3'" 1 
ATOM   911  H  "H2'"  . DG  B 2 8  ? 3.954   10.346  -8.021  1.00 97.58  ? 35  DG  C "H2'"  1 
ATOM   912  H  "H2''" . DG  B 2 8  ? 3.807   11.682  -7.162  1.00 97.58  ? 35  DG  C "H2''" 1 
ATOM   913  H  "H1'"  . DG  B 2 8  ? 2.219   12.461  -8.479  1.00 72.75  ? 35  DG  C "H1'"  1 
ATOM   914  H  H8     . DG  B 2 8  ? 2.637   9.547   -10.652 1.00 92.44  ? 35  DG  C H8     1 
ATOM   915  H  H1     . DG  B 2 8  ? -2.532  9.349   -7.383  1.00 78.37  ? 35  DG  C H1     1 
ATOM   916  H  H21    . DG  B 2 8  ? -1.456  11.948  -5.743  1.00 109.62 ? 35  DG  C H21    1 
ATOM   917  P  P      . DC  C 3 1  ? -1.844  -16.318 6.906   1.00 149.79 ? 36  DC  D P      1 
ATOM   918  O  OP1    . DC  C 3 1  ? -2.906  -16.829 7.802   1.00 105.89 ? 36  DC  D OP1    1 
ATOM   919  O  OP2    . DC  C 3 1  ? -1.514  -17.037 5.655   1.00 122.84 ? 36  DC  D OP2    1 
ATOM   920  O  "O5'"  . DC  C 3 1  ? -2.218  -14.810 6.520   1.00 102.26 ? 36  DC  D "O5'"  1 
ATOM   921  C  "C5'"  . DC  C 3 1  ? -2.700  -14.512 5.210   1.00 96.91  ? 36  DC  D "C5'"  1 
ATOM   922  C  "C4'"  . DC  C 3 1  ? -1.577  -14.023 4.301   1.00 84.61  ? 36  DC  D "C4'"  1 
ATOM   923  O  "O4'"  . DC  C 3 1  ? -1.561  -12.584 4.291   1.00 87.66  ? 36  DC  D "O4'"  1 
ATOM   924  C  "C3'"  . DC  C 3 1  ? -0.180  -14.431 4.719   1.00 93.80  ? 36  DC  D "C3'"  1 
ATOM   925  O  "O3'"  . DC  C 3 1  ? 0.140   -15.700 4.157   1.00 94.70  ? 36  DC  D "O3'"  1 
ATOM   926  C  "C2'"  . DC  C 3 1  ? 0.702   -13.302 4.172   1.00 92.89  ? 36  DC  D "C2'"  1 
ATOM   927  C  "C1'"  . DC  C 3 1  ? -0.253  -12.113 4.035   1.00 72.66  ? 36  DC  D "C1'"  1 
ATOM   928  N  N1     . DC  C 3 1  ? 0.014   -10.970 4.969   1.00 69.39  ? 36  DC  D N1     1 
ATOM   929  C  C2     . DC  C 3 1  ? 1.107   -10.127 4.745   1.00 74.98  ? 36  DC  D C2     1 
ATOM   930  O  O2     . DC  C 3 1  ? 1.863   -10.359 3.795   1.00 91.02  ? 36  DC  D O2     1 
ATOM   931  N  N3     . DC  C 3 1  ? 1.317   -9.082  5.587   1.00 76.37  ? 36  DC  D N3     1 
ATOM   932  C  C4     . DC  C 3 1  ? 0.480   -8.864  6.602   1.00 79.52  ? 36  DC  D C4     1 
ATOM   933  N  N4     . DC  C 3 1  ? 0.727   -7.822  7.410   1.00 72.73  ? 36  DC  D N4     1 
ATOM   934  C  C5     . DC  C 3 1  ? -0.648  -9.704  6.839   1.00 69.81  ? 36  DC  D C5     1 
ATOM   935  C  C6     . DC  C 3 1  ? -0.845  -10.730 6.003   1.00 73.65  ? 36  DC  D C6     1 
ATOM   936  H  "H5'"  . DC  C 3 1  ? -3.379  -13.823 5.271   1.00 116.45 ? 36  DC  D "H5'"  1 
ATOM   937  H  "H5''" . DC  C 3 1  ? -3.091  -15.312 4.827   1.00 116.45 ? 36  DC  D "H5''" 1 
ATOM   938  H  "H4'"  . DC  C 3 1  ? -1.742  -14.343 3.401   1.00 101.69 ? 36  DC  D "H4'"  1 
ATOM   939  H  "H3'"  . DC  C 3 1  ? -0.117  -14.465 5.687   1.00 112.72 ? 36  DC  D "H3'"  1 
ATOM   940  H  "H2'"  . DC  C 3 1  ? 1.415   -13.096 4.796   1.00 111.62 ? 36  DC  D "H2'"  1 
ATOM   941  H  "H2''" . DC  C 3 1  ? 1.066   -13.547 3.306   1.00 111.62 ? 36  DC  D "H2''" 1 
ATOM   942  H  "H1'"  . DC  C 3 1  ? -0.213  -11.785 3.122   1.00 87.35  ? 36  DC  D "H1'"  1 
ATOM   943  H  H41    . DC  C 3 1  ? 0.205   -7.660  8.073   1.00 87.43  ? 36  DC  D H41    1 
ATOM   944  H  H42    . DC  C 3 1  ? 1.407   -7.317  7.263   1.00 87.43  ? 36  DC  D H42    1 
ATOM   945  H  H5     . DC  C 3 1  ? -1.226  -9.544  7.550   1.00 83.92  ? 36  DC  D H5     1 
ATOM   946  H  H6     . DC  C 3 1  ? -1.572  -11.294 6.135   1.00 88.53  ? 36  DC  D H6     1 
ATOM   947  P  P      . DT  C 3 2  ? 1.624   -16.299 4.282   1.00 99.16  ? 37  DT  D P      1 
ATOM   948  O  OP1    . DT  C 3 2  ? 1.534   -17.773 4.147   1.00 82.20  ? 37  DT  D OP1    1 
ATOM   949  O  OP2    . DT  C 3 2  ? 2.245   -15.666 5.468   1.00 73.51  ? 37  DT  D OP2    1 
ATOM   950  O  "O5'"  . DT  C 3 2  ? 2.371   -15.773 2.974   1.00 89.50  ? 37  DT  D "O5'"  1 
ATOM   951  C  "C5'"  . DT  C 3 2  ? 3.659   -16.278 2.658   1.00 86.55  ? 37  DT  D "C5'"  1 
ATOM   952  C  "C4'"  . DT  C 3 2  ? 4.720   -15.214 2.872   1.00 95.97  ? 37  DT  D "C4'"  1 
ATOM   953  O  "O4'"  . DT  C 3 2  ? 4.185   -14.127 3.665   1.00 76.56  ? 37  DT  D "O4'"  1 
ATOM   954  C  "C3'"  . DT  C 3 2  ? 5.978   -15.692 3.607   1.00 101.47 ? 37  DT  D "C3'"  1 
ATOM   955  O  "O3'"  . DT  C 3 2  ? 7.113   -15.531 2.766   1.00 109.23 ? 37  DT  D "O3'"  1 
ATOM   956  C  "C2'"  . DT  C 3 2  ? 6.054   -14.786 4.851   1.00 99.24  ? 37  DT  D "C2'"  1 
ATOM   957  C  "C1'"  . DT  C 3 2  ? 5.235   -13.584 4.416   1.00 86.13  ? 37  DT  D "C1'"  1 
ATOM   958  N  N1     . DT  C 3 2  ? 4.658   -12.783 5.544   1.00 75.35  ? 37  DT  D N1     1 
ATOM   959  C  C2     . DT  C 3 2  ? 5.251   -11.590 5.898   1.00 83.35  ? 37  DT  D C2     1 
ATOM   960  O  O2     . DT  C 3 2  ? 6.241   -11.145 5.346   1.00 101.51 ? 37  DT  D O2     1 
ATOM   961  N  N3     . DT  C 3 2  ? 4.641   -10.932 6.929   1.00 83.00  ? 37  DT  D N3     1 
ATOM   962  C  C4     . DT  C 3 2  ? 3.520   -11.331 7.628   1.00 87.90  ? 37  DT  D C4     1 
ATOM   963  O  O4     . DT  C 3 2  ? 3.045   -10.666 8.545   1.00 74.26  ? 37  DT  D O4     1 
ATOM   964  C  C5     . DT  C 3 2  ? 2.944   -12.583 7.206   1.00 80.09  ? 37  DT  D C5     1 
ATOM   965  C  C7     . DT  C 3 2  ? 1.723   -13.115 7.896   1.00 75.38  ? 37  DT  D C7     1 
ATOM   966  C  C6     . DT  C 3 2  ? 3.535   -13.242 6.197   1.00 71.08  ? 37  DT  D C6     1 
ATOM   967  P  P      . DG  C 3 3  ? 8.538   -16.123 3.209   1.00 134.33 ? 38  DG  D P      1 
ATOM   968  O  OP1    . DG  C 3 3  ? 9.079   -16.905 2.074   1.00 126.32 ? 38  DG  D OP1    1 
ATOM   969  O  OP2    . DG  C 3 3  ? 8.361   -16.770 4.528   1.00 140.43 ? 38  DG  D OP2    1 
ATOM   970  O  "O5'"  . DG  C 3 3  ? 9.428   -14.817 3.453   1.00 110.06 ? 38  DG  D "O5'"  1 
ATOM   971  C  "C5'"  . DG  C 3 3  ? 9.046   -13.891 4.459   1.00 95.06  ? 38  DG  D "C5'"  1 
ATOM   972  C  "C4'"  . DG  C 3 3  ? 10.076  -12.791 4.620   1.00 107.99 ? 38  DG  D "C4'"  1 
ATOM   973  O  "O4'"  . DG  C 3 3  ? 9.517   -11.717 5.413   1.00 107.03 ? 38  DG  D "O4'"  1 
ATOM   974  C  "C3'"  . DG  C 3 3  ? 11.342  -13.202 5.345   1.00 127.41 ? 38  DG  D "C3'"  1 
ATOM   975  O  "O3'"  . DG  C 3 3  ? 12.462  -12.443 4.867   1.00 142.49 ? 38  DG  D "O3'"  1 
ATOM   976  C  "C2'"  . DG  C 3 3  ? 11.010  -12.925 6.818   1.00 130.17 ? 38  DG  D "C2'"  1 
ATOM   977  C  "C1'"  . DG  C 3 3  ? 9.935   -11.835 6.763   1.00 113.80 ? 38  DG  D "C1'"  1 
ATOM   978  N  N9     . DG  C 3 3  ? 8.753   -12.118 7.580   1.00 105.19 ? 38  DG  D N9     1 
ATOM   979  C  C8     . DG  C 3 3  ? 7.974   -13.251 7.547   1.00 105.47 ? 38  DG  D C8     1 
ATOM   980  N  N7     . DG  C 3 3  ? 6.972   -13.219 8.379   1.00 104.77 ? 38  DG  D N7     1 
ATOM   981  C  C5     . DG  C 3 3  ? 7.085   -11.984 9.001   1.00 99.25  ? 38  DG  D C5     1 
ATOM   982  C  C6     . DG  C 3 3  ? 6.274   -11.395 9.997   1.00 96.37  ? 38  DG  D C6     1 
ATOM   983  O  O6     . DG  C 3 3  ? 5.266   -11.863 10.542  1.00 96.69  ? 38  DG  D O6     1 
ATOM   984  N  N1     . DG  C 3 3  ? 6.734   -10.134 10.352  1.00 94.69  ? 38  DG  D N1     1 
ATOM   985  C  C2     . DG  C 3 3  ? 7.841   -9.523  9.819   1.00 100.75 ? 38  DG  D C2     1 
ATOM   986  N  N2     . DG  C 3 3  ? 8.119   -8.302  10.291  1.00 100.66 ? 38  DG  D N2     1 
ATOM   987  N  N3     . DG  C 3 3  ? 8.610   -10.060 8.878   1.00 92.48  ? 38  DG  D N3     1 
ATOM   988  C  C4     . DG  C 3 3  ? 8.174   -11.291 8.519   1.00 97.42  ? 38  DG  D C4     1 
ATOM   989  H  "H5'"  . DG  C 3 3  ? 8.950   -14.360 5.302   1.00 114.23 ? 38  DG  D "H5'"  1 
ATOM   990  H  "H5''" . DG  C 3 3  ? 8.194   -13.495 4.218   1.00 114.23 ? 38  DG  D "H5''" 1 
ATOM   991  H  "H4'"  . DG  C 3 3  ? 10.311  -12.448 3.744   1.00 129.74 ? 38  DG  D "H4'"  1 
ATOM   992  H  "H3'"  . DG  C 3 3  ? 11.503  -14.149 5.215   1.00 153.04 ? 38  DG  D "H3'"  1 
ATOM   993  H  "H2'"  . DG  C 3 3  ? 10.661  -13.724 7.243   1.00 156.36 ? 38  DG  D "H2'"  1 
ATOM   994  H  "H2''" . DG  C 3 3  ? 11.796  -12.604 7.287   1.00 156.36 ? 38  DG  D "H2''" 1 
ATOM   995  H  "H1'"  . DG  C 3 3  ? 10.323  -10.993 7.049   1.00 136.72 ? 38  DG  D "H1'"  1 
ATOM   996  H  H8     . DG  C 3 3  ? 8.150   -13.975 6.989   1.00 126.72 ? 38  DG  D H8     1 
ATOM   997  H  H1     . DG  C 3 3  ? 6.294   -9.706  10.955  1.00 113.79 ? 38  DG  D H1     1 
ATOM   998  H  H21    . DG  C 3 3  ? 8.795   -7.867  9.984   1.00 120.95 ? 38  DG  D H21    1 
ATOM   999  H  H22    . DG  C 3 3  ? 7.623   -7.953  10.899  1.00 120.95 ? 38  DG  D H22    1 
ATOM   1000 P  P      . DT  C 3 4  ? 13.897  -12.553 5.585   1.00 154.69 ? 39  DT  D P      1 
ATOM   1001 O  OP1    . DT  C 3 4  ? 14.927  -12.161 4.596   1.00 154.68 ? 39  DT  D OP1    1 
ATOM   1002 O  OP2    . DT  C 3 4  ? 13.975  -13.880 6.234   1.00 141.98 ? 39  DT  D OP2    1 
ATOM   1003 O  "O5'"  . DT  C 3 4  ? 13.834  -11.433 6.726   1.00 149.02 ? 39  DT  D "O5'"  1 
ATOM   1004 C  "C5'"  . DT  C 3 4  ? 14.573  -11.595 7.932   1.00 143.60 ? 39  DT  D "C5'"  1 
ATOM   1005 C  "C4'"  . DT  C 3 4  ? 14.151  -10.563 8.959   1.00 140.96 ? 39  DT  D "C4'"  1 
ATOM   1006 O  "O4'"  . DT  C 3 4  ? 12.781  -10.801 9.339   1.00 130.54 ? 39  DT  D "O4'"  1 
ATOM   1007 C  "C3'"  . DT  C 3 4  ? 14.956  -10.575 10.262  1.00 156.04 ? 39  DT  D "C3'"  1 
ATOM   1008 O  "O3'"  . DT  C 3 4  ? 15.563  -9.299  10.482  1.00 162.95 ? 39  DT  D "O3'"  1 
ATOM   1009 C  "C2'"  . DT  C 3 4  ? 13.926  -10.920 11.349  1.00 156.37 ? 39  DT  D "C2'"  1 
ATOM   1010 C  "C1'"  . DT  C 3 4  ? 12.630  -10.490 10.701  1.00 134.79 ? 39  DT  D "C1'"  1 
ATOM   1011 N  N1     . DT  C 3 4  ? 11.406  -11.170 11.189  1.00 127.70 ? 39  DT  D N1     1 
ATOM   1012 C  C2     . DT  C 3 4  ? 10.525  -10.475 11.982  1.00 123.79 ? 39  DT  D C2     1 
ATOM   1013 O  O2     . DT  C 3 4  ? 10.718  -9.333  12.356  1.00 133.02 ? 39  DT  D O2     1 
ATOM   1014 N  N3     . DT  C 3 4  ? 9.405   -11.175 12.340  1.00 114.38 ? 39  DT  D N3     1 
ATOM   1015 C  C4     . DT  C 3 4  ? 9.079   -12.468 11.977  1.00 117.42 ? 39  DT  D C4     1 
ATOM   1016 O  O4     . DT  C 3 4  ? 8.045   -13.015 12.352  1.00 119.56 ? 39  DT  D O4     1 
ATOM   1017 C  C5     . DT  C 3 4  ? 10.037  -13.132 11.127  1.00 118.87 ? 39  DT  D C5     1 
ATOM   1018 C  C7     . DT  C 3 4  ? 9.795   -14.538 10.676  1.00 119.00 ? 39  DT  D C7     1 
ATOM   1019 C  C6     . DT  C 3 4  ? 11.139  -12.457 10.773  1.00 122.20 ? 39  DT  D C6     1 
ATOM   1020 H  "H5'"  . DT  C 3 4  ? 15.519  -11.490 7.743   1.00 172.48 ? 39  DT  D "H5'"  1 
ATOM   1021 H  "H5''" . DT  C 3 4  ? 14.415  -12.483 8.287   1.00 172.48 ? 39  DT  D "H5''" 1 
ATOM   1022 H  "H4'"  . DT  C 3 4  ? 14.216  -9.681  8.559   1.00 169.31 ? 39  DT  D "H4'"  1 
ATOM   1023 H  "H3'"  . DT  C 3 4  ? 15.639  -11.264 10.222  1.00 187.40 ? 39  DT  D "H3'"  1 
ATOM   1024 H  "H2'"  . DT  C 3 4  ? 13.921  -11.873 11.530  1.00 187.80 ? 39  DT  D "H2'"  1 
ATOM   1025 H  "H2''" . DT  C 3 4  ? 14.093  -10.412 12.157  1.00 187.80 ? 39  DT  D "H2''" 1 
ATOM   1026 H  "H1'"  . DT  C 3 4  ? 12.526  -9.531  10.800  1.00 161.90 ? 39  DT  D "H1'"  1 
ATOM   1027 H  H3     . DT  C 3 4  ? 8.843   -10.766 12.846  1.00 137.41 ? 39  DT  D H3     1 
ATOM   1028 H  H71    . DT  C 3 4  ? 8.959   -14.858 11.050  1.00 142.96 ? 39  DT  D H71    1 
ATOM   1029 H  H72    . DT  C 3 4  ? 9.747   -14.563 9.707   1.00 142.96 ? 39  DT  D H72    1 
ATOM   1030 H  H73    . DT  C 3 4  ? 10.522  -15.106 10.978  1.00 142.96 ? 39  DT  D H73    1 
ATOM   1031 H  H6     . DT  C 3 4  ? 11.759  -12.880 10.223  1.00 146.80 ? 39  DT  D H6     1 
ATOM   1032 P  P      . DC  C 3 5  ? 17.074  -9.210  11.021  1.00 182.99 ? 40  DC  D P      1 
ATOM   1033 O  OP1    . DC  C 3 5  ? 17.923  -8.894  9.848   1.00 144.49 ? 40  DC  D OP1    1 
ATOM   1034 O  OP2    . DC  C 3 5  ? 17.345  -10.452 11.784  1.00 158.63 ? 40  DC  D OP2    1 
ATOM   1035 O  "O5'"  . DC  C 3 5  ? 17.049  -7.975  12.047  1.00 143.06 ? 40  DC  D "O5'"  1 
ATOM   1036 C  "C5'"  . DC  C 3 5  ? 15.873  -7.707  12.803  1.00 146.34 ? 40  DC  D "C5'"  1 
ATOM   1037 C  "C4'"  . DC  C 3 5  ? 16.047  -8.126  14.253  1.00 167.27 ? 40  DC  D "C4'"  1 
ATOM   1038 O  "O4'"  . DC  C 3 5  ? 14.812  -8.745  14.720  1.00 166.45 ? 40  DC  D "O4'"  1 
ATOM   1039 C  "C3'"  . DC  C 3 5  ? 17.152  -9.162  14.509  1.00 170.98 ? 40  DC  D "C3'"  1 
ATOM   1040 O  "O3'"  . DC  C 3 5  ? 17.777  -9.001  15.834  1.00 168.34 ? 40  DC  D "O3'"  1 
ATOM   1041 C  "C2'"  . DC  C 3 5  ? 16.357  -10.460 14.450  1.00 167.02 ? 40  DC  D "C2'"  1 
ATOM   1042 C  "C1'"  . DC  C 3 5  ? 15.119  -10.025 15.219  1.00 168.57 ? 40  DC  D "C1'"  1 
ATOM   1043 N  N1     . DC  C 3 5  ? 13.938  -10.939 15.082  1.00 159.00 ? 40  DC  D N1     1 
ATOM   1044 C  C2     . DC  C 3 5  ? 12.724  -10.625 15.730  1.00 155.21 ? 40  DC  D C2     1 
ATOM   1045 O  O2     . DC  C 3 5  ? 12.627  -9.566  16.385  1.00 154.67 ? 40  DC  D O2     1 
ATOM   1046 N  N3     . DC  C 3 5  ? 11.680  -11.493 15.610  1.00 145.68 ? 40  DC  D N3     1 
ATOM   1047 C  C4     . DC  C 3 5  ? 11.817  -12.624 14.900  1.00 145.29 ? 40  DC  D C4     1 
ATOM   1048 N  N4     . DC  C 3 5  ? 10.759  -13.445 14.815  1.00 139.94 ? 40  DC  D N4     1 
ATOM   1049 C  C5     . DC  C 3 5  ? 13.044  -12.960 14.249  1.00 142.48 ? 40  DC  D C5     1 
ATOM   1050 C  C6     . DC  C 3 5  ? 14.069  -12.105 14.372  1.00 150.48 ? 40  DC  D C6     1 
ATOM   1051 P  P      . DG  C 3 6  ? 17.677  -7.649  16.716  1.00 171.45 ? 41  DG  D P      1 
ATOM   1052 O  OP1    . DG  C 3 6  ? 16.736  -6.659  16.152  1.00 175.93 ? 41  DG  D OP1    1 
ATOM   1053 O  OP2    . DG  C 3 6  ? 19.071  -7.238  16.992  1.00 189.76 ? 41  DG  D OP2    1 
ATOM   1054 O  "O5'"  . DG  C 3 6  ? 17.084  -8.158  18.116  1.00 162.03 ? 41  DG  D "O5'"  1 
ATOM   1055 C  "C5'"  . DG  C 3 6  ? 16.555  -7.216  19.071  1.00 164.49 ? 41  DG  D "C5'"  1 
ATOM   1056 C  "C4'"  . DG  C 3 6  ? 15.331  -7.786  19.765  1.00 165.79 ? 41  DG  D "C4'"  1 
ATOM   1057 O  "O4'"  . DG  C 3 6  ? 14.737  -8.784  18.911  1.00 161.25 ? 41  DG  D "O4'"  1 
ATOM   1058 C  "C3'"  . DG  C 3 6  ? 15.619  -8.473  21.095  1.00 165.79 ? 41  DG  D "C3'"  1 
ATOM   1059 O  "O3'"  . DG  C 3 6  ? 15.228  -7.632  22.172  1.00 173.35 ? 41  DG  D "O3'"  1 
ATOM   1060 C  "C2'"  . DG  C 3 6  ? 14.818  -9.782  21.063  1.00 159.75 ? 41  DG  D "C2'"  1 
ATOM   1061 C  "C1'"  . DG  C 3 6  ? 14.197  -9.840  19.669  1.00 153.71 ? 41  DG  D "C1'"  1 
ATOM   1062 N  N9     . DG  C 3 6  ? 14.469  -11.080 18.948  1.00 153.58 ? 41  DG  D N9     1 
ATOM   1063 C  C8     . DG  C 3 6  ? 15.609  -11.385 18.244  1.00 157.65 ? 41  DG  D C8     1 
ATOM   1064 N  N7     . DG  C 3 6  ? 15.571  -12.559 17.679  1.00 155.15 ? 41  DG  D N7     1 
ATOM   1065 C  C5     . DG  C 3 6  ? 14.323  -13.064 18.021  1.00 152.02 ? 41  DG  D C5     1 
ATOM   1066 C  C6     . DG  C 3 6  ? 13.723  -14.302 17.691  1.00 145.86 ? 41  DG  D C6     1 
ATOM   1067 O  O6     . DG  C 3 6  ? 14.195  -15.224 17.009  1.00 141.28 ? 41  DG  D O6     1 
ATOM   1068 N  N1     . DG  C 3 6  ? 12.446  -14.418 18.240  1.00 141.45 ? 41  DG  D N1     1 
ATOM   1069 C  C2     . DG  C 3 6  ? 11.831  -13.456 19.011  1.00 144.55 ? 41  DG  D C2     1 
ATOM   1070 N  N2     . DG  C 3 6  ? 10.599  -13.748 19.453  1.00 136.46 ? 41  DG  D N2     1 
ATOM   1071 N  N3     . DG  C 3 6  ? 12.385  -12.290 19.327  1.00 143.18 ? 41  DG  D N3     1 
ATOM   1072 C  C4     . DG  C 3 6  ? 13.628  -12.163 18.800  1.00 150.98 ? 41  DG  D C4     1 
ATOM   1073 H  "H5'"  . DG  C 3 6  ? 16.309  -6.399  18.610  1.00 197.54 ? 41  DG  D "H5'"  1 
ATOM   1074 H  "H5''" . DG  C 3 6  ? 17.234  -7.018  19.733  1.00 197.54 ? 41  DG  D "H5''" 1 
ATOM   1075 H  "H4'"  . DG  C 3 6  ? 14.690  -7.073  19.911  1.00 199.10 ? 41  DG  D "H4'"  1 
ATOM   1076 H  "H3'"  . DG  C 3 6  ? 16.567  -8.671  21.161  1.00 199.10 ? 41  DG  D "H3'"  1 
ATOM   1077 H  "H2'"  . DG  C 3 6  ? 15.408  -10.540 21.200  1.00 191.86 ? 41  DG  D "H2'"  1 
ATOM   1078 H  "H2''" . DG  C 3 6  ? 14.124  -9.768  21.740  1.00 191.86 ? 41  DG  D "H2''" 1 
ATOM   1079 H  "H1'"  . DG  C 3 6  ? 13.238  -9.719  19.744  1.00 184.61 ? 41  DG  D "H1'"  1 
ATOM   1080 H  H8     . DG  C 3 6  ? 16.338  -10.813 18.182  1.00 189.34 ? 41  DG  D H8     1 
ATOM   1081 H  H1     . DG  C 3 6  ? 12.012  -15.144 18.086  1.00 169.89 ? 41  DG  D H1     1 
ATOM   1082 H  H21    . DG  C 3 6  ? 10.171  -13.182 19.939  1.00 163.91 ? 41  DG  D H21    1 
ATOM   1083 H  H22    . DG  C 3 6  ? 10.236  -14.501 19.250  1.00 163.91 ? 41  DG  D H22    1 
ATOM   1084 P  P      . DT  C 3 7  ? 15.729  -7.943  23.664  1.00 178.02 ? 42  DT  D P      1 
ATOM   1085 O  OP1    . DT  C 3 7  ? 15.426  -6.750  24.487  1.00 173.52 ? 42  DT  D OP1    1 
ATOM   1086 O  OP2    . DT  C 3 7  ? 17.121  -8.436  23.572  1.00 178.86 ? 42  DT  D OP2    1 
ATOM   1087 O  "O5'"  . DT  C 3 7  ? 14.793  -9.154  24.137  1.00 169.34 ? 42  DT  D "O5'"  1 
ATOM   1088 C  "C5'"  . DT  C 3 7  ? 13.427  -8.910  24.453  1.00 164.51 ? 42  DT  D "C5'"  1 
ATOM   1089 C  "C4'"  . DT  C 3 7  ? 12.635  -10.206 24.525  1.00 165.31 ? 42  DT  D "C4'"  1 
ATOM   1090 O  "O4'"  . DT  C 3 7  ? 12.926  -11.022 23.372  1.00 163.08 ? 42  DT  D "O4'"  1 
ATOM   1091 C  "C3'"  . DT  C 3 7  ? 12.947  -11.090 25.733  1.00 168.97 ? 42  DT  D "C3'"  1 
ATOM   1092 O  "O3'"  . DT  C 3 7  ? 11.938  -10.948 26.725  1.00 178.23 ? 42  DT  D "O3'"  1 
ATOM   1093 C  "C2'"  . DT  C 3 7  ? 13.005  -12.522 25.165  1.00 156.69 ? 42  DT  D "C2'"  1 
ATOM   1094 C  "C1'"  . DT  C 3 7  ? 12.624  -12.354 23.697  1.00 154.63 ? 42  DT  D "C1'"  1 
ATOM   1095 N  N1     . DT  C 3 7  ? 13.360  -13.268 22.765  1.00 147.42 ? 42  DT  D N1     1 
ATOM   1096 C  C2     . DT  C 3 7  ? 12.758  -14.435 22.359  1.00 149.96 ? 42  DT  D C2     1 
ATOM   1097 O  O2     . DT  C 3 7  ? 11.644  -14.770 22.721  1.00 153.17 ? 42  DT  D O2     1 
ATOM   1098 N  N3     . DT  C 3 7  ? 13.508  -15.202 21.508  1.00 149.47 ? 42  DT  D N3     1 
ATOM   1099 C  C4     . DT  C 3 7  ? 14.777  -14.926 21.033  1.00 147.41 ? 42  DT  D C4     1 
ATOM   1100 O  O4     . DT  C 3 7  ? 15.371  -15.683 20.268  1.00 143.95 ? 42  DT  D O4     1 
ATOM   1101 C  C5     . DT  C 3 7  ? 15.353  -13.686 21.496  1.00 141.68 ? 42  DT  D C5     1 
ATOM   1102 C  C7     . DT  C 3 7  ? 16.727  -13.280 21.049  1.00 138.38 ? 42  DT  D C7     1 
ATOM   1103 C  C6     . DT  C 3 7  ? 14.626  -12.923 22.330  1.00 145.01 ? 42  DT  D C6     1 
ATOM   1104 H  "H5'"  . DT  C 3 7  ? 13.041  -8.339  23.771  1.00 197.56 ? 42  DT  D "H5'"  1 
ATOM   1105 H  "H5''" . DT  C 3 7  ? 13.376  -8.459  25.310  1.00 197.56 ? 42  DT  D "H5''" 1 
ATOM   1106 H  "H4'"  . DT  C 3 7  ? 11.689  -9.994  24.528  1.00 198.53 ? 42  DT  D "H4'"  1 
ATOM   1107 H  "H3'"  . DT  C 3 7  ? 13.810  -10.849 26.103  1.00 202.92 ? 42  DT  D "H3'"  1 
ATOM   1108 H  "HO3'" . DT  C 3 7  ? 11.489  -11.615 26.967  1.00 214.03 ? 42  DT  D "HO3'" 1 
ATOM   1109 H  "H2'"  . DT  C 3 7  ? 13.902  -12.882 25.243  1.00 188.18 ? 42  DT  D "H2'"  1 
ATOM   1110 H  "H2''" . DT  C 3 7  ? 12.367  -13.094 25.618  1.00 188.18 ? 42  DT  D "H2''" 1 
ATOM   1111 H  "H1'"  . DT  C 3 7  ? 11.670  -12.498 23.596  1.00 185.72 ? 42  DT  D "H1'"  1 
ATOM   1112 H  H3     . DT  C 3 7  ? 13.151  -15.939 21.241  1.00 179.51 ? 42  DT  D H3     1 
ATOM   1113 H  H71    . DT  C 3 7  ? 16.676  -12.432 20.581  1.00 166.21 ? 42  DT  D H71    1 
ATOM   1114 H  H72    . DT  C 3 7  ? 17.305  -13.189 21.822  1.00 166.21 ? 42  DT  D H72    1 
ATOM   1115 H  H73    . DT  C 3 7  ? 17.086  -13.957 20.454  1.00 166.21 ? 42  DT  D H73    1 
ATOM   1116 H  H6     . DT  C 3 7  ? 14.995  -12.124 22.632  1.00 174.17 ? 42  DT  D H6     1 
ATOM   1117 P  P      . DG  D 4 1  ? 5.745   6.917   -4.060  1.00 125.83 ? 1   DG  A P      1 
ATOM   1118 O  OP1    . DG  D 4 1  ? 7.120   6.976   -4.610  1.00 106.16 ? 1   DG  A OP1    1 
ATOM   1119 O  OP2    . DG  D 4 1  ? 5.055   5.620   -3.882  1.00 141.62 ? 1   DG  A OP2    1 
ATOM   1120 O  "O5'"  . DG  D 4 1  ? 4.817   7.855   -4.967  1.00 92.89  ? 1   DG  A "O5'"  1 
ATOM   1121 C  "C5'"  . DG  D 4 1  ? 4.973   9.273   -4.907  1.00 93.86  ? 1   DG  A "C5'"  1 
ATOM   1122 C  "C4'"  . DG  D 4 1  ? 3.768   9.938   -4.266  1.00 89.83  ? 1   DG  A "C4'"  1 
ATOM   1123 O  "O4'"  . DG  D 4 1  ? 2.730   10.094  -5.259  1.00 64.23  ? 1   DG  A "O4'"  1 
ATOM   1124 C  "C3'"  . DG  D 4 1  ? 3.130   9.161   -3.122  1.00 94.55  ? 1   DG  A "C3'"  1 
ATOM   1125 O  "O3'"  . DG  D 4 1  ? 3.694   9.536   -1.881  1.00 85.72  ? 1   DG  A "O3'"  1 
ATOM   1126 C  "C2'"  . DG  D 4 1  ? 1.659   9.541   -3.222  1.00 64.21  ? 1   DG  A "C2'"  1 
ATOM   1127 C  "C1'"  . DG  D 4 1  ? 1.465   9.774   -4.713  1.00 57.35  ? 1   DG  A "C1'"  1 
ATOM   1128 N  N9     . DG  D 4 1  ? 0.944   8.624   -5.439  1.00 59.99  ? 1   DG  A N9     1 
ATOM   1129 C  C8     . DG  D 4 1  ? 1.632   7.837   -6.326  1.00 70.62  ? 1   DG  A C8     1 
ATOM   1130 N  N7     . DG  D 4 1  ? 0.908   6.886   -6.846  1.00 69.87  ? 1   DG  A N7     1 
ATOM   1131 C  C5     . DG  D 4 1  ? -0.340  7.055   -6.264  1.00 71.06  ? 1   DG  A C5     1 
ATOM   1132 C  C6     . DG  D 4 1  ? -1.531  6.319   -6.446  1.00 78.07  ? 1   DG  A C6     1 
ATOM   1133 O  O6     . DG  D 4 1  ? -1.721  5.338   -7.179  1.00 78.69  ? 1   DG  A O6     1 
ATOM   1134 N  N1     . DG  D 4 1  ? -2.574  6.826   -5.673  1.00 64.90  ? 1   DG  A N1     1 
ATOM   1135 C  C2     . DG  D 4 1  ? -2.474  7.906   -4.831  1.00 82.79  ? 1   DG  A C2     1 
ATOM   1136 N  N2     . DG  D 4 1  ? -3.588  8.243   -4.166  1.00 83.11  ? 1   DG  A N2     1 
ATOM   1137 N  N3     . DG  D 4 1  ? -1.359  8.607   -4.651  1.00 83.40  ? 1   DG  A N3     1 
ATOM   1138 C  C4     . DG  D 4 1  ? -0.337  8.124   -5.398  1.00 68.20  ? 1   DG  A C4     1 
ATOM   1139 H  "H5'"  . DG  D 4 1  ? 5.084   9.618   -5.807  1.00 112.79 ? 1   DG  A "H5'"  1 
ATOM   1140 H  "H5''" . DG  D 4 1  ? 5.766   9.482   -4.387  1.00 112.79 ? 1   DG  A "H5''" 1 
ATOM   1141 H  "H4'"  . DG  D 4 1  ? 4.028   10.814  -3.942  1.00 107.95 ? 1   DG  A "H4'"  1 
ATOM   1142 H  "H3'"  . DG  D 4 1  ? 3.238   8.208   -3.266  1.00 113.62 ? 1   DG  A "H3'"  1 
ATOM   1143 H  "H2'"  . DG  D 4 1  ? 1.095   8.813   -2.913  1.00 77.21  ? 1   DG  A "H2'"  1 
ATOM   1144 H  "H2''" . DG  D 4 1  ? 1.479   10.352  -2.722  1.00 77.21  ? 1   DG  A "H2''" 1 
ATOM   1145 H  "H1'"  . DG  D 4 1  ? 0.866   10.526  -4.839  1.00 68.98  ? 1   DG  A "H1'"  1 
ATOM   1146 H  H8     . DG  D 4 1  ? 2.529   7.967   -6.535  1.00 84.91  ? 1   DG  A H8     1 
ATOM   1147 H  H1     . DG  D 4 1  ? -3.336  6.431   -5.724  1.00 78.03  ? 1   DG  A H1     1 
ATOM   1148 H  H21    . DG  D 4 1  ? -3.581  8.913   -3.626  1.00 99.89  ? 1   DG  A H21    1 
ATOM   1149 H  H22    . DG  D 4 1  ? -4.310  7.791   -4.280  1.00 99.89  ? 1   DG  A H22    1 
ATOM   1150 P  P      . DC  D 4 2  ? 3.649   8.510   -0.650  1.00 94.35  ? 2   DC  A P      1 
ATOM   1151 O  OP1    . DC  D 4 2  ? 4.428   9.106   0.461   1.00 110.70 ? 2   DC  A OP1    1 
ATOM   1152 O  OP2    . DC  D 4 2  ? 3.998   7.179   -1.192  1.00 96.56  ? 2   DC  A OP2    1 
ATOM   1153 O  "O5'"  . DC  D 4 2  ? 2.105   8.469   -0.237  1.00 61.73  ? 2   DC  A "O5'"  1 
ATOM   1154 C  "C5'"  . DC  D 4 2  ? 1.505   9.619   0.334   1.00 94.24  ? 2   DC  A "C5'"  1 
ATOM   1155 C  "C4'"  . DC  D 4 2  ? 0.058   9.358   0.700   1.00 102.63 ? 2   DC  A "C4'"  1 
ATOM   1156 O  "O4'"  . DC  D 4 2  ? -0.709  9.104   -0.500  1.00 92.02  ? 2   DC  A "O4'"  1 
ATOM   1157 C  "C3'"  . DC  D 4 2  ? -0.167  8.145   1.582   1.00 92.15  ? 2   DC  A "C3'"  1 
ATOM   1158 O  "O3'"  . DC  D 4 2  ? -0.064  8.491   2.952   1.00 91.96  ? 2   DC  A "O3'"  1 
ATOM   1159 C  "C2'"  . DC  D 4 2  ? -1.572  7.697   1.205   1.00 95.35  ? 2   DC  A "C2'"  1 
ATOM   1160 C  "C1'"  . DC  D 4 2  ? -1.708  8.129   -0.249  1.00 84.03  ? 2   DC  A "C1'"  1 
ATOM   1161 N  N1     . DC  D 4 2  ? -1.533  7.027   -1.227  1.00 75.21  ? 2   DC  A N1     1 
ATOM   1162 C  C2     . DC  D 4 2  ? -2.627  6.229   -1.585  1.00 68.29  ? 2   DC  A C2     1 
ATOM   1163 O  O2     . DC  D 4 2  ? -3.728  6.440   -1.060  1.00 71.87  ? 2   DC  A O2     1 
ATOM   1164 N  N3     . DC  D 4 2  ? -2.445  5.238   -2.494  1.00 66.75  ? 2   DC  A N3     1 
ATOM   1165 C  C4     . DC  D 4 2  ? -1.240  5.047   -3.037  1.00 80.61  ? 2   DC  A C4     1 
ATOM   1166 N  N4     . DC  D 4 2  ? -1.103  4.058   -3.926  1.00 75.84  ? 2   DC  A N4     1 
ATOM   1167 C  C5     . DC  D 4 2  ? -0.118  5.855   -2.686  1.00 79.96  ? 2   DC  A C5     1 
ATOM   1168 C  C6     . DC  D 4 2  ? -0.311  6.823   -1.788  1.00 85.55  ? 2   DC  A C6     1 
ATOM   1169 H  "H5'"  . DC  D 4 2  ? 1.544   10.348  -0.305  1.00 113.25 ? 2   DC  A "H5'"  1 
ATOM   1170 H  "H5''" . DC  D 4 2  ? 1.996   9.869   1.132   1.00 113.25 ? 2   DC  A "H5''" 1 
ATOM   1171 H  "H4'"  . DC  D 4 2  ? -0.301  10.142  1.145   1.00 123.31 ? 2   DC  A "H4'"  1 
ATOM   1172 H  "H3'"  . DC  D 4 2  ? 0.474   7.450   1.363   1.00 110.74 ? 2   DC  A "H3'"  1 
ATOM   1173 H  "H2'"  . DC  D 4 2  ? -1.655  6.734   1.285   1.00 114.57 ? 2   DC  A "H2'"  1 
ATOM   1174 H  "H2''" . DC  D 4 2  ? -2.232  8.146   1.757   1.00 114.57 ? 2   DC  A "H2''" 1 
ATOM   1175 H  "H1'"  . DC  D 4 2  ? -2.582  8.530   -0.379  1.00 101.00 ? 2   DC  A "H1'"  1 
ATOM   1176 H  H41    . DC  D 4 2  ? -0.338  3.909   -4.289  1.00 91.17  ? 2   DC  A H41    1 
ATOM   1177 H  H42    . DC  D 4 2  ? -1.780  3.569   -4.135  1.00 91.17  ? 2   DC  A H42    1 
ATOM   1178 H  H5     . DC  D 4 2  ? 0.717   5.712   -3.068  1.00 96.11  ? 2   DC  A H5     1 
ATOM   1179 H  H6     . DC  D 4 2  ? 0.402   7.367   -1.543  1.00 102.81 ? 2   DC  A H6     1 
ATOM   1180 P  P      . DG  D 4 3  ? 0.205   7.348   4.046   1.00 120.44 ? 3   DG  A P      1 
ATOM   1181 O  OP1    . DG  D 4 3  ? 0.368   8.012   5.358   1.00 122.47 ? 3   DG  A OP1    1 
ATOM   1182 O  OP2    . DG  D 4 3  ? 1.283   6.480   3.525   1.00 112.29 ? 3   DG  A OP2    1 
ATOM   1183 O  "O5'"  . DG  D 4 3  ? -1.147  6.492   4.042   1.00 94.28  ? 3   DG  A "O5'"  1 
ATOM   1184 C  "C5'"  . DG  D 4 3  ? -2.382  7.109   4.384   1.00 90.61  ? 3   DG  A "C5'"  1 
ATOM   1185 C  "C4'"  . DG  D 4 3  ? -3.555  6.224   3.994   1.00 103.18 ? 3   DG  A "C4'"  1 
ATOM   1186 O  "O4'"  . DG  D 4 3  ? -3.392  5.821   2.611   1.00 97.08  ? 3   DG  A "O4'"  1 
ATOM   1187 C  "C3'"  . DG  D 4 3  ? -3.687  4.934   4.819   1.00 103.34 ? 3   DG  A "C3'"  1 
ATOM   1188 O  "O3'"  . DG  D 4 3  ? -4.971  4.832   5.436   1.00 104.47 ? 3   DG  A "O3'"  1 
ATOM   1189 C  "C2'"  . DG  D 4 3  ? -3.454  3.803   3.825   1.00 91.79  ? 3   DG  A "C2'"  1 
ATOM   1190 C  "C1'"  . DG  D 4 3  ? -3.645  4.446   2.464   1.00 77.24  ? 3   DG  A "C1'"  1 
ATOM   1191 N  N9     . DG  D 4 3  ? -2.731  3.902   1.476   1.00 80.98  ? 3   DG  A N9     1 
ATOM   1192 C  C8     . DG  D 4 3  ? -1.395  4.186   1.349   1.00 86.76  ? 3   DG  A C8     1 
ATOM   1193 N  N7     . DG  D 4 3  ? -0.815  3.526   0.387   1.00 84.82  ? 3   DG  A N7     1 
ATOM   1194 C  C5     . DG  D 4 3  ? -1.828  2.740   -0.142  1.00 71.30  ? 3   DG  A C5     1 
ATOM   1195 C  C6     . DG  D 4 3  ? -1.799  1.813   -1.205  1.00 82.63  ? 3   DG  A C6     1 
ATOM   1196 O  O6     . DG  D 4 3  ? -0.836  1.491   -1.915  1.00 83.77  ? 3   DG  A O6     1 
ATOM   1197 N  N1     . DG  D 4 3  ? -3.049  1.233   -1.418  1.00 88.11  ? 3   DG  A N1     1 
ATOM   1198 C  C2     . DG  D 4 3  ? -4.180  1.516   -0.690  1.00 88.85  ? 3   DG  A C2     1 
ATOM   1199 N  N2     . DG  D 4 3  ? -5.295  0.860   -1.039  1.00 89.64  ? 3   DG  A N2     1 
ATOM   1200 N  N3     . DG  D 4 3  ? -4.219  2.382   0.310   1.00 87.87  ? 3   DG  A N3     1 
ATOM   1201 C  C4     . DG  D 4 3  ? -3.012  2.953   0.526   1.00 83.74  ? 3   DG  A C4     1 
ATOM   1202 H  "H5'"  . DG  D 4 3  ? -2.454  7.957   3.918   1.00 108.89 ? 3   DG  A "H5'"  1 
ATOM   1203 H  "H5''" . DG  D 4 3  ? -2.406  7.267   5.340   1.00 108.89 ? 3   DG  A "H5''" 1 
ATOM   1204 H  "H4'"  . DG  D 4 3  ? -4.375  6.735   4.079   1.00 123.98 ? 3   DG  A "H4'"  1 
ATOM   1205 H  "H3'"  . DG  D 4 3  ? -2.997  4.914   5.500   1.00 124.16 ? 3   DG  A "H3'"  1 
ATOM   1206 H  "H2'"  . DG  D 4 3  ? -2.552  3.457   3.912   1.00 110.30 ? 3   DG  A "H2'"  1 
ATOM   1207 H  "H2''" . DG  D 4 3  ? -4.104  3.096   3.959   1.00 110.30 ? 3   DG  A "H2''" 1 
ATOM   1208 H  "H1'"  . DG  D 4 3  ? -4.560  4.313   2.167   1.00 92.84  ? 3   DG  A "H1'"  1 
ATOM   1209 H  H8     . DG  D 4 3  ? -0.951  4.801   1.886   1.00 104.27 ? 3   DG  A H8     1 
ATOM   1210 H  H1     . DG  D 4 3  ? -3.117  0.654   -2.050  1.00 105.89 ? 3   DG  A H1     1 
ATOM   1211 H  H21    . DG  D 4 3  ? -6.029  1.002   -0.614  1.00 107.72 ? 3   DG  A H21    1 
ATOM   1212 H  H22    . DG  D 4 3  ? -5.277  0.295   -1.687  1.00 107.72 ? 3   DG  A H22    1 
ATOM   1213 P  P      . DT  D 4 4  ? -5.254  3.656   6.499   1.00 126.11 ? 4   DT  A P      1 
ATOM   1214 O  OP1    . DT  D 4 4  ? -6.408  4.065   7.330   1.00 110.17 ? 4   DT  A OP1    1 
ATOM   1215 O  OP2    . DT  D 4 4  ? -3.965  3.311   7.140   1.00 116.54 ? 4   DT  A OP2    1 
ATOM   1216 O  "O5'"  . DT  D 4 4  ? -5.683  2.400   5.604   1.00 108.71 ? 4   DT  A "O5'"  1 
ATOM   1217 C  "C5'"  . DT  D 4 4  ? -7.056  2.177   5.313   1.00 105.90 ? 4   DT  A "C5'"  1 
ATOM   1218 C  "C4'"  . DT  D 4 4  ? -7.233  1.049   4.312   1.00 99.88  ? 4   DT  A "C4'"  1 
ATOM   1219 O  "O4'"  . DT  D 4 4  ? -6.089  0.979   3.441   1.00 92.47  ? 4   DT  A "O4'"  1 
ATOM   1220 C  "C3'"  . DT  D 4 4  ? -7.351  -0.350  4.921   1.00 102.91 ? 4   DT  A "C3'"  1 
ATOM   1221 O  "O3'"  . DT  D 4 4  ? -8.705  -0.775  4.930   1.00 116.92 ? 4   DT  A "O3'"  1 
ATOM   1222 C  "C2'"  . DT  D 4 4  ? -6.473  -1.239  4.024   1.00 88.97  ? 4   DT  A "C2'"  1 
ATOM   1223 C  "C1'"  . DT  D 4 4  ? -6.066  -0.310  2.893   1.00 88.33  ? 4   DT  A "C1'"  1 
ATOM   1224 N  N1     . DT  D 4 4  ? -4.721  -0.576  2.330   1.00 87.49  ? 4   DT  A N1     1 
ATOM   1225 C  C2     . DT  D 4 4  ? -4.587  -1.525  1.347   1.00 88.99  ? 4   DT  A C2     1 
ATOM   1226 O  O2     . DT  D 4 4  ? -5.521  -2.178  0.919   1.00 95.06  ? 4   DT  A O2     1 
ATOM   1227 N  N3     . DT  D 4 4  ? -3.313  -1.687  0.877   1.00 85.35  ? 4   DT  A N3     1 
ATOM   1228 C  C4     . DT  D 4 4  ? -2.183  -1.004  1.282   1.00 99.74  ? 4   DT  A C4     1 
ATOM   1229 O  O4     . DT  D 4 4  ? -1.076  -1.219  0.799   1.00 99.70  ? 4   DT  A O4     1 
ATOM   1230 C  C5     . DT  D 4 4  ? -2.394  -0.018  2.315   1.00 94.15  ? 4   DT  A C5     1 
ATOM   1231 C  C7     . DT  D 4 4  ? -1.238  0.782   2.833   1.00 81.06  ? 4   DT  A C7     1 
ATOM   1232 C  C6     . DT  D 4 4  ? -3.641  0.150   2.784   1.00 89.39  ? 4   DT  A C6     1 
ATOM   1233 H  "H5'"  . DT  D 4 4  ? -7.439  2.989   4.946   1.00 127.24 ? 4   DT  A "H5'"  1 
ATOM   1234 H  "H5''" . DT  D 4 4  ? -7.521  1.949   6.133   1.00 127.24 ? 4   DT  A "H5''" 1 
ATOM   1235 H  "H4'"  . DT  D 4 4  ? -8.023  1.226   3.778   1.00 120.01 ? 4   DT  A "H4'"  1 
ATOM   1236 H  "H3'"  . DT  D 4 4  ? -6.999  -0.347  5.825   1.00 123.65 ? 4   DT  A "H3'"  1 
ATOM   1237 H  "H2'"  . DT  D 4 4  ? -5.692  -1.549  4.509   1.00 106.91 ? 4   DT  A "H2'"  1 
ATOM   1238 H  "H2''" . DT  D 4 4  ? -6.985  -1.989  3.683   1.00 106.91 ? 4   DT  A "H2''" 1 
ATOM   1239 H  "H1'"  . DT  D 4 4  ? -6.725  -0.365  2.183   1.00 106.15 ? 4   DT  A "H1'"  1 
ATOM   1240 H  H3     . DT  D 4 4  ? -3.203  -2.277  0.261   1.00 102.58 ? 4   DT  A H3     1 
ATOM   1241 H  H71    . DT  D 4 4  ? -1.403  1.726   2.680   1.00 97.43  ? 4   DT  A H71    1 
ATOM   1242 H  H72    . DT  D 4 4  ? -1.135  0.624   3.785   1.00 97.43  ? 4   DT  A H72    1 
ATOM   1243 H  H73    . DT  D 4 4  ? -0.427  0.517   2.371   1.00 97.43  ? 4   DT  A H73    1 
ATOM   1244 H  H6     . DT  D 4 4  ? -3.781  0.785   3.449   1.00 107.43 ? 4   DT  A H6     1 
ATOM   1245 P  P      . DC  D 4 5  ? -9.136  -2.072  5.773   1.00 99.42  ? 5   DC  A P      1 
ATOM   1246 O  OP1    . DC  D 4 5  ? -10.599 -2.243  5.642   1.00 105.82 ? 5   DC  A OP1    1 
ATOM   1247 O  OP2    . DC  D 4 5  ? -8.522  -1.962  7.113   1.00 112.80 ? 5   DC  A OP2    1 
ATOM   1248 O  "O5'"  . DC  D 4 5  ? -8.433  -3.275  4.999   1.00 79.85  ? 5   DC  A "O5'"  1 
ATOM   1249 C  "C5'"  . DC  D 4 5  ? -9.193  -4.063  4.115   1.00 75.21  ? 5   DC  A "C5'"  1 
ATOM   1250 C  "C4'"  . DC  D 4 5  ? -8.305  -4.973  3.286   1.00 85.26  ? 5   DC  A "C4'"  1 
ATOM   1251 O  "O4'"  . DC  D 4 5  ? -7.008  -4.365  3.103   1.00 92.66  ? 5   DC  A "O4'"  1 
ATOM   1252 C  "C3'"  . DC  D 4 5  ? -8.017  -6.355  3.897   1.00 86.93  ? 5   DC  A "C3'"  1 
ATOM   1253 O  "O3'"  . DC  D 4 5  ? -8.605  -7.364  3.107   1.00 78.08  ? 5   DC  A "O3'"  1 
ATOM   1254 C  "C2'"  . DC  D 4 5  ? -6.481  -6.458  3.912   1.00 94.55  ? 5   DC  A "C2'"  1 
ATOM   1255 C  "C1'"  . DC  D 4 5  ? -6.090  -5.405  2.899   1.00 91.45  ? 5   DC  A "C1'"  1 
ATOM   1256 N  N1     . DC  D 4 5  ? -4.703  -4.862  3.013   1.00 91.32  ? 5   DC  A N1     1 
ATOM   1257 C  C2     . DC  D 4 5  ? -3.718  -5.319  2.133   1.00 86.93  ? 5   DC  A C2     1 
ATOM   1258 O  O2     . DC  D 4 5  ? -4.006  -6.196  1.309   1.00 89.91  ? 5   DC  A O2     1 
ATOM   1259 N  N3     . DC  D 4 5  ? -2.469  -4.795  2.208   1.00 89.69  ? 5   DC  A N3     1 
ATOM   1260 C  C4     . DC  D 4 5  ? -2.196  -3.849  3.106   1.00 91.56  ? 5   DC  A C4     1 
ATOM   1261 N  N4     . DC  D 4 5  ? -0.948  -3.366  3.145   1.00 91.59  ? 5   DC  A N4     1 
ATOM   1262 C  C5     . DC  D 4 5  ? -3.191  -3.359  4.006   1.00 86.80  ? 5   DC  A C5     1 
ATOM   1263 C  C6     . DC  D 4 5  ? -4.421  -3.884  3.920   1.00 88.72  ? 5   DC  A C6     1 
ATOM   1264 H  "H5'"  . DC  D 4 5  ? -9.695  -3.482  3.522   1.00 90.41  ? 5   DC  A "H5'"  1 
ATOM   1265 H  "H5''" . DC  D 4 5  ? -9.814  -4.605  4.627   1.00 90.41  ? 5   DC  A "H5''" 1 
ATOM   1266 H  "H4'"  . DC  D 4 5  ? -8.716  -5.098  2.416   1.00 102.46 ? 5   DC  A "H4'"  1 
ATOM   1267 H  "H3'"  . DC  D 4 5  ? -8.362  -6.397  4.803   1.00 104.47 ? 5   DC  A "H3'"  1 
ATOM   1268 H  "H2'"  . DC  D 4 5  ? -6.128  -6.244  4.789   1.00 113.62 ? 5   DC  A "H2'"  1 
ATOM   1269 H  "H2''" . DC  D 4 5  ? -6.191  -7.339  3.624   1.00 113.62 ? 5   DC  A "H2''" 1 
ATOM   1270 H  "H1'"  . DC  D 4 5  ? -6.215  -5.765  2.007   1.00 109.90 ? 5   DC  A "H1'"  1 
ATOM   1271 H  H41    . DC  D 4 5  ? -0.740  -2.757  3.716   1.00 110.06 ? 5   DC  A H41    1 
ATOM   1272 H  H42    . DC  D 4 5  ? -0.354  -3.665  2.599   1.00 110.06 ? 5   DC  A H42    1 
ATOM   1273 H  H5     . DC  D 4 5  ? -2.992  -2.698  4.630   1.00 104.31 ? 5   DC  A H5     1 
ATOM   1274 H  H6     . DC  D 4 5  ? -5.089  -3.582  4.492   1.00 106.62 ? 5   DC  A H6     1 
ATOM   1275 P  P      . DT  D 4 6  ? -9.019  -8.765  3.765   1.00 108.80 ? 6   DT  A P      1 
ATOM   1276 O  OP1    . DT  D 4 6  ? -10.069 -9.351  2.903   1.00 73.78  ? 6   DT  A OP1    1 
ATOM   1277 O  OP2    . DT  D 4 6  ? -9.258  -8.537  5.207   1.00 81.57  ? 6   DT  A OP2    1 
ATOM   1278 O  "O5'"  . DT  D 4 6  ? -7.712  -9.665  3.607   1.00 81.74  ? 6   DT  A "O5'"  1 
ATOM   1279 C  "C5'"  . DT  D 4 6  ? -7.515  -10.373 2.408   1.00 73.08  ? 6   DT  A "C5'"  1 
ATOM   1280 C  "C4'"  . DT  D 4 6  ? -6.099  -10.879 2.295   1.00 86.37  ? 6   DT  A "C4'"  1 
ATOM   1281 O  "O4'"  . DT  D 4 6  ? -5.168  -9.789  2.458   1.00 88.01  ? 6   DT  A "O4'"  1 
ATOM   1282 C  "C3'"  . DT  D 4 6  ? -5.698  -11.911 3.351   1.00 78.16  ? 6   DT  A "C3'"  1 
ATOM   1283 O  "O3'"  . DT  D 4 6  ? -5.544  -13.183 2.758   1.00 46.57  ? 6   DT  A "O3'"  1 
ATOM   1284 C  "C2'"  . DT  D 4 6  ? -4.381  -11.371 3.924   1.00 74.94  ? 6   DT  A "C2'"  1 
ATOM   1285 C  "C1'"  . DT  D 4 6  ? -3.966  -10.353 2.886   1.00 61.48  ? 6   DT  A "C1'"  1 
ATOM   1286 N  N1     . DT  D 4 6  ? -3.066  -9.289  3.384   1.00 73.42  ? 6   DT  A N1     1 
ATOM   1287 C  C2     . DT  D 4 6  ? -1.848  -9.117  2.776   1.00 85.38  ? 6   DT  A C2     1 
ATOM   1288 O  O2     . DT  D 4 6  ? -1.465  -9.803  1.846   1.00 98.57  ? 6   DT  A O2     1 
ATOM   1289 N  N3     . DT  D 4 6  ? -1.087  -8.109  3.293   1.00 73.85  ? 6   DT  A N3     1 
ATOM   1290 C  C4     . DT  D 4 6  ? -1.415  -7.270  4.336   1.00 79.14  ? 6   DT  A C4     1 
ATOM   1291 O  O4     . DT  D 4 6  ? -0.660  -6.388  4.731   1.00 82.70  ? 6   DT  A O4     1 
ATOM   1292 C  C5     . DT  D 4 6  ? -2.707  -7.501  4.929   1.00 77.27  ? 6   DT  A C5     1 
ATOM   1293 C  C7     . DT  D 4 6  ? -3.164  -6.650  6.068   1.00 72.68  ? 6   DT  A C7     1 
ATOM   1294 C  C6     . DT  D 4 6  ? -3.466  -8.488  4.433   1.00 76.95  ? 6   DT  A C6     1 
ATOM   1295 H  "H5'"  . DT  D 4 6  ? -7.704  -9.786  1.658   1.00 87.85  ? 6   DT  A "H5'"  1 
ATOM   1296 H  "H5''" . DT  D 4 6  ? -8.125  -11.127 2.381   1.00 87.85  ? 6   DT  A "H5''" 1 
ATOM   1297 H  "H4'"  . DT  D 4 6  ? -5.975  -11.267 1.415   1.00 103.81 ? 6   DT  A "H4'"  1 
ATOM   1298 H  "H3'"  . DT  D 4 6  ? -6.371  -11.950 4.048   1.00 93.95  ? 6   DT  A "H3'"  1 
ATOM   1299 H  "HO3'" . DT  D 4 6  ? -4.803  -13.576 2.796   1.00 56.04  ? 6   DT  A "HO3'" 1 
ATOM   1300 H  "H2'"  . DT  D 4 6  ? -4.528  -10.945 4.783   1.00 90.09  ? 6   DT  A "H2'"  1 
ATOM   1301 H  "H2''" . DT  D 4 6  ? -3.721  -12.078 3.996   1.00 90.09  ? 6   DT  A "H2''" 1 
ATOM   1302 H  "H1'"  . DT  D 4 6  ? -3.542  -10.810 2.142   1.00 73.94  ? 6   DT  A "H1'"  1 
ATOM   1303 H  H3     . DT  D 4 6  ? -0.319  -7.984  2.927   1.00 88.77  ? 6   DT  A H3     1 
ATOM   1304 H  H71    . DT  D 4 6  ? -3.979  -6.187  5.819   1.00 87.37  ? 6   DT  A H71    1 
ATOM   1305 H  H72    . DT  D 4 6  ? -3.334  -7.210  6.842   1.00 87.37  ? 6   DT  A H72    1 
ATOM   1306 H  H73    . DT  D 4 6  ? -2.476  -6.001  6.283   1.00 87.37  ? 6   DT  A H73    1 
ATOM   1307 H  H6     . DT  D 4 6  ? -4.301  -8.640  4.813   1.00 92.49  ? 6   DT  A H6     1 
HETATM 1308 AS AS     . CAC E 5 .  ? -0.848  4.304   -11.006 1.00 166.08 ? 101 CAC C AS     1 
HETATM 1309 AS AS     . CAC F 5 .  ? 3.009   2.292   -0.573  1.00 167.75 ? 101 CAC A AS     1 
# 
loop_
_pdbx_poly_seq_scheme.asym_id 
_pdbx_poly_seq_scheme.entity_id 
_pdbx_poly_seq_scheme.seq_id 
_pdbx_poly_seq_scheme.mon_id 
_pdbx_poly_seq_scheme.ndb_seq_num 
_pdbx_poly_seq_scheme.pdb_seq_num 
_pdbx_poly_seq_scheme.auth_seq_num 
_pdbx_poly_seq_scheme.pdb_mon_id 
_pdbx_poly_seq_scheme.auth_mon_id 
_pdbx_poly_seq_scheme.pdb_strand_id 
_pdbx_poly_seq_scheme.pdb_ins_code 
_pdbx_poly_seq_scheme.hetero 
A 1 1  DG 1  7  7  DG DG B . n 
A 1 2  DA 2  8  8  DA DA B . n 
A 1 3  DA 3  9  9  DA DA B . n 
A 1 4  DC 4  10 10 DC DC B . n 
A 1 5  DG 5  11 11 DG DG B . n 
A 1 6  DA 6  12 12 DA DA B . n 
A 1 7  DC 7  13 13 DC DC B . n 
A 1 8  DA 8  14 14 DA DA B . n 
A 1 9  DG 9  15 15 DG DG B . n 
A 1 10 DA 10 16 16 DA DA B . n 
A 1 11 DG 11 17 17 DG DG B . n 
A 1 12 DA 12 18 18 DA DA B . n 
A 1 13 DC 13 19 19 DC DC B . n 
A 1 14 DG 14 20 20 DG DG B . n 
A 1 15 DC 15 21 21 DC DC B . n 
A 1 16 DC 16 22 22 DC DC B . n 
A 1 17 DG 17 23 23 DG DG B . n 
A 1 18 DA 18 24 24 DA DA B . n 
A 1 19 DC 19 25 25 DC DC B . n 
A 1 20 DT 20 26 26 DT DT B . n 
A 1 21 DC 21 27 27 DC DC B . n 
B 2 1  DT 1  28 28 DT DT C . n 
B 2 2  DC 2  29 29 DC DC C . n 
B 2 3  DG 3  30 30 DG DG C . n 
B 2 4  DA 4  31 31 DA DA C . n 
B 2 5  DG 5  32 32 DG DG C . n 
B 2 6  DT 6  33 33 DT DT C . n 
B 2 7  DC 7  34 34 DC DC C . n 
B 2 8  DG 8  35 35 DG DG C . n 
C 3 1  DC 1  36 36 DC DC D . n 
C 3 2  DT 2  37 37 DT DT D . n 
C 3 3  DG 3  38 38 DG DG D . n 
C 3 4  DT 4  39 39 DT DT D . n 
C 3 5  DC 5  40 40 DC DC D . n 
C 3 6  DG 6  41 41 DG DG D . n 
C 3 7  DT 7  42 42 DT DT D . n 
D 4 1  DG 1  1  1  DG DG A . n 
D 4 2  DC 2  2  2  DC DC A . n 
D 4 3  DG 3  3  3  DG DG A . n 
D 4 4  DT 4  4  4  DT DT A . n 
D 4 5  DC 5  5  5  DC DC A . n 
D 4 6  DT 6  6  6  DT DT A . n 
# 
loop_
_pdbx_nonpoly_scheme.asym_id 
_pdbx_nonpoly_scheme.entity_id 
_pdbx_nonpoly_scheme.mon_id 
_pdbx_nonpoly_scheme.ndb_seq_num 
_pdbx_nonpoly_scheme.pdb_seq_num 
_pdbx_nonpoly_scheme.auth_seq_num 
_pdbx_nonpoly_scheme.pdb_mon_id 
_pdbx_nonpoly_scheme.auth_mon_id 
_pdbx_nonpoly_scheme.pdb_strand_id 
_pdbx_nonpoly_scheme.pdb_ins_code 
E 5 CAC 1 101 1 CAC AS C . 
F 5 CAC 1 101 2 CAC AS A . 
# 
_pdbx_struct_assembly.id                   1 
_pdbx_struct_assembly.details              author_defined_assembly 
_pdbx_struct_assembly.method_details       ? 
_pdbx_struct_assembly.oligomeric_details   tetrameric 
_pdbx_struct_assembly.oligomeric_count     4 
# 
_pdbx_struct_assembly_gen.assembly_id       1 
_pdbx_struct_assembly_gen.oper_expression   1 
_pdbx_struct_assembly_gen.asym_id_list      A,B,C,D,E,F 
# 
_pdbx_struct_oper_list.id                   1 
_pdbx_struct_oper_list.type                 'identity operation' 
_pdbx_struct_oper_list.name                 1_555 
_pdbx_struct_oper_list.symmetry_operation   x,y,z 
_pdbx_struct_oper_list.matrix[1][1]         1.0000000000 
_pdbx_struct_oper_list.matrix[1][2]         0.0000000000 
_pdbx_struct_oper_list.matrix[1][3]         0.0000000000 
_pdbx_struct_oper_list.vector[1]            0.0000000000 
_pdbx_struct_oper_list.matrix[2][1]         0.0000000000 
_pdbx_struct_oper_list.matrix[2][2]         1.0000000000 
_pdbx_struct_oper_list.matrix[2][3]         0.0000000000 
_pdbx_struct_oper_list.vector[2]            0.0000000000 
_pdbx_struct_oper_list.matrix[3][1]         0.0000000000 
_pdbx_struct_oper_list.matrix[3][2]         0.0000000000 
_pdbx_struct_oper_list.matrix[3][3]         1.0000000000 
_pdbx_struct_oper_list.vector[3]            0.0000000000 
# 
loop_
_pdbx_audit_revision_history.ordinal 
_pdbx_audit_revision_history.data_content_type 
_pdbx_audit_revision_history.major_revision 
_pdbx_audit_revision_history.minor_revision 
_pdbx_audit_revision_history.revision_date 
1 'Structure model' 1 0 2021-07-14 
2 'Structure model' 1 1 2022-07-06 
3 'Structure model' 1 2 2023-10-18 
# 
_pdbx_audit_revision_details.ordinal             1 
_pdbx_audit_revision_details.revision_ordinal    1 
_pdbx_audit_revision_details.data_content_type   'Structure model' 
_pdbx_audit_revision_details.provider            repository 
_pdbx_audit_revision_details.type                'Initial release' 
_pdbx_audit_revision_details.description         ? 
_pdbx_audit_revision_details.details             ? 
# 
loop_
_pdbx_audit_revision_group.ordinal 
_pdbx_audit_revision_group.revision_ordinal 
_pdbx_audit_revision_group.data_content_type 
_pdbx_audit_revision_group.group 
1 2 'Structure model' 'Database references'    
2 3 'Structure model' 'Data collection'        
3 3 'Structure model' 'Refinement description' 
# 
loop_
_pdbx_audit_revision_category.ordinal 
_pdbx_audit_revision_category.revision_ordinal 
_pdbx_audit_revision_category.data_content_type 
_pdbx_audit_revision_category.category 
1 2 'Structure model' citation                      
2 2 'Structure model' citation_author               
3 2 'Structure model' database_2                    
4 3 'Structure model' chem_comp_atom                
5 3 'Structure model' chem_comp_bond                
6 3 'Structure model' pdbx_initial_refinement_model 
# 
loop_
_pdbx_audit_revision_item.ordinal 
_pdbx_audit_revision_item.revision_ordinal 
_pdbx_audit_revision_item.data_content_type 
_pdbx_audit_revision_item.item 
1  2 'Structure model' '_citation.country'                   
2  2 'Structure model' '_citation.journal_abbrev'            
3  2 'Structure model' '_citation.journal_id_CSD'            
4  2 'Structure model' '_citation.journal_id_ISSN'           
5  2 'Structure model' '_citation.journal_volume'            
6  2 'Structure model' '_citation.page_first'                
7  2 'Structure model' '_citation.page_last'                 
8  2 'Structure model' '_citation.pdbx_database_id_DOI'      
9  2 'Structure model' '_citation.pdbx_database_id_PubMed'   
10 2 'Structure model' '_citation.title'                     
11 2 'Structure model' '_citation.year'                      
12 2 'Structure model' '_database_2.pdbx_DOI'                
13 2 'Structure model' '_database_2.pdbx_database_accession' 
# 
loop_
_software.citation_id 
_software.classification 
_software.compiler_name 
_software.compiler_version 
_software.contact_author 
_software.contact_author_email 
_software.date 
_software.description 
_software.dependencies 
_software.hardware 
_software.language 
_software.location 
_software.mods 
_software.name 
_software.os 
_software.os_version 
_software.type 
_software.version 
_software.pdbx_ordinal 
? refinement        ? ? ? ? ? ? ? ? ? ? ? PHENIX      ? ? ? 1.11.1_2575 1 
? 'data reduction'  ? ? ? ? ? ? ? ? ? ? ? HKL-2000    ? ? ? .           2 
? 'data scaling'    ? ? ? ? ? ? ? ? ? ? ? HKL-2000    ? ? ? .           3 
? 'data extraction' ? ? ? ? ? ? ? ? ? ? ? PDB_EXTRACT ? ? ? 3.25        4 
? phasing           ? ? ? ? ? ? ? ? ? ? ? PHASER      ? ? ? .           5 
# 
_pdbx_entry_details.entry_id                 7JL9 
_pdbx_entry_details.nonpolymer_details       ? 
_pdbx_entry_details.sequence_details         ? 
_pdbx_entry_details.compound_details         ? 
_pdbx_entry_details.source_details           ? 
_pdbx_entry_details.has_ligand_of_interest   N 
# 
_pdbx_validate_symm_contact.id                1 
_pdbx_validate_symm_contact.PDB_model_num     1 
_pdbx_validate_symm_contact.auth_atom_id_1    "O3'" 
_pdbx_validate_symm_contact.auth_asym_id_1    C 
_pdbx_validate_symm_contact.auth_comp_id_1    DG 
_pdbx_validate_symm_contact.auth_seq_id_1     35 
_pdbx_validate_symm_contact.PDB_ins_code_1    ? 
_pdbx_validate_symm_contact.label_alt_id_1    ? 
_pdbx_validate_symm_contact.site_symmetry_1   1_555 
_pdbx_validate_symm_contact.auth_atom_id_2    "O5'" 
_pdbx_validate_symm_contact.auth_asym_id_2    D 
_pdbx_validate_symm_contact.auth_comp_id_2    DC 
_pdbx_validate_symm_contact.auth_seq_id_2     36 
_pdbx_validate_symm_contact.PDB_ins_code_2    ? 
_pdbx_validate_symm_contact.label_alt_id_2    ? 
_pdbx_validate_symm_contact.site_symmetry_2   6_555 
_pdbx_validate_symm_contact.dist              2.03 
# 
_pdbx_validate_rmsd_angle.id                         1 
_pdbx_validate_rmsd_angle.PDB_model_num              1 
_pdbx_validate_rmsd_angle.auth_atom_id_1             "O4'" 
_pdbx_validate_rmsd_angle.auth_asym_id_1             D 
_pdbx_validate_rmsd_angle.auth_comp_id_1             DC 
_pdbx_validate_rmsd_angle.auth_seq_id_1              40 
_pdbx_validate_rmsd_angle.PDB_ins_code_1             ? 
_pdbx_validate_rmsd_angle.label_alt_id_1             ? 
_pdbx_validate_rmsd_angle.auth_atom_id_2             "C1'" 
_pdbx_validate_rmsd_angle.auth_asym_id_2             D 
_pdbx_validate_rmsd_angle.auth_comp_id_2             DC 
_pdbx_validate_rmsd_angle.auth_seq_id_2              40 
_pdbx_validate_rmsd_angle.PDB_ins_code_2             ? 
_pdbx_validate_rmsd_angle.label_alt_id_2             ? 
_pdbx_validate_rmsd_angle.auth_atom_id_3             N1 
_pdbx_validate_rmsd_angle.auth_asym_id_3             D 
_pdbx_validate_rmsd_angle.auth_comp_id_3             DC 
_pdbx_validate_rmsd_angle.auth_seq_id_3              40 
_pdbx_validate_rmsd_angle.PDB_ins_code_3             ? 
_pdbx_validate_rmsd_angle.label_alt_id_3             ? 
_pdbx_validate_rmsd_angle.angle_value                110.49 
_pdbx_validate_rmsd_angle.angle_target_value         108.30 
_pdbx_validate_rmsd_angle.angle_deviation            2.19 
_pdbx_validate_rmsd_angle.angle_standard_deviation   0.30 
_pdbx_validate_rmsd_angle.linker_flag                N 
# 
loop_
_pdbx_unobs_or_zero_occ_atoms.id 
_pdbx_unobs_or_zero_occ_atoms.PDB_model_num 
_pdbx_unobs_or_zero_occ_atoms.polymer_flag 
_pdbx_unobs_or_zero_occ_atoms.occupancy_flag 
_pdbx_unobs_or_zero_occ_atoms.auth_asym_id 
_pdbx_unobs_or_zero_occ_atoms.auth_comp_id 
_pdbx_unobs_or_zero_occ_atoms.auth_seq_id 
_pdbx_unobs_or_zero_occ_atoms.PDB_ins_code 
_pdbx_unobs_or_zero_occ_atoms.auth_atom_id 
_pdbx_unobs_or_zero_occ_atoms.label_alt_id 
_pdbx_unobs_or_zero_occ_atoms.label_asym_id 
_pdbx_unobs_or_zero_occ_atoms.label_comp_id 
_pdbx_unobs_or_zero_occ_atoms.label_seq_id 
_pdbx_unobs_or_zero_occ_atoms.label_atom_id 
1 1 N 1 C CAC 101 ? O1 ? E CAC 1 O1 
2 1 N 1 C CAC 101 ? O2 ? E CAC 1 O2 
3 1 N 1 C CAC 101 ? C1 ? E CAC 1 C1 
4 1 N 1 C CAC 101 ? C2 ? E CAC 1 C2 
5 1 N 1 A CAC 101 ? O1 ? F CAC 1 O1 
6 1 N 1 A CAC 101 ? O2 ? F CAC 1 O2 
7 1 N 1 A CAC 101 ? C1 ? F CAC 1 C1 
8 1 N 1 A CAC 101 ? C2 ? F CAC 1 C2 
# 
loop_
_chem_comp_atom.comp_id 
_chem_comp_atom.atom_id 
_chem_comp_atom.type_symbol 
_chem_comp_atom.pdbx_aromatic_flag 
_chem_comp_atom.pdbx_stereo_config 
_chem_comp_atom.pdbx_ordinal 
CAC AS     AS N N 1   
CAC O1     O  N N 2   
CAC O2     O  N N 3   
CAC C1     C  N N 4   
CAC C2     C  N N 5   
CAC H11    H  N N 6   
CAC H12    H  N N 7   
CAC H13    H  N N 8   
CAC H21    H  N N 9   
CAC H22    H  N N 10  
CAC H23    H  N N 11  
DA  OP3    O  N N 12  
DA  P      P  N N 13  
DA  OP1    O  N N 14  
DA  OP2    O  N N 15  
DA  "O5'"  O  N N 16  
DA  "C5'"  C  N N 17  
DA  "C4'"  C  N R 18  
DA  "O4'"  O  N N 19  
DA  "C3'"  C  N S 20  
DA  "O3'"  O  N N 21  
DA  "C2'"  C  N N 22  
DA  "C1'"  C  N R 23  
DA  N9     N  Y N 24  
DA  C8     C  Y N 25  
DA  N7     N  Y N 26  
DA  C5     C  Y N 27  
DA  C6     C  Y N 28  
DA  N6     N  N N 29  
DA  N1     N  Y N 30  
DA  C2     C  Y N 31  
DA  N3     N  Y N 32  
DA  C4     C  Y N 33  
DA  HOP3   H  N N 34  
DA  HOP2   H  N N 35  
DA  "H5'"  H  N N 36  
DA  "H5''" H  N N 37  
DA  "H4'"  H  N N 38  
DA  "H3'"  H  N N 39  
DA  "HO3'" H  N N 40  
DA  "H2'"  H  N N 41  
DA  "H2''" H  N N 42  
DA  "H1'"  H  N N 43  
DA  H8     H  N N 44  
DA  H61    H  N N 45  
DA  H62    H  N N 46  
DA  H2     H  N N 47  
DC  OP3    O  N N 48  
DC  P      P  N N 49  
DC  OP1    O  N N 50  
DC  OP2    O  N N 51  
DC  "O5'"  O  N N 52  
DC  "C5'"  C  N N 53  
DC  "C4'"  C  N R 54  
DC  "O4'"  O  N N 55  
DC  "C3'"  C  N S 56  
DC  "O3'"  O  N N 57  
DC  "C2'"  C  N N 58  
DC  "C1'"  C  N R 59  
DC  N1     N  N N 60  
DC  C2     C  N N 61  
DC  O2     O  N N 62  
DC  N3     N  N N 63  
DC  C4     C  N N 64  
DC  N4     N  N N 65  
DC  C5     C  N N 66  
DC  C6     C  N N 67  
DC  HOP3   H  N N 68  
DC  HOP2   H  N N 69  
DC  "H5'"  H  N N 70  
DC  "H5''" H  N N 71  
DC  "H4'"  H  N N 72  
DC  "H3'"  H  N N 73  
DC  "HO3'" H  N N 74  
DC  "H2'"  H  N N 75  
DC  "H2''" H  N N 76  
DC  "H1'"  H  N N 77  
DC  H41    H  N N 78  
DC  H42    H  N N 79  
DC  H5     H  N N 80  
DC  H6     H  N N 81  
DG  OP3    O  N N 82  
DG  P      P  N N 83  
DG  OP1    O  N N 84  
DG  OP2    O  N N 85  
DG  "O5'"  O  N N 86  
DG  "C5'"  C  N N 87  
DG  "C4'"  C  N R 88  
DG  "O4'"  O  N N 89  
DG  "C3'"  C  N S 90  
DG  "O3'"  O  N N 91  
DG  "C2'"  C  N N 92  
DG  "C1'"  C  N R 93  
DG  N9     N  Y N 94  
DG  C8     C  Y N 95  
DG  N7     N  Y N 96  
DG  C5     C  Y N 97  
DG  C6     C  N N 98  
DG  O6     O  N N 99  
DG  N1     N  N N 100 
DG  C2     C  N N 101 
DG  N2     N  N N 102 
DG  N3     N  N N 103 
DG  C4     C  Y N 104 
DG  HOP3   H  N N 105 
DG  HOP2   H  N N 106 
DG  "H5'"  H  N N 107 
DG  "H5''" H  N N 108 
DG  "H4'"  H  N N 109 
DG  "H3'"  H  N N 110 
DG  "HO3'" H  N N 111 
DG  "H2'"  H  N N 112 
DG  "H2''" H  N N 113 
DG  "H1'"  H  N N 114 
DG  H8     H  N N 115 
DG  H1     H  N N 116 
DG  H21    H  N N 117 
DG  H22    H  N N 118 
DT  OP3    O  N N 119 
DT  P      P  N N 120 
DT  OP1    O  N N 121 
DT  OP2    O  N N 122 
DT  "O5'"  O  N N 123 
DT  "C5'"  C  N N 124 
DT  "C4'"  C  N R 125 
DT  "O4'"  O  N N 126 
DT  "C3'"  C  N S 127 
DT  "O3'"  O  N N 128 
DT  "C2'"  C  N N 129 
DT  "C1'"  C  N R 130 
DT  N1     N  N N 131 
DT  C2     C  N N 132 
DT  O2     O  N N 133 
DT  N3     N  N N 134 
DT  C4     C  N N 135 
DT  O4     O  N N 136 
DT  C5     C  N N 137 
DT  C7     C  N N 138 
DT  C6     C  N N 139 
DT  HOP3   H  N N 140 
DT  HOP2   H  N N 141 
DT  "H5'"  H  N N 142 
DT  "H5''" H  N N 143 
DT  "H4'"  H  N N 144 
DT  "H3'"  H  N N 145 
DT  "HO3'" H  N N 146 
DT  "H2'"  H  N N 147 
DT  "H2''" H  N N 148 
DT  "H1'"  H  N N 149 
DT  H3     H  N N 150 
DT  H71    H  N N 151 
DT  H72    H  N N 152 
DT  H73    H  N N 153 
DT  H6     H  N N 154 
# 
loop_
_chem_comp_bond.comp_id 
_chem_comp_bond.atom_id_1 
_chem_comp_bond.atom_id_2 
_chem_comp_bond.value_order 
_chem_comp_bond.pdbx_aromatic_flag 
_chem_comp_bond.pdbx_stereo_config 
_chem_comp_bond.pdbx_ordinal 
CAC AS    O1     doub N N 1   
CAC AS    O2     sing N N 2   
CAC AS    C1     sing N N 3   
CAC AS    C2     sing N N 4   
CAC C1    H11    sing N N 5   
CAC C1    H12    sing N N 6   
CAC C1    H13    sing N N 7   
CAC C2    H21    sing N N 8   
CAC C2    H22    sing N N 9   
CAC C2    H23    sing N N 10  
DA  OP3   P      sing N N 11  
DA  OP3   HOP3   sing N N 12  
DA  P     OP1    doub N N 13  
DA  P     OP2    sing N N 14  
DA  P     "O5'"  sing N N 15  
DA  OP2   HOP2   sing N N 16  
DA  "O5'" "C5'"  sing N N 17  
DA  "C5'" "C4'"  sing N N 18  
DA  "C5'" "H5'"  sing N N 19  
DA  "C5'" "H5''" sing N N 20  
DA  "C4'" "O4'"  sing N N 21  
DA  "C4'" "C3'"  sing N N 22  
DA  "C4'" "H4'"  sing N N 23  
DA  "O4'" "C1'"  sing N N 24  
DA  "C3'" "O3'"  sing N N 25  
DA  "C3'" "C2'"  sing N N 26  
DA  "C3'" "H3'"  sing N N 27  
DA  "O3'" "HO3'" sing N N 28  
DA  "C2'" "C1'"  sing N N 29  
DA  "C2'" "H2'"  sing N N 30  
DA  "C2'" "H2''" sing N N 31  
DA  "C1'" N9     sing N N 32  
DA  "C1'" "H1'"  sing N N 33  
DA  N9    C8     sing Y N 34  
DA  N9    C4     sing Y N 35  
DA  C8    N7     doub Y N 36  
DA  C8    H8     sing N N 37  
DA  N7    C5     sing Y N 38  
DA  C5    C6     sing Y N 39  
DA  C5    C4     doub Y N 40  
DA  C6    N6     sing N N 41  
DA  C6    N1     doub Y N 42  
DA  N6    H61    sing N N 43  
DA  N6    H62    sing N N 44  
DA  N1    C2     sing Y N 45  
DA  C2    N3     doub Y N 46  
DA  C2    H2     sing N N 47  
DA  N3    C4     sing Y N 48  
DC  OP3   P      sing N N 49  
DC  OP3   HOP3   sing N N 50  
DC  P     OP1    doub N N 51  
DC  P     OP2    sing N N 52  
DC  P     "O5'"  sing N N 53  
DC  OP2   HOP2   sing N N 54  
DC  "O5'" "C5'"  sing N N 55  
DC  "C5'" "C4'"  sing N N 56  
DC  "C5'" "H5'"  sing N N 57  
DC  "C5'" "H5''" sing N N 58  
DC  "C4'" "O4'"  sing N N 59  
DC  "C4'" "C3'"  sing N N 60  
DC  "C4'" "H4'"  sing N N 61  
DC  "O4'" "C1'"  sing N N 62  
DC  "C3'" "O3'"  sing N N 63  
DC  "C3'" "C2'"  sing N N 64  
DC  "C3'" "H3'"  sing N N 65  
DC  "O3'" "HO3'" sing N N 66  
DC  "C2'" "C1'"  sing N N 67  
DC  "C2'" "H2'"  sing N N 68  
DC  "C2'" "H2''" sing N N 69  
DC  "C1'" N1     sing N N 70  
DC  "C1'" "H1'"  sing N N 71  
DC  N1    C2     sing N N 72  
DC  N1    C6     sing N N 73  
DC  C2    O2     doub N N 74  
DC  C2    N3     sing N N 75  
DC  N3    C4     doub N N 76  
DC  C4    N4     sing N N 77  
DC  C4    C5     sing N N 78  
DC  N4    H41    sing N N 79  
DC  N4    H42    sing N N 80  
DC  C5    C6     doub N N 81  
DC  C5    H5     sing N N 82  
DC  C6    H6     sing N N 83  
DG  OP3   P      sing N N 84  
DG  OP3   HOP3   sing N N 85  
DG  P     OP1    doub N N 86  
DG  P     OP2    sing N N 87  
DG  P     "O5'"  sing N N 88  
DG  OP2   HOP2   sing N N 89  
DG  "O5'" "C5'"  sing N N 90  
DG  "C5'" "C4'"  sing N N 91  
DG  "C5'" "H5'"  sing N N 92  
DG  "C5'" "H5''" sing N N 93  
DG  "C4'" "O4'"  sing N N 94  
DG  "C4'" "C3'"  sing N N 95  
DG  "C4'" "H4'"  sing N N 96  
DG  "O4'" "C1'"  sing N N 97  
DG  "C3'" "O3'"  sing N N 98  
DG  "C3'" "C2'"  sing N N 99  
DG  "C3'" "H3'"  sing N N 100 
DG  "O3'" "HO3'" sing N N 101 
DG  "C2'" "C1'"  sing N N 102 
DG  "C2'" "H2'"  sing N N 103 
DG  "C2'" "H2''" sing N N 104 
DG  "C1'" N9     sing N N 105 
DG  "C1'" "H1'"  sing N N 106 
DG  N9    C8     sing Y N 107 
DG  N9    C4     sing Y N 108 
DG  C8    N7     doub Y N 109 
DG  C8    H8     sing N N 110 
DG  N7    C5     sing Y N 111 
DG  C5    C6     sing N N 112 
DG  C5    C4     doub Y N 113 
DG  C6    O6     doub N N 114 
DG  C6    N1     sing N N 115 
DG  N1    C2     sing N N 116 
DG  N1    H1     sing N N 117 
DG  C2    N2     sing N N 118 
DG  C2    N3     doub N N 119 
DG  N2    H21    sing N N 120 
DG  N2    H22    sing N N 121 
DG  N3    C4     sing N N 122 
DT  OP3   P      sing N N 123 
DT  OP3   HOP3   sing N N 124 
DT  P     OP1    doub N N 125 
DT  P     OP2    sing N N 126 
DT  P     "O5'"  sing N N 127 
DT  OP2   HOP2   sing N N 128 
DT  "O5'" "C5'"  sing N N 129 
DT  "C5'" "C4'"  sing N N 130 
DT  "C5'" "H5'"  sing N N 131 
DT  "C5'" "H5''" sing N N 132 
DT  "C4'" "O4'"  sing N N 133 
DT  "C4'" "C3'"  sing N N 134 
DT  "C4'" "H4'"  sing N N 135 
DT  "O4'" "C1'"  sing N N 136 
DT  "C3'" "O3'"  sing N N 137 
DT  "C3'" "C2'"  sing N N 138 
DT  "C3'" "H3'"  sing N N 139 
DT  "O3'" "HO3'" sing N N 140 
DT  "C2'" "C1'"  sing N N 141 
DT  "C2'" "H2'"  sing N N 142 
DT  "C2'" "H2''" sing N N 143 
DT  "C1'" N1     sing N N 144 
DT  "C1'" "H1'"  sing N N 145 
DT  N1    C2     sing N N 146 
DT  N1    C6     sing N N 147 
DT  C2    O2     doub N N 148 
DT  C2    N3     sing N N 149 
DT  N3    C4     sing N N 150 
DT  N3    H3     sing N N 151 
DT  C4    O4     doub N N 152 
DT  C4    C5     sing N N 153 
DT  C5    C7     sing N N 154 
DT  C5    C6     doub N N 155 
DT  C7    H71    sing N N 156 
DT  C7    H72    sing N N 157 
DT  C7    H73    sing N N 158 
DT  C6    H6     sing N N 159 
# 
loop_
_ndb_struct_conf_na.entry_id 
_ndb_struct_conf_na.feature 
7JL9 'double helix'        
7JL9 'a-form double helix' 
7JL9 'b-form double helix' 
# 
loop_
_ndb_struct_na_base_pair.model_number 
_ndb_struct_na_base_pair.i_label_asym_id 
_ndb_struct_na_base_pair.i_label_comp_id 
_ndb_struct_na_base_pair.i_label_seq_id 
_ndb_struct_na_base_pair.i_symmetry 
_ndb_struct_na_base_pair.j_label_asym_id 
_ndb_struct_na_base_pair.j_label_comp_id 
_ndb_struct_na_base_pair.j_label_seq_id 
_ndb_struct_na_base_pair.j_symmetry 
_ndb_struct_na_base_pair.shear 
_ndb_struct_na_base_pair.stretch 
_ndb_struct_na_base_pair.stagger 
_ndb_struct_na_base_pair.buckle 
_ndb_struct_na_base_pair.propeller 
_ndb_struct_na_base_pair.opening 
_ndb_struct_na_base_pair.pair_number 
_ndb_struct_na_base_pair.pair_name 
_ndb_struct_na_base_pair.i_auth_asym_id 
_ndb_struct_na_base_pair.i_auth_seq_id 
_ndb_struct_na_base_pair.i_PDB_ins_code 
_ndb_struct_na_base_pair.j_auth_asym_id 
_ndb_struct_na_base_pair.j_auth_seq_id 
_ndb_struct_na_base_pair.j_PDB_ins_code 
_ndb_struct_na_base_pair.hbond_type_28 
_ndb_struct_na_base_pair.hbond_type_12 
1 A DA 2  1_555 C DT 7 1_555 1.418  0.891  -2.428 6.465   -16.680 -26.820 1  B_DA8:DT42_D  B 8  ? D 42 ? ?  ? 
1 A DC 4  1_555 C DG 6 1_555 -2.261 0.615  0.410  4.241   -19.705 3.883   2  B_DC10:DG41_D B 10 ? D 41 ? ?  ? 
1 A DG 5  1_555 C DC 5 1_555 1.643  0.439  -0.202 -16.890 -10.689 -18.875 3  B_DG11:DC40_D B 11 ? D 40 ? ?  1 
1 A DA 6  1_555 C DT 4 1_555 -0.101 -0.228 -0.472 -10.456 -9.827  -9.449  4  B_DA12:DT39_D B 12 ? D 39 ? 20 1 
1 A DC 7  1_555 C DG 3 1_555 -0.938 0.159  -0.167 -1.382  -6.002  2.494   5  B_DC13:DG38_D B 13 ? D 38 ? 19 1 
1 A DA 8  1_555 C DT 2 1_555 0.058  0.210  0.340  -4.038  -14.384 -14.805 6  B_DA14:DT37_D B 14 ? D 37 ? 20 1 
1 A DG 9  1_555 C DC 1 1_555 0.792  -0.102 0.427  -8.588  -17.346 -3.096  7  B_DG15:DC36_D B 15 ? D 36 ? 19 1 
1 A DA 10 1_555 D DT 6 1_555 0.525  0.316  0.529  -6.310  -1.107  -7.113  8  B_DA16:DT6_A  B 16 ? A 6  ? 20 1 
1 A DG 11 1_555 D DC 5 1_555 0.869  0.133  0.659  5.686   -0.426  6.960   9  B_DG17:DC5_A  B 17 ? A 5  ? 19 1 
1 A DA 12 1_555 D DT 4 1_555 1.033  -0.070 0.670  9.574   -7.675  -5.707  10 B_DA18:DT4_A  B 18 ? A 4  ? 20 1 
1 A DC 13 1_555 D DG 3 1_555 -0.574 -0.082 0.104  1.975   -7.661  -5.958  11 B_DC19:DG3_A  B 19 ? A 3  ? 19 1 
1 A DG 14 1_555 D DC 2 1_555 -0.109 -0.356 0.273  4.227   -12.524 -11.975 12 B_DG20:DC2_A  B 20 ? A 2  ? 19 1 
1 A DC 15 1_555 D DG 1 1_555 -0.756 -0.087 0.479  -1.637  -14.141 -8.343  13 B_DC21:DG1_A  B 21 ? A 1  ? 19 1 
1 A DC 16 1_555 B DG 8 1_555 -0.892 -0.146 0.926  2.333   -7.735  -3.330  14 B_DC22:DG35_C B 22 ? C 35 ? 19 1 
1 A DG 17 1_555 B DC 7 1_555 1.286  0.025  1.194  9.136   -12.704 -8.316  15 B_DG23:DC34_C B 23 ? C 34 ? 19 1 
1 A DA 18 1_555 B DT 6 1_555 1.349  -0.145 0.665  4.921   -7.641  -2.251  16 B_DA24:DT33_C B 24 ? C 33 ? 20 1 
1 A DC 19 1_555 B DG 5 1_555 -0.248 -0.227 0.200  3.983   -5.527  -2.792  17 B_DC25:DG32_C B 25 ? C 32 ? 19 1 
1 A DT 20 1_555 B DA 4 1_555 -1.436 0.142  0.554  1.043   -9.165  -13.985 18 B_DT26:DA31_C B 26 ? C 31 ? 20 1 
1 A DC 21 1_555 B DG 3 1_555 -0.566 -0.184 0.848  -5.099  -15.166 -3.520  19 B_DC27:DG30_C B 27 ? C 30 ? 19 1 
# 
loop_
_ndb_struct_na_base_pair_step.model_number 
_ndb_struct_na_base_pair_step.i_label_asym_id_1 
_ndb_struct_na_base_pair_step.i_label_comp_id_1 
_ndb_struct_na_base_pair_step.i_label_seq_id_1 
_ndb_struct_na_base_pair_step.i_symmetry_1 
_ndb_struct_na_base_pair_step.j_label_asym_id_1 
_ndb_struct_na_base_pair_step.j_label_comp_id_1 
_ndb_struct_na_base_pair_step.j_label_seq_id_1 
_ndb_struct_na_base_pair_step.j_symmetry_1 
_ndb_struct_na_base_pair_step.i_label_asym_id_2 
_ndb_struct_na_base_pair_step.i_label_comp_id_2 
_ndb_struct_na_base_pair_step.i_label_seq_id_2 
_ndb_struct_na_base_pair_step.i_symmetry_2 
_ndb_struct_na_base_pair_step.j_label_asym_id_2 
_ndb_struct_na_base_pair_step.j_label_comp_id_2 
_ndb_struct_na_base_pair_step.j_label_seq_id_2 
_ndb_struct_na_base_pair_step.j_symmetry_2 
_ndb_struct_na_base_pair_step.shift 
_ndb_struct_na_base_pair_step.slide 
_ndb_struct_na_base_pair_step.rise 
_ndb_struct_na_base_pair_step.tilt 
_ndb_struct_na_base_pair_step.roll 
_ndb_struct_na_base_pair_step.twist 
_ndb_struct_na_base_pair_step.x_displacement 
_ndb_struct_na_base_pair_step.y_displacement 
_ndb_struct_na_base_pair_step.helical_rise 
_ndb_struct_na_base_pair_step.inclination 
_ndb_struct_na_base_pair_step.tip 
_ndb_struct_na_base_pair_step.helical_twist 
_ndb_struct_na_base_pair_step.step_number 
_ndb_struct_na_base_pair_step.step_name 
_ndb_struct_na_base_pair_step.i_auth_asym_id_1 
_ndb_struct_na_base_pair_step.i_auth_seq_id_1 
_ndb_struct_na_base_pair_step.i_PDB_ins_code_1 
_ndb_struct_na_base_pair_step.j_auth_asym_id_1 
_ndb_struct_na_base_pair_step.j_auth_seq_id_1 
_ndb_struct_na_base_pair_step.j_PDB_ins_code_1 
_ndb_struct_na_base_pair_step.i_auth_asym_id_2 
_ndb_struct_na_base_pair_step.i_auth_seq_id_2 
_ndb_struct_na_base_pair_step.i_PDB_ins_code_2 
_ndb_struct_na_base_pair_step.j_auth_asym_id_2 
_ndb_struct_na_base_pair_step.j_auth_seq_id_2 
_ndb_struct_na_base_pair_step.j_PDB_ins_code_2 
1 A DA 2  1_555 C DT 7 1_555 A DC 4  1_555 C DG 6 1_555 -0.908 -0.981 4.606 1.081  2.681  38.341 -1.955 1.566  4.503 4.074  -1.642 
38.445 1  BB_DA8DC10:DG41DT42_DD  B 8  ? D 42 ? B 10 ? D 41 ? 
1 A DC 4  1_555 C DG 6 1_555 A DG 5  1_555 C DC 5 1_555 -0.828 0.423  4.071 3.124  -0.208 51.277 0.506  1.219  4.016 -0.240 -3.606 
51.366 2  BB_DC10DG11:DC40DG41_DD B 10 ? D 41 ? B 11 ? D 40 ? 
1 A DG 5  1_555 C DC 5 1_555 A DA 6  1_555 C DT 4 1_555 -0.206 -0.021 3.205 -1.981 6.524  28.214 -1.454 -0.018 3.128 13.141 3.991  
29.009 3  BB_DG11DA12:DT39DC40_DD B 11 ? D 40 ? B 12 ? D 39 ? 
1 A DA 6  1_555 C DT 4 1_555 A DC 7  1_555 C DG 3 1_555 0.439  -0.875 3.130 -2.639 1.518  26.667 -2.254 -1.588 3.020 3.278  5.697  
26.837 4  BB_DA12DC13:DG38DT39_DD B 12 ? D 39 ? B 13 ? D 38 ? 
1 A DC 7  1_555 C DG 3 1_555 A DA 8  1_555 C DT 2 1_555 -0.549 -0.736 3.383 -2.903 -4.929 42.417 -0.490 0.447  3.471 -6.775 3.990  
42.784 5  BB_DC13DA14:DT37DG38_DD B 13 ? D 38 ? B 14 ? D 37 ? 
1 A DA 8  1_555 C DT 2 1_555 A DG 9  1_555 C DC 1 1_555 0.931  -0.641 3.435 -2.654 -0.377 40.868 -0.874 -1.633 3.376 -0.539 3.796  
40.952 6  BB_DA14DG15:DC36DT37_DD B 14 ? D 37 ? B 15 ? D 36 ? 
1 A DG 9  1_555 C DC 1 1_555 A DA 10 1_555 D DT 6 1_555 -2.008 -0.799 2.912 -5.985 3.839  30.488 -2.160 2.666  3.119 7.177  11.190 
31.287 7  BB_DG15DA16:DT6DC36_AD  B 15 ? D 36 ? B 16 ? A 6  ? 
1 A DA 10 1_555 D DT 6 1_555 A DG 11 1_555 D DC 5 1_555 0.343  -0.533 3.080 -2.317 5.079  35.986 -1.508 -0.847 2.953 8.161  3.723  
36.402 8  BB_DA16DG17:DC5DT6_AA   B 16 ? A 6  ? B 17 ? A 5  ? 
1 A DG 11 1_555 D DC 5 1_555 A DA 12 1_555 D DT 4 1_555 -1.065 -0.349 3.151 -1.122 2.219  35.603 -0.880 1.581  3.155 3.624  1.833  
35.687 9  BB_DG17DA18:DT4DC5_AA   B 17 ? A 5  ? B 18 ? A 4  ? 
1 A DA 12 1_555 D DT 4 1_555 A DC 13 1_555 D DG 3 1_555 0.297  -1.571 3.438 1.730  -1.982 25.514 -2.939 -0.145 3.560 -4.473 -3.904 
25.647 10 BB_DA18DC19:DG3DT4_AA   B 18 ? A 4  ? B 19 ? A 3  ? 
1 A DC 13 1_555 D DG 3 1_555 A DG 14 1_555 D DC 2 1_555 -0.352 -0.762 3.353 -2.976 1.591  30.918 -1.733 0.072  3.329 2.973  5.562  
31.097 11 BB_DC19DG20:DC2DG3_AA   B 19 ? A 3  ? B 20 ? A 2  ? 
1 A DG 14 1_555 D DC 2 1_555 A DC 15 1_555 D DG 1 1_555 0.856  -1.460 3.323 -1.657 -0.073 32.921 -2.560 -1.794 3.281 -0.129 2.921  
32.962 12 BB_DG20DC21:DG1DC2_AA   B 20 ? A 2  ? B 21 ? A 1  ? 
1 A DC 15 1_555 D DG 1 1_555 A DC 16 1_555 B DG 8 1_555 -0.753 -1.932 2.985 -7.503 2.182  27.928 -4.305 -0.021 2.927 4.412  15.173 
28.979 13 BB_DC21DC22:DG35DG1_CA  B 21 ? A 1  ? B 22 ? C 35 ? 
1 A DC 16 1_555 B DG 8 1_555 A DG 17 1_555 B DC 7 1_555 -0.841 0.299  3.373 -1.567 3.289  46.102 0.090  0.933  3.411 4.192  1.998  
46.238 14 BB_DC22DG23:DC34DG35_CC B 22 ? C 35 ? B 23 ? C 34 ? 
1 A DG 17 1_555 B DC 7 1_555 A DA 18 1_555 B DT 6 1_555 -0.207 -0.770 3.311 2.223  1.714  35.056 -1.532 0.675  3.252 2.840  -3.683 
35.164 15 BB_DG23DA24:DT33DC34_CC B 23 ? C 34 ? B 24 ? C 33 ? 
1 A DA 18 1_555 B DT 6 1_555 A DC 19 1_555 B DG 5 1_555 0.573  -1.419 3.336 2.572  -0.882 25.231 -2.966 -0.534 3.423 -2.012 -5.867 
25.375 16 BB_DA24DC25:DG32DT33_CC B 24 ? C 33 ? B 25 ? C 32 ? 
1 A DC 19 1_555 B DG 5 1_555 A DT 20 1_555 B DA 4 1_555 -0.355 -1.162 3.446 0.491  1.422  30.234 -2.525 0.783  3.383 2.724  -0.941 
30.271 17 BB_DC25DT26:DA31DG32_CC B 25 ? C 32 ? B 26 ? C 31 ? 
1 A DT 20 1_555 B DA 4 1_555 A DC 21 1_555 B DG 3 1_555 0.848  -0.296 3.783 1.173  2.813  36.392 -0.923 -1.166 3.775 4.494  -1.874 
36.515 18 BB_DT26DC27:DG30DA31_CC B 26 ? C 31 ? B 27 ? C 30 ? 
# 
loop_
_pdbx_audit_support.funding_organization 
_pdbx_audit_support.country 
_pdbx_audit_support.grant_number 
_pdbx_audit_support.ordinal 
'National Science Foundation (NSF, United States)'                                         'United States' 1360635     1 
'National Institutes of Health/National Institute of General Medical Sciences (NIH/NIGMS)' 'United States' R01GM104960 2 
'National Science Foundation (NSF, United States)'                                         'United States' NSF2004250  3 
# 
_pdbx_entity_nonpoly.entity_id   5 
_pdbx_entity_nonpoly.name        'CACODYLATE ION' 
_pdbx_entity_nonpoly.comp_id     CAC 
# 
_pdbx_initial_refinement_model.id               1 
_pdbx_initial_refinement_model.entity_id_list   ? 
_pdbx_initial_refinement_model.type             'experimental model' 
_pdbx_initial_refinement_model.source_name      PDB 
_pdbx_initial_refinement_model.accession_code   5VY6 
_pdbx_initial_refinement_model.details          ? 
# 
_pdbx_struct_assembly_auth_evidence.id                     1 
_pdbx_struct_assembly_auth_evidence.assembly_id            1 
_pdbx_struct_assembly_auth_evidence.experimental_support   none 
_pdbx_struct_assembly_auth_evidence.details                ? 
# 
